data_1V86
#
_entry.id   1V86
#
_entity_poly.entity_id   1
_entity_poly.type   'polypeptide(L)'
_entity_poly.pdbx_seq_one_letter_code
;GSSGSSGDAGGGVGKELVDLKIIWNKTKHDVKVPLDSTGSELKQKIHSITGLPPAMQKVMYKGLVPEDKTLREIKVTSGA
KIMVVGSTISGPSSG
;
_entity_poly.pdbx_strand_id   A
#
# COMPACT_ATOMS: atom_id res chain seq x y z
N GLY A 1 19.25 -32.80 -27.51
CA GLY A 1 18.94 -32.55 -26.12
C GLY A 1 17.59 -31.83 -25.99
N SER A 2 17.67 -30.52 -25.78
CA SER A 2 16.48 -29.71 -25.64
C SER A 2 15.70 -30.15 -24.39
N SER A 3 15.18 -29.16 -23.68
CA SER A 3 14.42 -29.43 -22.47
C SER A 3 13.66 -28.17 -22.05
N GLY A 4 12.53 -28.40 -21.39
CA GLY A 4 11.70 -27.29 -20.92
C GLY A 4 10.28 -27.76 -20.61
N SER A 5 9.61 -27.00 -19.78
CA SER A 5 8.25 -27.33 -19.40
C SER A 5 7.57 -26.12 -18.74
N SER A 6 6.25 -26.16 -18.69
CA SER A 6 5.48 -25.09 -18.10
C SER A 6 4.01 -25.46 -18.03
N GLY A 7 3.31 -24.84 -17.09
CA GLY A 7 1.89 -25.11 -16.92
C GLY A 7 1.18 -23.92 -16.26
N ASP A 8 -0.10 -23.79 -16.57
CA ASP A 8 -0.90 -22.69 -16.03
C ASP A 8 -2.37 -22.93 -16.36
N ALA A 9 -3.09 -23.47 -15.39
CA ALA A 9 -4.50 -23.75 -15.57
C ALA A 9 -5.13 -24.06 -14.21
N GLY A 10 -6.34 -23.55 -14.02
CA GLY A 10 -7.05 -23.76 -12.78
C GLY A 10 -8.55 -23.53 -12.96
N GLY A 11 -9.04 -22.49 -12.28
CA GLY A 11 -10.45 -22.14 -12.36
C GLY A 11 -10.86 -21.25 -11.19
N GLY A 12 -12.03 -20.65 -11.33
CA GLY A 12 -12.54 -19.76 -10.30
C GLY A 12 -11.76 -18.44 -10.27
N VAL A 13 -11.35 -18.07 -9.06
CA VAL A 13 -10.60 -16.84 -8.88
C VAL A 13 -11.48 -15.65 -9.28
N GLY A 14 -11.94 -14.93 -8.26
CA GLY A 14 -12.79 -13.77 -8.50
C GLY A 14 -11.94 -12.53 -8.77
N LYS A 15 -11.65 -11.80 -7.71
CA LYS A 15 -10.85 -10.58 -7.83
C LYS A 15 -9.74 -10.61 -6.78
N GLU A 16 -8.51 -10.63 -7.29
CA GLU A 16 -7.35 -10.66 -6.41
C GLU A 16 -7.04 -9.26 -5.88
N LEU A 17 -6.00 -9.18 -5.07
CA LEU A 17 -5.60 -7.90 -4.50
C LEU A 17 -5.73 -6.80 -5.56
N VAL A 18 -5.97 -5.58 -5.10
CA VAL A 18 -6.11 -4.46 -6.00
C VAL A 18 -4.76 -3.76 -6.16
N ASP A 19 -4.50 -3.32 -7.37
CA ASP A 19 -3.24 -2.64 -7.68
C ASP A 19 -3.34 -1.18 -7.24
N LEU A 20 -2.34 -0.77 -6.47
CA LEU A 20 -2.30 0.59 -5.98
C LEU A 20 -0.90 1.18 -6.24
N LYS A 21 -0.88 2.50 -6.45
CA LYS A 21 0.37 3.19 -6.71
C LYS A 21 0.81 3.93 -5.44
N ILE A 22 1.97 3.53 -4.95
CA ILE A 22 2.51 4.14 -3.74
C ILE A 22 3.25 5.43 -4.13
N ILE A 23 2.48 6.52 -4.15
CA ILE A 23 3.04 7.82 -4.49
C ILE A 23 3.70 8.43 -3.25
N TRP A 24 4.97 8.79 -3.42
CA TRP A 24 5.72 9.39 -2.33
C TRP A 24 6.94 10.09 -2.92
N ASN A 25 6.95 11.41 -2.80
CA ASN A 25 8.04 12.20 -3.31
C ASN A 25 7.98 12.21 -4.84
N LYS A 26 8.26 11.05 -5.42
CA LYS A 26 8.25 10.91 -6.86
C LYS A 26 8.52 9.45 -7.24
N THR A 27 7.97 8.56 -6.43
CA THR A 27 8.15 7.13 -6.66
C THR A 27 6.81 6.46 -6.95
N LYS A 28 6.89 5.34 -7.65
CA LYS A 28 5.69 4.60 -8.00
C LYS A 28 5.93 3.10 -7.77
N HIS A 29 5.40 2.61 -6.66
CA HIS A 29 5.55 1.22 -6.32
C HIS A 29 4.21 0.48 -6.48
N ASP A 30 4.21 -0.49 -7.38
CA ASP A 30 3.02 -1.26 -7.64
C ASP A 30 2.86 -2.36 -6.58
N VAL A 31 1.90 -2.17 -5.71
CA VAL A 31 1.64 -3.13 -4.65
C VAL A 31 0.22 -3.67 -4.78
N LYS A 32 0.08 -4.96 -4.53
CA LYS A 32 -1.22 -5.61 -4.63
C LYS A 32 -1.74 -5.89 -3.21
N VAL A 33 -2.79 -5.17 -2.86
CA VAL A 33 -3.39 -5.34 -1.54
C VAL A 33 -4.89 -5.60 -1.71
N PRO A 34 -5.46 -6.31 -0.70
CA PRO A 34 -6.88 -6.64 -0.72
C PRO A 34 -7.72 -5.41 -0.36
N LEU A 35 -8.91 -5.35 -0.96
CA LEU A 35 -9.81 -4.24 -0.73
C LEU A 35 -10.38 -4.35 0.69
N ASP A 36 -10.19 -5.52 1.28
CA ASP A 36 -10.69 -5.77 2.63
C ASP A 36 -9.79 -5.04 3.64
N SER A 37 -8.74 -4.43 3.11
CA SER A 37 -7.81 -3.69 3.95
C SER A 37 -8.48 -2.44 4.50
N THR A 38 -8.43 -2.31 5.83
CA THR A 38 -9.03 -1.17 6.49
C THR A 38 -8.21 0.09 6.22
N GLY A 39 -8.92 1.21 6.09
CA GLY A 39 -8.28 2.49 5.83
C GLY A 39 -7.10 2.70 6.78
N SER A 40 -7.15 2.01 7.91
CA SER A 40 -6.09 2.12 8.90
C SER A 40 -4.89 1.25 8.48
N GLU A 41 -5.21 0.12 7.88
CA GLU A 41 -4.18 -0.81 7.43
C GLU A 41 -3.27 -0.12 6.41
N LEU A 42 -3.89 0.67 5.56
CA LEU A 42 -3.15 1.39 4.53
C LEU A 42 -1.82 1.89 5.12
N LYS A 43 -1.95 2.56 6.26
CA LYS A 43 -0.78 3.10 6.92
C LYS A 43 0.32 2.03 7.00
N GLN A 44 -0.04 0.92 7.63
CA GLN A 44 0.89 -0.19 7.79
C GLN A 44 1.17 -0.82 6.43
N LYS A 45 0.27 -0.57 5.48
CA LYS A 45 0.42 -1.11 4.15
C LYS A 45 1.43 -0.28 3.38
N ILE A 46 1.49 1.00 3.71
CA ILE A 46 2.42 1.91 3.06
C ILE A 46 3.75 1.88 3.79
N HIS A 47 3.66 1.94 5.11
CA HIS A 47 4.87 1.92 5.94
C HIS A 47 5.68 0.66 5.65
N SER A 48 4.97 -0.40 5.30
CA SER A 48 5.60 -1.67 4.99
C SER A 48 6.47 -1.52 3.74
N ILE A 49 6.22 -0.45 3.00
CA ILE A 49 6.96 -0.19 1.78
C ILE A 49 7.80 1.08 1.97
N THR A 50 7.11 2.18 2.24
CA THR A 50 7.78 3.45 2.44
C THR A 50 8.87 3.32 3.50
N GLY A 51 8.61 2.47 4.48
CA GLY A 51 9.56 2.24 5.56
C GLY A 51 9.53 3.40 6.56
N LEU A 52 8.70 4.38 6.26
CA LEU A 52 8.58 5.54 7.13
C LEU A 52 7.46 5.30 8.14
N PRO A 53 7.42 6.19 9.17
CA PRO A 53 6.40 6.09 10.21
C PRO A 53 5.05 6.56 9.69
N PRO A 54 3.97 5.94 10.26
CA PRO A 54 2.61 6.30 9.87
C PRO A 54 2.20 7.64 10.48
N ALA A 55 2.71 7.89 11.68
CA ALA A 55 2.40 9.13 12.38
C ALA A 55 2.81 10.31 11.50
N MET A 56 3.84 10.10 10.69
CA MET A 56 4.33 11.13 9.81
C MET A 56 3.95 10.84 8.35
N GLN A 57 2.81 10.18 8.20
CA GLN A 57 2.31 9.84 6.89
C GLN A 57 1.04 10.64 6.56
N LYS A 58 0.78 10.77 5.27
CA LYS A 58 -0.38 11.51 4.82
C LYS A 58 -1.17 10.66 3.82
N VAL A 59 -2.12 9.91 4.36
CA VAL A 59 -2.96 9.05 3.53
C VAL A 59 -4.16 9.83 3.03
N MET A 60 -4.10 10.22 1.76
CA MET A 60 -5.17 10.97 1.15
C MET A 60 -5.27 10.68 -0.35
N TYR A 61 -6.44 10.19 -0.75
CA TYR A 61 -6.68 9.87 -2.15
C TYR A 61 -7.94 10.56 -2.67
N LYS A 62 -7.72 11.65 -3.38
CA LYS A 62 -8.83 12.40 -3.94
C LYS A 62 -9.89 12.64 -2.85
N GLY A 63 -9.41 12.61 -1.61
CA GLY A 63 -10.30 12.82 -0.48
C GLY A 63 -9.76 12.13 0.77
N LEU A 64 -10.21 12.61 1.92
CA LEU A 64 -9.79 12.04 3.19
C LEU A 64 -10.15 10.55 3.22
N VAL A 65 -9.26 9.78 3.82
CA VAL A 65 -9.47 8.34 3.93
C VAL A 65 -9.81 7.99 5.37
N PRO A 66 -11.07 7.51 5.57
CA PRO A 66 -11.53 7.12 6.89
C PRO A 66 -10.92 5.80 7.33
N GLU A 67 -10.58 5.72 8.61
CA GLU A 67 -9.99 4.52 9.15
C GLU A 67 -11.09 3.56 9.66
N ASP A 68 -12.29 4.11 9.78
CA ASP A 68 -13.42 3.33 10.25
C ASP A 68 -14.02 2.55 9.08
N LYS A 69 -13.57 2.92 7.88
CA LYS A 69 -14.05 2.26 6.67
C LYS A 69 -12.85 1.78 5.86
N THR A 70 -13.03 0.63 5.23
CA THR A 70 -11.98 0.04 4.41
C THR A 70 -11.97 0.68 3.03
N LEU A 71 -10.90 0.39 2.29
CA LEU A 71 -10.76 0.93 0.94
C LEU A 71 -12.05 0.70 0.16
N ARG A 72 -12.45 -0.56 0.10
CA ARG A 72 -13.67 -0.92 -0.61
C ARG A 72 -14.83 -0.06 -0.13
N GLU A 73 -14.68 0.50 1.05
CA GLU A 73 -15.71 1.35 1.63
C GLU A 73 -15.40 2.83 1.34
N ILE A 74 -14.12 3.16 1.44
CA ILE A 74 -13.69 4.53 1.20
C ILE A 74 -13.82 4.85 -0.29
N LYS A 75 -14.11 3.80 -1.06
CA LYS A 75 -14.26 3.95 -2.49
C LYS A 75 -12.88 3.87 -3.16
N VAL A 76 -12.41 2.65 -3.34
CA VAL A 76 -11.11 2.42 -3.96
C VAL A 76 -11.27 1.46 -5.13
N THR A 77 -10.38 1.60 -6.10
CA THR A 77 -10.41 0.75 -7.28
C THR A 77 -8.99 0.43 -7.75
N SER A 78 -8.91 -0.43 -8.76
CA SER A 78 -7.63 -0.82 -9.30
C SER A 78 -6.97 0.36 -10.01
N GLY A 79 -5.97 0.93 -9.36
CA GLY A 79 -5.25 2.06 -9.92
C GLY A 79 -5.48 3.32 -9.06
N ALA A 80 -5.88 3.09 -7.82
CA ALA A 80 -6.13 4.19 -6.90
C ALA A 80 -4.79 4.80 -6.47
N LYS A 81 -4.65 6.10 -6.73
CA LYS A 81 -3.44 6.80 -6.37
C LYS A 81 -3.38 6.97 -4.85
N ILE A 82 -2.17 6.90 -4.33
CA ILE A 82 -1.96 7.05 -2.90
C ILE A 82 -0.75 7.95 -2.65
N MET A 83 -1.03 9.14 -2.16
CA MET A 83 0.02 10.11 -1.87
C MET A 83 0.53 9.95 -0.44
N VAL A 84 1.84 10.05 -0.29
CA VAL A 84 2.47 9.94 1.01
C VAL A 84 3.44 11.10 1.22
N VAL A 85 3.68 11.41 2.49
CA VAL A 85 4.59 12.48 2.83
C VAL A 85 5.80 11.91 3.57
N GLY A 86 6.80 12.76 3.75
CA GLY A 86 8.02 12.36 4.43
C GLY A 86 9.26 12.69 3.59
N SER A 87 10.41 12.29 4.12
CA SER A 87 11.66 12.53 3.43
C SER A 87 12.77 11.67 4.03
N THR A 88 13.06 11.93 5.30
CA THR A 88 14.08 11.18 6.00
C THR A 88 13.45 10.10 6.88
N ILE A 89 13.82 8.86 6.60
CA ILE A 89 13.30 7.74 7.36
C ILE A 89 13.51 7.98 8.85
N SER A 90 12.77 7.24 9.66
CA SER A 90 12.87 7.37 11.10
C SER A 90 12.18 6.18 11.78
N GLY A 91 12.89 5.60 12.74
CA GLY A 91 12.36 4.46 13.47
C GLY A 91 12.05 4.84 14.92
N PRO A 92 11.30 3.94 15.60
CA PRO A 92 10.92 4.17 16.99
C PRO A 92 12.11 3.92 17.92
N SER A 93 11.87 4.15 19.20
CA SER A 93 12.90 3.95 20.21
C SER A 93 12.66 2.65 20.97
N SER A 94 11.49 2.57 21.58
CA SER A 94 11.12 1.38 22.34
C SER A 94 10.39 0.39 21.44
N GLY A 95 9.29 0.85 20.86
CA GLY A 95 8.50 0.02 19.98
C GLY A 95 7.05 -0.08 20.47
N GLY A 1 2.77 -46.77 -21.30
CA GLY A 1 2.88 -45.39 -20.85
C GLY A 1 1.63 -44.97 -20.07
N SER A 2 1.87 -44.42 -18.89
CA SER A 2 0.77 -43.97 -18.04
C SER A 2 1.26 -42.87 -17.10
N SER A 3 0.30 -42.16 -16.54
CA SER A 3 0.61 -41.08 -15.61
C SER A 3 -0.65 -40.63 -14.87
N GLY A 4 -0.44 -39.82 -13.86
CA GLY A 4 -1.55 -39.31 -13.06
C GLY A 4 -1.50 -37.79 -12.96
N SER A 5 -2.60 -37.22 -12.48
CA SER A 5 -2.69 -35.78 -12.32
C SER A 5 -4.03 -35.41 -11.68
N SER A 6 -3.96 -35.13 -10.39
CA SER A 6 -5.16 -34.76 -9.64
C SER A 6 -4.89 -33.50 -8.80
N GLY A 7 -5.97 -32.83 -8.45
CA GLY A 7 -5.86 -31.62 -7.64
C GLY A 7 -6.09 -31.92 -6.16
N ASP A 8 -6.26 -30.85 -5.40
CA ASP A 8 -6.48 -30.98 -3.97
C ASP A 8 -7.42 -29.86 -3.50
N ALA A 9 -8.43 -30.26 -2.75
CA ALA A 9 -9.41 -29.31 -2.23
C ALA A 9 -8.77 -28.52 -1.08
N GLY A 10 -8.75 -27.20 -1.25
CA GLY A 10 -8.19 -26.34 -0.24
C GLY A 10 -8.96 -25.02 -0.15
N GLY A 11 -8.39 -24.08 0.60
CA GLY A 11 -9.01 -22.78 0.77
C GLY A 11 -9.42 -22.19 -0.58
N GLY A 12 -10.04 -21.02 -0.52
CA GLY A 12 -10.49 -20.34 -1.72
C GLY A 12 -10.04 -18.88 -1.73
N VAL A 13 -10.65 -18.10 -2.60
CA VAL A 13 -10.33 -16.69 -2.72
C VAL A 13 -11.37 -16.00 -3.60
N GLY A 14 -12.02 -15.00 -3.03
CA GLY A 14 -13.03 -14.25 -3.75
C GLY A 14 -12.44 -13.58 -4.99
N LYS A 15 -11.62 -12.57 -4.73
CA LYS A 15 -10.98 -11.83 -5.81
C LYS A 15 -9.47 -11.82 -5.59
N GLU A 16 -8.83 -10.78 -6.10
CA GLU A 16 -7.39 -10.65 -5.98
C GLU A 16 -7.03 -9.22 -5.56
N LEU A 17 -5.87 -9.11 -4.91
CA LEU A 17 -5.41 -7.81 -4.45
C LEU A 17 -5.69 -6.76 -5.52
N VAL A 18 -5.96 -5.54 -5.06
CA VAL A 18 -6.26 -4.44 -5.96
C VAL A 18 -4.96 -3.71 -6.30
N ASP A 19 -4.93 -3.13 -7.49
CA ASP A 19 -3.77 -2.40 -7.95
C ASP A 19 -3.84 -0.96 -7.42
N LEU A 20 -2.73 -0.52 -6.85
CA LEU A 20 -2.65 0.82 -6.29
C LEU A 20 -1.24 1.38 -6.50
N LYS A 21 -1.17 2.69 -6.66
CA LYS A 21 0.11 3.35 -6.85
C LYS A 21 0.56 3.99 -5.54
N ILE A 22 1.80 3.69 -5.18
CA ILE A 22 2.36 4.23 -3.95
C ILE A 22 3.10 5.53 -4.26
N ILE A 23 2.33 6.61 -4.26
CA ILE A 23 2.89 7.92 -4.54
C ILE A 23 3.60 8.45 -3.28
N TRP A 24 4.81 8.95 -3.49
CA TRP A 24 5.59 9.49 -2.38
C TRP A 24 6.80 10.20 -2.97
N ASN A 25 6.85 11.50 -2.76
CA ASN A 25 7.95 12.31 -3.25
C ASN A 25 7.88 12.37 -4.78
N LYS A 26 8.21 11.25 -5.41
CA LYS A 26 8.18 11.16 -6.85
C LYS A 26 8.52 9.73 -7.28
N THR A 27 8.03 8.78 -6.50
CA THR A 27 8.27 7.38 -6.77
C THR A 27 6.95 6.64 -6.97
N LYS A 28 7.03 5.48 -7.61
CA LYS A 28 5.85 4.67 -7.86
C LYS A 28 6.17 3.21 -7.55
N HIS A 29 5.68 2.76 -6.40
CA HIS A 29 5.91 1.39 -5.97
C HIS A 29 4.62 0.59 -6.15
N ASP A 30 4.61 -0.26 -7.17
CA ASP A 30 3.45 -1.09 -7.45
C ASP A 30 3.31 -2.14 -6.35
N VAL A 31 2.17 -2.10 -5.67
CA VAL A 31 1.89 -3.04 -4.61
C VAL A 31 0.46 -3.56 -4.73
N LYS A 32 0.30 -4.85 -4.48
CA LYS A 32 -1.01 -5.47 -4.56
C LYS A 32 -1.54 -5.70 -3.15
N VAL A 33 -2.64 -5.01 -2.84
CA VAL A 33 -3.25 -5.13 -1.53
C VAL A 33 -4.74 -5.42 -1.71
N PRO A 34 -5.31 -6.13 -0.69
CA PRO A 34 -6.72 -6.47 -0.72
C PRO A 34 -7.59 -5.26 -0.41
N LEU A 35 -8.82 -5.29 -0.91
CA LEU A 35 -9.75 -4.20 -0.68
C LEU A 35 -10.37 -4.35 0.70
N ASP A 36 -9.99 -5.43 1.38
CA ASP A 36 -10.50 -5.69 2.71
C ASP A 36 -9.72 -4.86 3.72
N SER A 37 -8.51 -4.49 3.34
CA SER A 37 -7.65 -3.70 4.20
C SER A 37 -8.41 -2.46 4.69
N THR A 38 -8.41 -2.28 6.01
CA THR A 38 -9.09 -1.15 6.61
C THR A 38 -8.34 0.15 6.30
N GLY A 39 -9.11 1.21 6.09
CA GLY A 39 -8.54 2.50 5.78
C GLY A 39 -7.28 2.76 6.61
N SER A 40 -7.27 2.17 7.80
CA SER A 40 -6.14 2.32 8.70
C SER A 40 -4.99 1.41 8.25
N GLU A 41 -5.33 0.16 8.00
CA GLU A 41 -4.34 -0.81 7.58
C GLU A 41 -3.39 -0.18 6.55
N LEU A 42 -3.96 0.67 5.72
CA LEU A 42 -3.18 1.34 4.69
C LEU A 42 -1.82 1.74 5.27
N LYS A 43 -1.87 2.34 6.45
CA LYS A 43 -0.66 2.78 7.13
C LYS A 43 0.37 1.66 7.10
N GLN A 44 0.07 0.58 7.81
CA GLN A 44 0.96 -0.56 7.86
C GLN A 44 1.21 -1.11 6.46
N LYS A 45 0.33 -0.75 5.54
CA LYS A 45 0.44 -1.19 4.17
C LYS A 45 1.50 -0.33 3.45
N ILE A 46 1.61 0.90 3.90
CA ILE A 46 2.57 1.83 3.32
C ILE A 46 3.91 1.70 4.06
N HIS A 47 3.81 1.71 5.38
CA HIS A 47 5.00 1.60 6.21
C HIS A 47 5.79 0.34 5.82
N SER A 48 5.06 -0.60 5.23
CA SER A 48 5.67 -1.85 4.81
C SER A 48 6.47 -1.64 3.52
N ILE A 49 6.19 -0.52 2.87
CA ILE A 49 6.87 -0.19 1.63
C ILE A 49 7.73 1.06 1.84
N THR A 50 7.06 2.14 2.20
CA THR A 50 7.75 3.40 2.43
C THR A 50 8.80 3.24 3.53
N GLY A 51 8.51 2.34 4.45
CA GLY A 51 9.43 2.08 5.55
C GLY A 51 9.46 3.26 6.52
N LEU A 52 8.60 4.23 6.26
CA LEU A 52 8.52 5.41 7.10
C LEU A 52 7.44 5.21 8.17
N PRO A 53 7.45 6.12 9.18
CA PRO A 53 6.47 6.04 10.25
C PRO A 53 5.10 6.52 9.78
N PRO A 54 4.05 5.91 10.39
CA PRO A 54 2.68 6.26 10.04
C PRO A 54 2.29 7.61 10.64
N ALA A 55 2.88 7.89 11.80
CA ALA A 55 2.61 9.15 12.49
C ALA A 55 2.93 10.32 11.58
N MET A 56 3.93 10.10 10.72
CA MET A 56 4.36 11.14 9.79
C MET A 56 3.93 10.79 8.36
N GLN A 57 2.77 10.16 8.27
CA GLN A 57 2.23 9.77 6.97
C GLN A 57 0.99 10.60 6.64
N LYS A 58 0.72 10.71 5.35
CA LYS A 58 -0.42 11.48 4.88
C LYS A 58 -1.26 10.61 3.95
N VAL A 59 -2.23 9.92 4.54
CA VAL A 59 -3.11 9.05 3.77
C VAL A 59 -4.26 9.88 3.20
N MET A 60 -4.11 10.25 1.94
CA MET A 60 -5.14 11.04 1.26
C MET A 60 -5.15 10.74 -0.24
N TYR A 61 -6.31 10.28 -0.70
CA TYR A 61 -6.48 9.94 -2.11
C TYR A 61 -7.70 10.66 -2.70
N LYS A 62 -7.42 11.74 -3.42
CA LYS A 62 -8.48 12.51 -4.04
C LYS A 62 -9.59 12.76 -3.02
N GLY A 63 -9.21 12.73 -1.75
CA GLY A 63 -10.16 12.94 -0.67
C GLY A 63 -9.70 12.25 0.61
N LEU A 64 -10.15 12.79 1.73
CA LEU A 64 -9.79 12.22 3.02
C LEU A 64 -10.18 10.75 3.06
N VAL A 65 -9.31 9.95 3.67
CA VAL A 65 -9.53 8.52 3.77
C VAL A 65 -9.89 8.17 5.23
N PRO A 66 -11.15 7.71 5.42
CA PRO A 66 -11.63 7.34 6.74
C PRO A 66 -11.04 6.00 7.17
N GLU A 67 -10.21 6.05 8.21
CA GLU A 67 -9.58 4.85 8.72
C GLU A 67 -10.61 3.96 9.40
N ASP A 68 -11.83 4.49 9.52
CA ASP A 68 -12.91 3.75 10.15
C ASP A 68 -13.60 2.87 9.10
N LYS A 69 -13.24 3.12 7.84
CA LYS A 69 -13.81 2.37 6.74
C LYS A 69 -12.69 1.74 5.92
N THR A 70 -13.04 0.68 5.20
CA THR A 70 -12.07 -0.02 4.38
C THR A 70 -11.98 0.64 2.99
N LEU A 71 -10.93 0.27 2.28
CA LEU A 71 -10.72 0.81 0.94
C LEU A 71 -12.00 0.65 0.12
N ARG A 72 -12.46 -0.58 0.04
CA ARG A 72 -13.66 -0.89 -0.70
C ARG A 72 -14.83 -0.04 -0.20
N GLU A 73 -14.67 0.48 1.01
CA GLU A 73 -15.69 1.31 1.61
C GLU A 73 -15.42 2.79 1.32
N ILE A 74 -14.15 3.15 1.39
CA ILE A 74 -13.75 4.52 1.14
C ILE A 74 -13.84 4.80 -0.36
N LYS A 75 -14.14 3.75 -1.11
CA LYS A 75 -14.26 3.89 -2.55
C LYS A 75 -12.88 3.74 -3.19
N VAL A 76 -12.47 2.50 -3.38
CA VAL A 76 -11.17 2.21 -3.96
C VAL A 76 -11.36 1.28 -5.16
N THR A 77 -10.47 1.43 -6.14
CA THR A 77 -10.53 0.61 -7.33
C THR A 77 -9.12 0.15 -7.73
N SER A 78 -9.07 -0.64 -8.80
CA SER A 78 -7.80 -1.15 -9.29
C SER A 78 -7.11 -0.09 -10.15
N GLY A 79 -6.10 0.54 -9.57
CA GLY A 79 -5.36 1.57 -10.27
C GLY A 79 -5.52 2.93 -9.59
N ALA A 80 -5.95 2.88 -8.33
CA ALA A 80 -6.16 4.10 -7.57
C ALA A 80 -4.80 4.76 -7.29
N LYS A 81 -4.87 5.88 -6.60
CA LYS A 81 -3.66 6.62 -6.26
C LYS A 81 -3.59 6.80 -4.74
N ILE A 82 -2.37 6.80 -4.23
CA ILE A 82 -2.15 6.96 -2.80
C ILE A 82 -0.96 7.90 -2.58
N MET A 83 -1.24 9.01 -1.93
CA MET A 83 -0.21 9.99 -1.64
C MET A 83 0.37 9.79 -0.24
N VAL A 84 1.68 9.99 -0.14
CA VAL A 84 2.37 9.82 1.13
C VAL A 84 3.29 11.02 1.36
N VAL A 85 3.53 11.31 2.63
CA VAL A 85 4.39 12.42 3.00
C VAL A 85 5.19 12.04 4.25
N GLY A 86 6.06 12.95 4.65
CA GLY A 86 6.89 12.73 5.82
C GLY A 86 8.28 12.23 5.43
N SER A 87 8.99 13.06 4.67
CA SER A 87 10.33 12.71 4.24
C SER A 87 11.27 12.62 5.43
N THR A 88 11.48 11.41 5.91
CA THR A 88 12.37 11.18 7.04
C THR A 88 13.37 10.08 6.71
N ILE A 89 14.64 10.40 6.93
CA ILE A 89 15.70 9.46 6.67
C ILE A 89 16.34 9.04 7.99
N SER A 90 16.32 7.73 8.24
CA SER A 90 16.89 7.19 9.46
C SER A 90 17.31 5.74 9.25
N GLY A 91 16.33 4.92 8.89
CA GLY A 91 16.58 3.50 8.65
C GLY A 91 15.43 2.88 7.86
N PRO A 92 15.62 2.80 6.52
CA PRO A 92 14.61 2.21 5.65
C PRO A 92 14.60 0.69 5.77
N SER A 93 13.50 0.18 6.31
CA SER A 93 13.35 -1.25 6.49
C SER A 93 14.42 -1.78 7.46
N SER A 94 14.11 -1.68 8.74
CA SER A 94 15.02 -2.13 9.77
C SER A 94 14.23 -2.69 10.95
N GLY A 95 14.18 -4.02 11.01
CA GLY A 95 13.47 -4.69 12.09
C GLY A 95 14.31 -5.82 12.68
N GLY A 1 6.95 -40.83 -23.19
CA GLY A 1 7.48 -39.50 -22.97
C GLY A 1 7.18 -39.00 -21.56
N SER A 2 8.08 -38.17 -21.05
CA SER A 2 7.92 -37.61 -19.72
C SER A 2 8.75 -36.33 -19.58
N SER A 3 8.09 -35.30 -19.06
CA SER A 3 8.76 -34.02 -18.88
C SER A 3 8.64 -33.59 -17.42
N GLY A 4 9.78 -33.22 -16.85
CA GLY A 4 9.82 -32.79 -15.47
C GLY A 4 9.81 -31.26 -15.37
N SER A 5 8.88 -30.75 -14.58
CA SER A 5 8.75 -29.31 -14.40
C SER A 5 7.68 -29.00 -13.36
N SER A 6 7.80 -27.83 -12.76
CA SER A 6 6.85 -27.41 -11.74
C SER A 6 7.01 -25.91 -11.47
N GLY A 7 6.05 -25.37 -10.73
CA GLY A 7 6.08 -23.96 -10.38
C GLY A 7 4.78 -23.54 -9.70
N ASP A 8 4.53 -22.24 -9.71
CA ASP A 8 3.34 -21.69 -9.09
C ASP A 8 2.75 -20.62 -10.00
N ALA A 9 1.48 -20.30 -9.75
CA ALA A 9 0.80 -19.29 -10.53
C ALA A 9 0.00 -18.37 -9.59
N GLY A 10 0.73 -17.62 -8.79
CA GLY A 10 0.12 -16.70 -7.85
C GLY A 10 -1.08 -17.37 -7.14
N GLY A 11 -1.99 -16.52 -6.67
CA GLY A 11 -3.17 -17.01 -5.99
C GLY A 11 -4.10 -15.85 -5.63
N GLY A 12 -4.48 -15.81 -4.36
CA GLY A 12 -5.37 -14.77 -3.88
C GLY A 12 -6.59 -15.37 -3.17
N VAL A 13 -7.28 -14.52 -2.42
CA VAL A 13 -8.46 -14.95 -1.69
C VAL A 13 -9.58 -13.94 -1.91
N GLY A 14 -10.45 -14.28 -2.86
CA GLY A 14 -11.57 -13.41 -3.18
C GLY A 14 -11.13 -12.22 -4.02
N LYS A 15 -11.07 -12.46 -5.34
CA LYS A 15 -10.66 -11.42 -6.26
C LYS A 15 -9.19 -11.09 -6.03
N GLU A 16 -8.47 -10.91 -7.13
CA GLU A 16 -7.06 -10.59 -7.06
C GLU A 16 -6.85 -9.20 -6.45
N LEU A 17 -5.84 -9.12 -5.60
CA LEU A 17 -5.54 -7.86 -4.94
C LEU A 17 -5.70 -6.70 -5.92
N VAL A 18 -5.98 -5.54 -5.37
CA VAL A 18 -6.17 -4.35 -6.20
C VAL A 18 -4.82 -3.66 -6.42
N ASP A 19 -4.64 -3.16 -7.63
CA ASP A 19 -3.40 -2.48 -7.97
C ASP A 19 -3.46 -1.03 -7.48
N LEU A 20 -2.48 -0.68 -6.66
CA LEU A 20 -2.40 0.67 -6.10
C LEU A 20 -1.00 1.22 -6.30
N LYS A 21 -0.94 2.51 -6.60
CA LYS A 21 0.34 3.17 -6.82
C LYS A 21 0.75 3.92 -5.54
N ILE A 22 1.90 3.54 -5.01
CA ILE A 22 2.42 4.14 -3.80
C ILE A 22 3.09 5.48 -4.16
N ILE A 23 2.28 6.53 -4.15
CA ILE A 23 2.78 7.86 -4.46
C ILE A 23 3.46 8.45 -3.23
N TRP A 24 4.73 8.80 -3.38
CA TRP A 24 5.48 9.38 -2.29
C TRP A 24 6.63 10.20 -2.89
N ASN A 25 6.48 11.52 -2.82
CA ASN A 25 7.48 12.41 -3.35
C ASN A 25 7.46 12.36 -4.88
N LYS A 26 7.84 11.20 -5.40
CA LYS A 26 7.85 11.00 -6.85
C LYS A 26 8.21 9.55 -7.15
N THR A 27 7.68 8.65 -6.33
CA THR A 27 7.94 7.24 -6.49
C THR A 27 6.65 6.50 -6.88
N LYS A 28 6.83 5.36 -7.53
CA LYS A 28 5.69 4.56 -7.95
C LYS A 28 5.99 3.08 -7.68
N HIS A 29 5.50 2.62 -6.55
CA HIS A 29 5.71 1.22 -6.17
C HIS A 29 4.40 0.45 -6.35
N ASP A 30 4.41 -0.41 -7.36
CA ASP A 30 3.23 -1.22 -7.66
C ASP A 30 3.10 -2.32 -6.60
N VAL A 31 2.06 -2.18 -5.78
CA VAL A 31 1.81 -3.15 -4.73
C VAL A 31 0.40 -3.72 -4.90
N LYS A 32 0.28 -5.02 -4.64
CA LYS A 32 -0.99 -5.69 -4.76
C LYS A 32 -1.57 -5.93 -3.37
N VAL A 33 -2.66 -5.24 -3.08
CA VAL A 33 -3.31 -5.36 -1.79
C VAL A 33 -4.81 -5.59 -2.00
N PRO A 34 -5.43 -6.30 -1.03
CA PRO A 34 -6.85 -6.60 -1.11
C PRO A 34 -7.67 -5.36 -0.75
N LEU A 35 -8.96 -5.42 -1.10
CA LEU A 35 -9.86 -4.31 -0.84
C LEU A 35 -10.51 -4.52 0.53
N ASP A 36 -9.90 -5.38 1.32
CA ASP A 36 -10.40 -5.67 2.65
C ASP A 36 -9.56 -4.93 3.68
N SER A 37 -8.47 -4.34 3.21
CA SER A 37 -7.58 -3.59 4.07
C SER A 37 -8.28 -2.34 4.61
N THR A 38 -8.32 -2.25 5.93
CA THR A 38 -8.97 -1.11 6.57
C THR A 38 -8.13 0.16 6.39
N GLY A 39 -8.83 1.27 6.23
CA GLY A 39 -8.16 2.55 6.04
C GLY A 39 -7.03 2.73 7.07
N SER A 40 -7.18 2.04 8.20
CA SER A 40 -6.19 2.12 9.25
C SER A 40 -4.99 1.22 8.92
N GLU A 41 -5.30 0.08 8.33
CA GLU A 41 -4.27 -0.87 7.94
C GLU A 41 -3.38 -0.28 6.85
N LEU A 42 -3.99 0.56 6.02
CA LEU A 42 -3.27 1.19 4.94
C LEU A 42 -1.88 1.62 5.43
N LYS A 43 -1.87 2.26 6.59
CA LYS A 43 -0.62 2.72 7.17
C LYS A 43 0.42 1.61 7.05
N GLN A 44 0.18 0.53 7.77
CA GLN A 44 1.09 -0.60 7.76
C GLN A 44 1.27 -1.13 6.34
N LYS A 45 0.28 -0.84 5.51
CA LYS A 45 0.32 -1.27 4.12
C LYS A 45 1.30 -0.40 3.34
N ILE A 46 1.43 0.84 3.79
CA ILE A 46 2.33 1.78 3.16
C ILE A 46 3.70 1.71 3.83
N HIS A 47 3.68 1.78 5.15
CA HIS A 47 4.91 1.72 5.93
C HIS A 47 5.72 0.48 5.52
N SER A 48 4.99 -0.60 5.30
CA SER A 48 5.63 -1.86 4.91
C SER A 48 6.46 -1.64 3.65
N ILE A 49 6.17 -0.55 2.95
CA ILE A 49 6.89 -0.23 1.73
C ILE A 49 7.69 1.05 1.94
N THR A 50 6.98 2.12 2.26
CA THR A 50 7.63 3.41 2.50
C THR A 50 8.70 3.27 3.57
N GLY A 51 8.44 2.38 4.52
CA GLY A 51 9.37 2.15 5.61
C GLY A 51 9.42 3.34 6.55
N LEU A 52 8.54 4.29 6.30
CA LEU A 52 8.46 5.49 7.12
C LEU A 52 7.40 5.30 8.19
N PRO A 53 7.42 6.23 9.19
CA PRO A 53 6.47 6.17 10.29
C PRO A 53 5.07 6.63 9.84
N PRO A 54 4.04 6.01 10.46
CA PRO A 54 2.67 6.35 10.12
C PRO A 54 2.27 7.71 10.73
N ALA A 55 2.87 8.01 11.87
CA ALA A 55 2.60 9.26 12.55
C ALA A 55 2.93 10.43 11.62
N MET A 56 3.91 10.20 10.75
CA MET A 56 4.33 11.21 9.81
C MET A 56 3.92 10.84 8.39
N GLN A 57 2.75 10.22 8.29
CA GLN A 57 2.23 9.81 6.99
C GLN A 57 1.02 10.67 6.61
N LYS A 58 0.79 10.76 5.32
CA LYS A 58 -0.33 11.55 4.81
C LYS A 58 -1.17 10.68 3.88
N VAL A 59 -2.17 10.04 4.46
CA VAL A 59 -3.06 9.18 3.69
C VAL A 59 -4.21 10.01 3.13
N MET A 60 -4.08 10.37 1.86
CA MET A 60 -5.09 11.16 1.19
C MET A 60 -5.14 10.84 -0.31
N TYR A 61 -6.32 10.39 -0.75
CA TYR A 61 -6.51 10.05 -2.14
C TYR A 61 -7.72 10.78 -2.72
N LYS A 62 -7.44 11.84 -3.45
CA LYS A 62 -8.50 12.63 -4.06
C LYS A 62 -9.60 12.89 -3.03
N GLY A 63 -9.20 12.87 -1.77
CA GLY A 63 -10.14 13.11 -0.69
C GLY A 63 -9.69 12.38 0.59
N LEU A 64 -10.13 12.92 1.72
CA LEU A 64 -9.79 12.34 3.00
C LEU A 64 -10.16 10.86 3.01
N VAL A 65 -9.30 10.06 3.62
CA VAL A 65 -9.55 8.63 3.71
C VAL A 65 -9.85 8.26 5.16
N PRO A 66 -11.11 7.78 5.38
CA PRO A 66 -11.54 7.39 6.71
C PRO A 66 -10.93 6.04 7.10
N GLU A 67 -10.49 5.98 8.35
CA GLU A 67 -9.88 4.75 8.87
C GLU A 67 -10.96 3.80 9.38
N ASP A 68 -12.12 4.38 9.67
CA ASP A 68 -13.24 3.60 10.18
C ASP A 68 -13.85 2.80 9.03
N LYS A 69 -13.50 3.20 7.82
CA LYS A 69 -14.01 2.52 6.63
C LYS A 69 -12.84 1.99 5.81
N THR A 70 -13.02 0.78 5.30
CA THR A 70 -11.98 0.15 4.49
C THR A 70 -11.91 0.79 3.11
N LEU A 71 -10.86 0.44 2.38
CA LEU A 71 -10.67 0.97 1.04
C LEU A 71 -11.96 0.80 0.23
N ARG A 72 -12.34 -0.46 0.06
CA ARG A 72 -13.54 -0.79 -0.69
C ARG A 72 -14.71 0.08 -0.21
N GLU A 73 -14.62 0.50 1.05
CA GLU A 73 -15.66 1.31 1.64
C GLU A 73 -15.40 2.79 1.33
N ILE A 74 -14.14 3.16 1.38
CA ILE A 74 -13.74 4.54 1.12
C ILE A 74 -13.80 4.79 -0.39
N LYS A 75 -14.12 3.74 -1.12
CA LYS A 75 -14.21 3.83 -2.57
C LYS A 75 -12.81 3.70 -3.17
N VAL A 76 -12.37 2.46 -3.30
CA VAL A 76 -11.06 2.18 -3.86
C VAL A 76 -11.18 1.08 -4.91
N THR A 77 -10.29 1.13 -5.89
CA THR A 77 -10.28 0.15 -6.95
C THR A 77 -8.86 -0.02 -7.52
N SER A 78 -8.79 -0.71 -8.65
CA SER A 78 -7.52 -0.94 -9.30
C SER A 78 -7.09 0.30 -10.09
N GLY A 79 -6.07 0.97 -9.58
CA GLY A 79 -5.56 2.17 -10.23
C GLY A 79 -5.79 3.40 -9.35
N ALA A 80 -5.92 3.15 -8.05
CA ALA A 80 -6.13 4.22 -7.10
C ALA A 80 -4.78 4.71 -6.58
N LYS A 81 -4.52 5.99 -6.84
CA LYS A 81 -3.27 6.59 -6.40
C LYS A 81 -3.30 6.80 -4.89
N ILE A 82 -2.13 6.80 -4.29
CA ILE A 82 -2.01 6.98 -2.85
C ILE A 82 -0.83 7.92 -2.55
N MET A 83 -1.19 9.16 -2.21
CA MET A 83 -0.17 10.16 -1.90
C MET A 83 0.36 9.97 -0.48
N VAL A 84 1.68 9.99 -0.37
CA VAL A 84 2.34 9.83 0.91
C VAL A 84 3.30 10.99 1.15
N VAL A 85 3.49 11.32 2.42
CA VAL A 85 4.37 12.40 2.79
C VAL A 85 5.01 12.10 4.15
N GLY A 86 6.25 12.54 4.30
CA GLY A 86 6.98 12.33 5.54
C GLY A 86 8.47 12.61 5.35
N SER A 87 9.26 12.14 6.32
CA SER A 87 10.69 12.34 6.27
C SER A 87 11.36 11.12 5.63
N THR A 88 12.50 11.38 5.00
CA THR A 88 13.25 10.32 4.35
C THR A 88 14.10 9.55 5.36
N ILE A 89 14.68 8.46 4.90
CA ILE A 89 15.52 7.64 5.76
C ILE A 89 16.80 7.26 5.01
N SER A 90 16.73 6.13 4.33
CA SER A 90 17.87 5.64 3.57
C SER A 90 18.97 5.16 4.52
N GLY A 91 19.95 4.48 3.94
CA GLY A 91 21.06 3.96 4.72
C GLY A 91 20.86 2.47 5.04
N PRO A 92 21.90 1.86 5.65
CA PRO A 92 21.85 0.46 6.01
C PRO A 92 20.97 0.24 7.25
N SER A 93 21.23 1.06 8.27
CA SER A 93 20.47 0.96 9.50
C SER A 93 20.44 -0.48 10.00
N SER A 94 21.61 -0.95 10.43
CA SER A 94 21.72 -2.31 10.94
C SER A 94 21.67 -2.31 12.47
N GLY A 95 20.92 -1.36 13.00
CA GLY A 95 20.78 -1.24 14.44
C GLY A 95 20.81 0.23 14.87
N GLY A 1 29.29 -13.84 -18.94
CA GLY A 1 29.05 -13.04 -17.75
C GLY A 1 28.25 -13.83 -16.72
N SER A 2 27.98 -13.18 -15.60
CA SER A 2 27.22 -13.80 -14.52
C SER A 2 26.96 -12.79 -13.41
N SER A 3 25.67 -12.59 -13.12
CA SER A 3 25.27 -11.65 -12.09
C SER A 3 23.74 -11.60 -12.00
N GLY A 4 23.26 -11.40 -10.78
CA GLY A 4 21.83 -11.33 -10.55
C GLY A 4 21.53 -11.17 -9.05
N SER A 5 20.43 -10.49 -8.77
CA SER A 5 20.02 -10.26 -7.40
C SER A 5 18.61 -9.67 -7.37
N SER A 6 17.72 -10.36 -6.65
CA SER A 6 16.35 -9.92 -6.53
C SER A 6 15.62 -10.76 -5.50
N GLY A 7 14.42 -10.31 -5.15
CA GLY A 7 13.60 -11.02 -4.18
C GLY A 7 12.11 -10.85 -4.47
N ASP A 8 11.30 -11.25 -3.52
CA ASP A 8 9.85 -11.14 -3.65
C ASP A 8 9.17 -11.84 -2.47
N ALA A 9 8.08 -11.24 -2.03
CA ALA A 9 7.33 -11.78 -0.91
C ALA A 9 6.09 -10.93 -0.67
N GLY A 10 5.06 -11.57 -0.11
CA GLY A 10 3.81 -10.88 0.18
C GLY A 10 2.62 -11.68 -0.36
N GLY A 11 1.48 -11.46 0.27
CA GLY A 11 0.26 -12.14 -0.14
C GLY A 11 -0.94 -11.67 0.70
N GLY A 12 -2.08 -11.59 0.03
CA GLY A 12 -3.29 -11.15 0.68
C GLY A 12 -4.38 -12.22 0.62
N VAL A 13 -5.62 -11.79 0.71
CA VAL A 13 -6.75 -12.70 0.66
C VAL A 13 -8.05 -11.90 0.63
N GLY A 14 -8.98 -12.37 -0.20
CA GLY A 14 -10.26 -11.72 -0.34
C GLY A 14 -10.35 -10.95 -1.67
N LYS A 15 -10.60 -11.69 -2.72
CA LYS A 15 -10.71 -11.10 -4.05
C LYS A 15 -9.34 -10.58 -4.48
N GLU A 16 -9.06 -10.75 -5.76
CA GLU A 16 -7.78 -10.31 -6.32
C GLU A 16 -7.41 -8.94 -5.73
N LEU A 17 -6.19 -8.88 -5.21
CA LEU A 17 -5.70 -7.65 -4.62
C LEU A 17 -5.79 -6.51 -5.66
N VAL A 18 -5.97 -5.31 -5.15
CA VAL A 18 -6.07 -4.15 -6.01
C VAL A 18 -4.68 -3.56 -6.24
N ASP A 19 -4.54 -2.89 -7.38
CA ASP A 19 -3.26 -2.28 -7.73
C ASP A 19 -3.28 -0.81 -7.32
N LEU A 20 -2.49 -0.50 -6.31
CA LEU A 20 -2.40 0.87 -5.81
C LEU A 20 -1.04 1.45 -6.16
N LYS A 21 -1.01 2.76 -6.35
CA LYS A 21 0.22 3.44 -6.68
C LYS A 21 0.76 4.16 -5.44
N ILE A 22 1.87 3.67 -4.93
CA ILE A 22 2.49 4.25 -3.75
C ILE A 22 3.19 5.55 -4.14
N ILE A 23 2.43 6.62 -4.10
CA ILE A 23 2.97 7.94 -4.44
C ILE A 23 3.72 8.51 -3.24
N TRP A 24 4.90 9.02 -3.51
CA TRP A 24 5.73 9.61 -2.47
C TRP A 24 6.92 10.29 -3.13
N ASN A 25 6.91 11.61 -3.10
CA ASN A 25 7.98 12.40 -3.68
C ASN A 25 7.88 12.31 -5.21
N LYS A 26 8.20 11.14 -5.73
CA LYS A 26 8.15 10.91 -7.16
C LYS A 26 8.50 9.45 -7.45
N THR A 27 7.96 8.57 -6.63
CA THR A 27 8.21 7.14 -6.80
C THR A 27 6.89 6.38 -6.92
N LYS A 28 6.93 5.31 -7.71
CA LYS A 28 5.74 4.50 -7.92
C LYS A 28 6.08 3.04 -7.62
N HIS A 29 5.50 2.56 -6.52
CA HIS A 29 5.74 1.18 -6.10
C HIS A 29 4.44 0.38 -6.23
N ASP A 30 4.40 -0.47 -7.25
CA ASP A 30 3.23 -1.29 -7.49
C ASP A 30 3.10 -2.34 -6.40
N VAL A 31 2.07 -2.19 -5.59
CA VAL A 31 1.82 -3.12 -4.50
C VAL A 31 0.42 -3.71 -4.64
N LYS A 32 0.32 -5.00 -4.33
CA LYS A 32 -0.94 -5.70 -4.43
C LYS A 32 -1.51 -5.91 -3.02
N VAL A 33 -2.63 -5.26 -2.76
CA VAL A 33 -3.28 -5.37 -1.46
C VAL A 33 -4.78 -5.61 -1.67
N PRO A 34 -5.39 -6.30 -0.67
CA PRO A 34 -6.81 -6.59 -0.72
C PRO A 34 -7.65 -5.35 -0.42
N LEU A 35 -8.82 -5.29 -1.04
CA LEU A 35 -9.71 -4.16 -0.85
C LEU A 35 -10.38 -4.28 0.52
N ASP A 36 -10.24 -5.46 1.12
CA ASP A 36 -10.82 -5.71 2.43
C ASP A 36 -10.01 -4.97 3.50
N SER A 37 -8.84 -4.51 3.08
CA SER A 37 -7.95 -3.79 3.99
C SER A 37 -8.67 -2.54 4.54
N THR A 38 -8.46 -2.30 5.82
CA THR A 38 -9.06 -1.16 6.47
C THR A 38 -8.24 0.10 6.22
N GLY A 39 -8.94 1.21 6.04
CA GLY A 39 -8.30 2.48 5.78
C GLY A 39 -7.11 2.68 6.73
N SER A 40 -7.18 2.03 7.87
CA SER A 40 -6.12 2.12 8.86
C SER A 40 -4.94 1.24 8.45
N GLU A 41 -5.27 0.05 8.01
CA GLU A 41 -4.24 -0.90 7.57
C GLU A 41 -3.34 -0.26 6.52
N LEU A 42 -3.95 0.57 5.69
CA LEU A 42 -3.21 1.26 4.64
C LEU A 42 -1.88 1.75 5.20
N LYS A 43 -1.95 2.40 6.34
CA LYS A 43 -0.76 2.93 6.99
C LYS A 43 0.32 1.84 7.00
N GLN A 44 0.06 0.79 7.76
CA GLN A 44 1.00 -0.30 7.87
C GLN A 44 1.26 -0.92 6.49
N LYS A 45 0.33 -0.65 5.57
CA LYS A 45 0.44 -1.17 4.22
C LYS A 45 1.45 -0.32 3.43
N ILE A 46 1.53 0.94 3.81
CA ILE A 46 2.45 1.86 3.15
C ILE A 46 3.77 1.87 3.90
N HIS A 47 3.67 1.93 5.23
CA HIS A 47 4.86 1.95 6.08
C HIS A 47 5.72 0.72 5.77
N SER A 48 5.05 -0.33 5.32
CA SER A 48 5.74 -1.57 4.99
C SER A 48 6.54 -1.41 3.70
N ILE A 49 6.26 -0.31 3.00
CA ILE A 49 6.93 -0.02 1.76
C ILE A 49 7.79 1.25 1.92
N THR A 50 7.11 2.34 2.23
CA THR A 50 7.79 3.61 2.42
C THR A 50 8.94 3.46 3.41
N GLY A 51 8.72 2.59 4.40
CA GLY A 51 9.73 2.35 5.41
C GLY A 51 9.69 3.42 6.50
N LEU A 52 8.92 4.45 6.24
CA LEU A 52 8.77 5.55 7.18
C LEU A 52 7.63 5.24 8.15
N PRO A 53 7.56 6.06 9.23
CA PRO A 53 6.52 5.88 10.24
C PRO A 53 5.18 6.37 9.73
N PRO A 54 4.09 5.70 10.21
CA PRO A 54 2.74 6.05 9.81
C PRO A 54 2.29 7.35 10.51
N ALA A 55 2.82 7.55 11.70
CA ALA A 55 2.48 8.72 12.47
C ALA A 55 2.85 9.99 11.67
N MET A 56 3.90 9.85 10.89
CA MET A 56 4.35 10.97 10.07
C MET A 56 3.97 10.76 8.60
N GLN A 57 2.87 10.06 8.40
CA GLN A 57 2.38 9.78 7.06
C GLN A 57 1.12 10.58 6.78
N LYS A 58 0.84 10.76 5.49
CA LYS A 58 -0.33 11.50 5.07
C LYS A 58 -1.13 10.67 4.07
N VAL A 59 -2.08 9.90 4.59
CA VAL A 59 -2.90 9.05 3.76
C VAL A 59 -4.08 9.87 3.21
N MET A 60 -3.97 10.24 1.94
CA MET A 60 -5.01 11.03 1.31
C MET A 60 -5.07 10.73 -0.19
N TYR A 61 -6.23 10.26 -0.63
CA TYR A 61 -6.43 9.94 -2.03
C TYR A 61 -7.67 10.64 -2.58
N LYS A 62 -7.43 11.72 -3.31
CA LYS A 62 -8.51 12.49 -3.89
C LYS A 62 -9.58 12.76 -2.83
N GLY A 63 -9.15 12.74 -1.58
CA GLY A 63 -10.04 12.98 -0.47
C GLY A 63 -9.58 12.24 0.79
N LEU A 64 -9.99 12.76 1.93
CA LEU A 64 -9.62 12.16 3.21
C LEU A 64 -10.03 10.69 3.20
N VAL A 65 -9.16 9.87 3.78
CA VAL A 65 -9.42 8.44 3.85
C VAL A 65 -9.83 8.07 5.28
N PRO A 66 -11.12 7.67 5.42
CA PRO A 66 -11.65 7.29 6.71
C PRO A 66 -11.16 5.91 7.13
N GLU A 67 -10.27 5.90 8.12
CA GLU A 67 -9.71 4.67 8.62
C GLU A 67 -10.81 3.78 9.20
N ASP A 68 -11.96 4.41 9.45
CA ASP A 68 -13.09 3.68 10.01
C ASP A 68 -13.77 2.87 8.90
N LYS A 69 -13.35 3.13 7.67
CA LYS A 69 -13.90 2.44 6.52
C LYS A 69 -12.76 1.87 5.67
N THR A 70 -13.01 0.72 5.08
CA THR A 70 -12.03 0.07 4.24
C THR A 70 -11.95 0.76 2.89
N LEU A 71 -10.89 0.44 2.15
CA LEU A 71 -10.68 1.01 0.83
C LEU A 71 -11.96 0.85 0.01
N ARG A 72 -12.36 -0.40 -0.15
CA ARG A 72 -13.57 -0.70 -0.91
C ARG A 72 -14.74 0.12 -0.40
N GLU A 73 -14.60 0.59 0.83
CA GLU A 73 -15.65 1.39 1.44
C GLU A 73 -15.38 2.88 1.22
N ILE A 74 -14.10 3.23 1.21
CA ILE A 74 -13.71 4.60 1.00
C ILE A 74 -13.75 4.93 -0.49
N LYS A 75 -14.16 3.93 -1.27
CA LYS A 75 -14.26 4.10 -2.71
C LYS A 75 -12.88 3.86 -3.34
N VAL A 76 -12.47 2.61 -3.33
CA VAL A 76 -11.19 2.23 -3.90
C VAL A 76 -11.38 1.07 -4.87
N THR A 77 -10.57 1.08 -5.92
CA THR A 77 -10.65 0.03 -6.92
C THR A 77 -9.30 -0.11 -7.64
N SER A 78 -9.31 -0.93 -8.68
CA SER A 78 -8.10 -1.16 -9.46
C SER A 78 -7.73 0.10 -10.24
N GLY A 79 -6.65 0.72 -9.80
CA GLY A 79 -6.17 1.94 -10.44
C GLY A 79 -6.25 3.13 -9.49
N ALA A 80 -6.23 2.82 -8.21
CA ALA A 80 -6.31 3.86 -7.18
C ALA A 80 -4.91 4.41 -6.93
N LYS A 81 -4.87 5.57 -6.28
CA LYS A 81 -3.61 6.21 -5.98
C LYS A 81 -3.55 6.52 -4.48
N ILE A 82 -2.33 6.61 -3.97
CA ILE A 82 -2.13 6.90 -2.56
C ILE A 82 -0.97 7.90 -2.41
N MET A 83 -1.32 9.08 -1.90
CA MET A 83 -0.32 10.12 -1.70
C MET A 83 0.34 9.99 -0.33
N VAL A 84 1.66 10.11 -0.34
CA VAL A 84 2.42 10.01 0.90
C VAL A 84 3.35 11.23 1.03
N VAL A 85 3.77 11.50 2.25
CA VAL A 85 4.65 12.62 2.52
C VAL A 85 5.63 12.25 3.63
N GLY A 86 6.66 13.07 3.75
CA GLY A 86 7.69 12.83 4.77
C GLY A 86 8.98 12.32 4.12
N SER A 87 9.93 11.98 4.98
CA SER A 87 11.21 11.48 4.52
C SER A 87 11.96 10.81 5.67
N THR A 88 12.40 11.64 6.61
CA THR A 88 13.13 11.14 7.76
C THR A 88 14.42 10.43 7.32
N ILE A 89 15.35 10.32 8.26
CA ILE A 89 16.62 9.67 7.98
C ILE A 89 16.35 8.30 7.35
N SER A 90 17.41 7.72 6.80
CA SER A 90 17.31 6.41 6.17
C SER A 90 16.59 5.43 7.11
N GLY A 91 17.23 5.17 8.24
CA GLY A 91 16.67 4.27 9.23
C GLY A 91 17.71 3.22 9.66
N PRO A 92 18.44 3.57 10.75
CA PRO A 92 19.45 2.68 11.28
C PRO A 92 18.82 1.51 12.03
N SER A 93 17.96 0.79 11.33
CA SER A 93 17.29 -0.36 11.91
C SER A 93 17.92 -1.65 11.40
N SER A 94 17.70 -2.71 12.16
CA SER A 94 18.25 -4.01 11.80
C SER A 94 17.21 -4.82 11.02
N GLY A 95 17.68 -5.89 10.41
CA GLY A 95 16.81 -6.75 9.63
C GLY A 95 16.44 -6.10 8.30
N GLY A 1 22.43 -17.20 -16.86
CA GLY A 1 21.76 -17.93 -15.79
C GLY A 1 21.47 -17.01 -14.62
N SER A 2 22.51 -16.74 -13.82
CA SER A 2 22.37 -15.88 -12.66
C SER A 2 21.34 -16.46 -11.70
N SER A 3 21.44 -16.05 -10.45
CA SER A 3 20.52 -16.51 -9.42
C SER A 3 20.02 -15.34 -8.58
N GLY A 4 19.04 -15.62 -7.73
CA GLY A 4 18.48 -14.60 -6.86
C GLY A 4 17.93 -15.22 -5.58
N SER A 5 17.12 -14.44 -4.88
CA SER A 5 16.50 -14.89 -3.64
C SER A 5 15.54 -13.84 -3.11
N SER A 6 14.41 -14.31 -2.61
CA SER A 6 13.40 -13.42 -2.06
C SER A 6 12.57 -14.16 -1.01
N GLY A 7 11.75 -13.38 -0.31
CA GLY A 7 10.90 -13.94 0.73
C GLY A 7 9.46 -14.08 0.24
N ASP A 8 8.55 -14.19 1.19
CA ASP A 8 7.14 -14.32 0.88
C ASP A 8 6.32 -14.30 2.17
N ALA A 9 5.06 -13.93 2.04
CA ALA A 9 4.17 -13.87 3.18
C ALA A 9 2.76 -14.32 2.76
N GLY A 10 1.89 -14.42 3.75
CA GLY A 10 0.52 -14.84 3.50
C GLY A 10 -0.48 -13.81 4.02
N GLY A 11 -1.75 -14.10 3.80
CA GLY A 11 -2.81 -13.21 4.24
C GLY A 11 -4.06 -14.00 4.64
N GLY A 12 -5.20 -13.35 4.47
CA GLY A 12 -6.47 -13.99 4.81
C GLY A 12 -7.62 -13.32 4.07
N VAL A 13 -7.73 -13.64 2.79
CA VAL A 13 -8.79 -13.08 1.96
C VAL A 13 -8.78 -13.78 0.60
N GLY A 14 -9.98 -14.10 0.13
CA GLY A 14 -10.12 -14.76 -1.16
C GLY A 14 -10.49 -13.76 -2.25
N LYS A 15 -9.62 -12.78 -2.44
CA LYS A 15 -9.84 -11.75 -3.44
C LYS A 15 -8.50 -11.24 -3.93
N GLU A 16 -8.36 -11.22 -5.26
CA GLU A 16 -7.12 -10.76 -5.87
C GLU A 16 -6.83 -9.32 -5.45
N LEU A 17 -5.75 -9.16 -4.71
CA LEU A 17 -5.35 -7.84 -4.25
C LEU A 17 -5.58 -6.82 -5.36
N VAL A 18 -5.92 -5.60 -4.94
CA VAL A 18 -6.17 -4.53 -5.89
C VAL A 18 -4.86 -3.79 -6.18
N ASP A 19 -4.69 -3.43 -7.44
CA ASP A 19 -3.50 -2.71 -7.87
C ASP A 19 -3.57 -1.26 -7.41
N LEU A 20 -2.54 -0.83 -6.71
CA LEU A 20 -2.48 0.54 -6.22
C LEU A 20 -1.07 1.08 -6.38
N LYS A 21 -0.97 2.40 -6.48
CA LYS A 21 0.31 3.05 -6.65
C LYS A 21 0.60 3.91 -5.43
N ILE A 22 1.72 3.61 -4.77
CA ILE A 22 2.12 4.35 -3.59
C ILE A 22 2.89 5.59 -4.01
N ILE A 23 2.15 6.67 -4.23
CA ILE A 23 2.76 7.92 -4.64
C ILE A 23 3.50 8.54 -3.45
N TRP A 24 4.77 8.83 -3.67
CA TRP A 24 5.61 9.41 -2.62
C TRP A 24 6.82 10.05 -3.29
N ASN A 25 7.06 11.31 -2.93
CA ASN A 25 8.19 12.04 -3.49
C ASN A 25 7.98 12.24 -4.99
N LYS A 26 8.22 11.17 -5.73
CA LYS A 26 8.05 11.21 -7.18
C LYS A 26 8.28 9.81 -7.75
N THR A 27 7.63 8.84 -7.12
CA THR A 27 7.75 7.46 -7.56
C THR A 27 6.40 6.74 -7.45
N LYS A 28 6.35 5.54 -8.00
CA LYS A 28 5.13 4.75 -7.97
C LYS A 28 5.49 3.30 -7.61
N HIS A 29 5.32 2.98 -6.34
CA HIS A 29 5.61 1.64 -5.86
C HIS A 29 4.39 0.73 -6.09
N ASP A 30 4.52 -0.14 -7.08
CA ASP A 30 3.45 -1.05 -7.42
C ASP A 30 3.31 -2.09 -6.30
N VAL A 31 2.20 -1.96 -5.56
CA VAL A 31 1.94 -2.87 -4.46
C VAL A 31 0.51 -3.40 -4.59
N LYS A 32 0.36 -4.68 -4.25
CA LYS A 32 -0.95 -5.33 -4.32
C LYS A 32 -1.50 -5.50 -2.92
N VAL A 33 -2.67 -4.92 -2.68
CA VAL A 33 -3.31 -5.02 -1.39
C VAL A 33 -4.80 -5.33 -1.58
N PRO A 34 -5.37 -6.04 -0.57
CA PRO A 34 -6.78 -6.41 -0.62
C PRO A 34 -7.67 -5.20 -0.33
N LEU A 35 -8.89 -5.27 -0.84
CA LEU A 35 -9.84 -4.20 -0.65
C LEU A 35 -10.48 -4.33 0.74
N ASP A 36 -10.34 -5.52 1.31
CA ASP A 36 -10.89 -5.79 2.62
C ASP A 36 -10.08 -5.05 3.67
N SER A 37 -8.89 -4.62 3.27
CA SER A 37 -8.00 -3.91 4.17
C SER A 37 -8.68 -2.63 4.66
N THR A 38 -8.58 -2.40 5.96
CA THR A 38 -9.18 -1.23 6.57
C THR A 38 -8.36 0.02 6.23
N GLY A 39 -9.07 1.13 6.10
CA GLY A 39 -8.44 2.39 5.77
C GLY A 39 -7.27 2.67 6.71
N SER A 40 -7.29 2.00 7.86
CA SER A 40 -6.24 2.17 8.85
C SER A 40 -5.02 1.33 8.45
N GLU A 41 -5.29 0.12 8.00
CA GLU A 41 -4.23 -0.78 7.59
C GLU A 41 -3.32 -0.10 6.55
N LEU A 42 -3.93 0.76 5.76
CA LEU A 42 -3.19 1.49 4.74
C LEU A 42 -1.88 2.00 5.34
N LYS A 43 -2.00 2.65 6.49
CA LYS A 43 -0.85 3.19 7.17
C LYS A 43 0.27 2.13 7.20
N GLN A 44 -0.06 1.01 7.84
CA GLN A 44 0.90 -0.08 7.95
C GLN A 44 1.15 -0.70 6.58
N LYS A 45 0.23 -0.45 5.67
CA LYS A 45 0.34 -0.97 4.31
C LYS A 45 1.33 -0.14 3.51
N ILE A 46 1.42 1.13 3.90
CA ILE A 46 2.34 2.05 3.23
C ILE A 46 3.69 2.01 3.93
N HIS A 47 3.65 2.03 5.24
CA HIS A 47 4.87 2.00 6.04
C HIS A 47 5.66 0.73 5.70
N SER A 48 4.93 -0.29 5.28
CA SER A 48 5.55 -1.56 4.93
C SER A 48 6.32 -1.42 3.61
N ILE A 49 6.04 -0.32 2.93
CA ILE A 49 6.70 -0.06 1.64
C ILE A 49 7.59 1.18 1.79
N THR A 50 6.95 2.29 2.12
CA THR A 50 7.68 3.54 2.29
C THR A 50 8.81 3.37 3.29
N GLY A 51 8.58 2.52 4.28
CA GLY A 51 9.57 2.26 5.30
C GLY A 51 9.43 3.25 6.46
N LEU A 52 9.01 4.45 6.13
CA LEU A 52 8.84 5.49 7.12
C LEU A 52 7.65 5.13 8.02
N PRO A 53 7.53 5.88 9.15
CA PRO A 53 6.45 5.65 10.10
C PRO A 53 5.12 6.19 9.55
N PRO A 54 4.02 5.52 9.97
CA PRO A 54 2.69 5.91 9.54
C PRO A 54 2.24 7.18 10.26
N ALA A 55 2.75 7.34 11.47
CA ALA A 55 2.41 8.50 12.29
C ALA A 55 2.81 9.78 11.54
N MET A 56 3.92 9.67 10.80
CA MET A 56 4.42 10.80 10.05
C MET A 56 4.12 10.64 8.55
N GLN A 57 3.00 9.99 8.27
CA GLN A 57 2.59 9.76 6.90
C GLN A 57 1.33 10.58 6.58
N LYS A 58 1.03 10.66 5.29
CA LYS A 58 -0.13 11.41 4.84
C LYS A 58 -0.96 10.53 3.90
N VAL A 59 -1.98 9.90 4.48
CA VAL A 59 -2.85 9.04 3.71
C VAL A 59 -4.03 9.86 3.16
N MET A 60 -3.91 10.20 1.88
CA MET A 60 -4.93 10.98 1.22
C MET A 60 -5.00 10.65 -0.27
N TYR A 61 -6.17 10.19 -0.70
CA TYR A 61 -6.38 9.84 -2.09
C TYR A 61 -7.61 10.55 -2.66
N LYS A 62 -7.35 11.62 -3.39
CA LYS A 62 -8.42 12.39 -4.00
C LYS A 62 -9.52 12.62 -2.96
N GLY A 63 -9.12 12.62 -1.71
CA GLY A 63 -10.06 12.83 -0.62
C GLY A 63 -9.59 12.10 0.65
N LEU A 64 -10.03 12.63 1.78
CA LEU A 64 -9.66 12.05 3.07
C LEU A 64 -10.03 10.57 3.08
N VAL A 65 -9.16 9.78 3.68
CA VAL A 65 -9.36 8.35 3.77
C VAL A 65 -9.70 7.97 5.21
N PRO A 66 -10.96 7.48 5.40
CA PRO A 66 -11.41 7.08 6.72
C PRO A 66 -10.80 5.74 7.14
N GLU A 67 -10.55 5.61 8.43
CA GLU A 67 -9.96 4.40 8.96
C GLU A 67 -11.06 3.41 9.37
N ASP A 68 -12.18 3.97 9.80
CA ASP A 68 -13.31 3.16 10.22
C ASP A 68 -13.86 2.39 9.02
N LYS A 69 -13.63 2.96 7.84
CA LYS A 69 -14.09 2.35 6.60
C LYS A 69 -12.90 1.78 5.84
N THR A 70 -13.15 0.68 5.15
CA THR A 70 -12.10 0.03 4.38
C THR A 70 -12.00 0.66 2.99
N LEU A 71 -10.92 0.31 2.30
CA LEU A 71 -10.69 0.83 0.96
C LEU A 71 -11.97 0.68 0.14
N ARG A 72 -12.43 -0.56 0.04
CA ARG A 72 -13.64 -0.84 -0.72
C ARG A 72 -14.80 0.03 -0.23
N GLU A 73 -14.64 0.54 0.98
CA GLU A 73 -15.66 1.39 1.58
C GLU A 73 -15.33 2.87 1.33
N ILE A 74 -14.03 3.15 1.26
CA ILE A 74 -13.57 4.51 1.03
C ILE A 74 -13.67 4.83 -0.46
N LYS A 75 -14.16 3.85 -1.22
CA LYS A 75 -14.31 4.02 -2.65
C LYS A 75 -12.94 3.90 -3.32
N VAL A 76 -12.47 2.66 -3.40
CA VAL A 76 -11.18 2.39 -4.00
C VAL A 76 -11.37 1.45 -5.20
N THR A 77 -10.46 1.57 -6.15
CA THR A 77 -10.52 0.74 -7.34
C THR A 77 -9.12 0.21 -7.70
N SER A 78 -9.06 -0.49 -8.82
CA SER A 78 -7.80 -1.05 -9.28
C SER A 78 -7.03 -0.01 -10.10
N GLY A 79 -6.01 0.56 -9.49
CA GLY A 79 -5.19 1.55 -10.15
C GLY A 79 -5.32 2.92 -9.46
N ALA A 80 -5.70 2.87 -8.18
CA ALA A 80 -5.86 4.08 -7.40
C ALA A 80 -4.49 4.71 -7.15
N LYS A 81 -4.51 5.83 -6.46
CA LYS A 81 -3.28 6.54 -6.14
C LYS A 81 -3.22 6.82 -4.64
N ILE A 82 -2.00 6.91 -4.13
CA ILE A 82 -1.79 7.16 -2.71
C ILE A 82 -0.68 8.18 -2.55
N MET A 83 -1.07 9.40 -2.19
CA MET A 83 -0.12 10.48 -1.99
C MET A 83 0.45 10.44 -0.58
N VAL A 84 1.70 9.98 -0.49
CA VAL A 84 2.37 9.90 0.79
C VAL A 84 3.36 11.06 0.93
N VAL A 85 3.74 11.32 2.17
CA VAL A 85 4.68 12.41 2.44
C VAL A 85 5.70 11.94 3.48
N GLY A 86 6.52 12.88 3.92
CA GLY A 86 7.55 12.58 4.90
C GLY A 86 8.84 12.11 4.23
N SER A 87 9.82 11.77 5.06
CA SER A 87 11.09 11.31 4.56
C SER A 87 11.95 10.80 5.71
N THR A 88 12.71 9.75 5.43
CA THR A 88 13.59 9.16 6.43
C THR A 88 14.83 8.57 5.78
N ILE A 89 15.92 8.56 6.54
CA ILE A 89 17.18 8.04 6.05
C ILE A 89 17.88 7.27 7.18
N SER A 90 17.56 5.99 7.27
CA SER A 90 18.15 5.15 8.30
C SER A 90 17.91 3.68 7.96
N GLY A 91 18.57 2.81 8.72
CA GLY A 91 18.44 1.38 8.52
C GLY A 91 19.12 0.60 9.64
N PRO A 92 18.30 0.18 10.63
CA PRO A 92 18.82 -0.58 11.76
C PRO A 92 19.13 -2.02 11.37
N SER A 93 18.11 -2.70 10.85
CA SER A 93 18.26 -4.08 10.43
C SER A 93 17.20 -4.42 9.38
N SER A 94 17.48 -5.47 8.63
CA SER A 94 16.57 -5.92 7.58
C SER A 94 15.47 -6.79 8.20
N GLY A 95 14.23 -6.45 7.88
CA GLY A 95 13.10 -7.19 8.38
C GLY A 95 12.37 -6.40 9.47
N GLY A 1 20.48 -27.67 -22.33
CA GLY A 1 19.90 -26.96 -21.22
C GLY A 1 19.76 -25.47 -21.53
N SER A 2 18.74 -24.86 -20.95
CA SER A 2 18.48 -23.45 -21.17
C SER A 2 17.21 -23.02 -20.43
N SER A 3 17.14 -21.73 -20.13
CA SER A 3 15.98 -21.19 -19.43
C SER A 3 15.96 -21.72 -17.99
N GLY A 4 15.29 -20.97 -17.14
CA GLY A 4 15.18 -21.34 -15.74
C GLY A 4 13.79 -21.92 -15.45
N SER A 5 13.56 -22.21 -14.16
CA SER A 5 12.28 -22.76 -13.74
C SER A 5 12.12 -22.57 -12.23
N SER A 6 10.89 -22.80 -11.78
CA SER A 6 10.58 -22.65 -10.37
C SER A 6 10.70 -21.19 -9.95
N GLY A 7 9.91 -20.82 -8.95
CA GLY A 7 9.93 -19.45 -8.45
C GLY A 7 8.53 -18.86 -8.43
N ASP A 8 8.07 -18.51 -7.23
CA ASP A 8 6.74 -17.95 -7.07
C ASP A 8 6.50 -17.66 -5.58
N ALA A 9 5.58 -16.75 -5.34
CA ALA A 9 5.23 -16.37 -3.97
C ALA A 9 4.07 -15.39 -3.99
N GLY A 10 3.10 -15.65 -3.13
CA GLY A 10 1.93 -14.79 -3.03
C GLY A 10 0.79 -15.50 -2.30
N GLY A 11 -0.18 -14.70 -1.87
CA GLY A 11 -1.33 -15.24 -1.17
C GLY A 11 -2.57 -14.36 -1.38
N GLY A 12 -3.11 -13.88 -0.28
CA GLY A 12 -4.29 -13.04 -0.33
C GLY A 12 -5.56 -13.86 -0.14
N VAL A 13 -6.55 -13.22 0.45
CA VAL A 13 -7.83 -13.87 0.68
C VAL A 13 -8.96 -13.02 0.10
N GLY A 14 -9.90 -13.70 -0.55
CA GLY A 14 -11.02 -13.02 -1.16
C GLY A 14 -10.94 -13.06 -2.68
N LYS A 15 -10.38 -12.00 -3.24
CA LYS A 15 -10.22 -11.91 -4.68
C LYS A 15 -8.78 -11.49 -5.01
N GLU A 16 -8.64 -10.82 -6.14
CA GLU A 16 -7.33 -10.36 -6.58
C GLU A 16 -7.04 -8.98 -6.00
N LEU A 17 -5.96 -8.91 -5.22
CA LEU A 17 -5.55 -7.67 -4.60
C LEU A 17 -5.68 -6.53 -5.62
N VAL A 18 -5.95 -5.34 -5.09
CA VAL A 18 -6.10 -4.17 -5.94
C VAL A 18 -4.73 -3.51 -6.13
N ASP A 19 -4.52 -3.00 -7.34
CA ASP A 19 -3.28 -2.34 -7.66
C ASP A 19 -3.30 -0.91 -7.14
N LEU A 20 -2.32 -0.60 -6.28
CA LEU A 20 -2.23 0.73 -5.70
C LEU A 20 -0.87 1.34 -6.04
N LYS A 21 -0.89 2.61 -6.36
CA LYS A 21 0.33 3.33 -6.70
C LYS A 21 0.85 4.07 -5.47
N ILE A 22 2.04 3.66 -5.04
CA ILE A 22 2.66 4.27 -3.89
C ILE A 22 3.38 5.55 -4.31
N ILE A 23 2.63 6.63 -4.36
CA ILE A 23 3.19 7.92 -4.75
C ILE A 23 3.93 8.53 -3.57
N TRP A 24 5.18 8.91 -3.82
CA TRP A 24 6.00 9.50 -2.78
C TRP A 24 7.18 10.20 -3.47
N ASN A 25 7.11 11.52 -3.48
CA ASN A 25 8.17 12.32 -4.10
C ASN A 25 8.11 12.14 -5.62
N LYS A 26 8.44 10.92 -6.04
CA LYS A 26 8.43 10.60 -7.46
C LYS A 26 8.71 9.11 -7.64
N THR A 27 8.12 8.32 -6.75
CA THR A 27 8.30 6.87 -6.80
C THR A 27 6.95 6.17 -6.87
N LYS A 28 6.92 5.08 -7.61
CA LYS A 28 5.70 4.31 -7.78
C LYS A 28 5.97 2.84 -7.44
N HIS A 29 5.56 2.46 -6.24
CA HIS A 29 5.75 1.10 -5.79
C HIS A 29 4.47 0.29 -6.02
N ASP A 30 4.52 -0.57 -7.03
CA ASP A 30 3.39 -1.40 -7.38
C ASP A 30 3.16 -2.44 -6.27
N VAL A 31 2.16 -2.15 -5.44
CA VAL A 31 1.84 -3.04 -4.34
C VAL A 31 0.43 -3.59 -4.53
N LYS A 32 0.27 -4.86 -4.22
CA LYS A 32 -1.02 -5.52 -4.36
C LYS A 32 -1.62 -5.76 -2.96
N VAL A 33 -2.72 -5.08 -2.70
CA VAL A 33 -3.39 -5.21 -1.41
C VAL A 33 -4.88 -5.45 -1.65
N PRO A 34 -5.51 -6.14 -0.66
CA PRO A 34 -6.92 -6.45 -0.75
C PRO A 34 -7.78 -5.21 -0.46
N LEU A 35 -8.98 -5.22 -1.01
CA LEU A 35 -9.89 -4.11 -0.83
C LEU A 35 -10.55 -4.22 0.55
N ASP A 36 -10.44 -5.40 1.13
CA ASP A 36 -11.01 -5.65 2.44
C ASP A 36 -10.21 -4.89 3.50
N SER A 37 -8.96 -4.60 3.15
CA SER A 37 -8.08 -3.88 4.05
C SER A 37 -8.81 -2.66 4.63
N THR A 38 -8.43 -2.32 5.85
CA THR A 38 -9.04 -1.18 6.53
C THR A 38 -8.25 0.10 6.22
N GLY A 39 -9.00 1.18 6.03
CA GLY A 39 -8.39 2.47 5.73
C GLY A 39 -7.12 2.68 6.56
N SER A 40 -7.11 2.06 7.73
CA SER A 40 -5.97 2.17 8.63
C SER A 40 -4.81 1.32 8.11
N GLU A 41 -5.13 0.08 7.80
CA GLU A 41 -4.14 -0.85 7.29
C GLU A 41 -3.21 -0.15 6.30
N LEU A 42 -3.82 0.68 5.45
CA LEU A 42 -3.07 1.42 4.46
C LEU A 42 -1.75 1.90 5.07
N LYS A 43 -1.88 2.62 6.17
CA LYS A 43 -0.71 3.15 6.86
C LYS A 43 0.38 2.07 6.90
N GLN A 44 0.09 1.01 7.65
CA GLN A 44 1.04 -0.08 7.78
C GLN A 44 1.30 -0.72 6.42
N LYS A 45 0.37 -0.50 5.50
CA LYS A 45 0.49 -1.05 4.16
C LYS A 45 1.51 -0.22 3.37
N ILE A 46 1.61 1.04 3.74
CA ILE A 46 2.54 1.95 3.08
C ILE A 46 3.86 1.97 3.85
N HIS A 47 3.74 2.08 5.16
CA HIS A 47 4.91 2.11 6.02
C HIS A 47 5.73 0.84 5.82
N SER A 48 5.03 -0.23 5.43
CA SER A 48 5.68 -1.51 5.21
C SER A 48 6.50 -1.45 3.91
N ILE A 49 6.26 -0.39 3.15
CA ILE A 49 6.97 -0.22 1.89
C ILE A 49 7.86 1.02 1.98
N THR A 50 7.23 2.16 2.21
CA THR A 50 7.94 3.42 2.33
C THR A 50 9.03 3.31 3.39
N GLY A 51 8.74 2.53 4.42
CA GLY A 51 9.69 2.33 5.50
C GLY A 51 9.51 3.42 6.58
N LEU A 52 9.02 4.57 6.14
CA LEU A 52 8.82 5.68 7.05
C LEU A 52 7.64 5.36 7.99
N PRO A 53 7.51 6.18 9.05
CA PRO A 53 6.45 6.01 10.03
C PRO A 53 5.11 6.47 9.46
N PRO A 54 4.03 5.75 9.87
CA PRO A 54 2.68 6.07 9.42
C PRO A 54 2.17 7.33 10.11
N ALA A 55 2.64 7.53 11.33
CA ALA A 55 2.23 8.70 12.11
C ALA A 55 2.64 9.97 11.37
N MET A 56 3.69 9.84 10.57
CA MET A 56 4.19 10.97 9.82
C MET A 56 3.59 11.00 8.41
N GLN A 57 3.20 9.83 7.94
CA GLN A 57 2.61 9.70 6.62
C GLN A 57 1.22 10.33 6.60
N LYS A 58 0.78 10.70 5.40
CA LYS A 58 -0.52 11.31 5.23
C LYS A 58 -1.30 10.58 4.14
N VAL A 59 -2.11 9.62 4.57
CA VAL A 59 -2.90 8.84 3.64
C VAL A 59 -4.11 9.66 3.19
N MET A 60 -4.06 10.09 1.93
CA MET A 60 -5.14 10.88 1.37
C MET A 60 -5.27 10.64 -0.13
N TYR A 61 -6.44 10.17 -0.53
CA TYR A 61 -6.71 9.90 -1.93
C TYR A 61 -7.98 10.61 -2.40
N LYS A 62 -7.78 11.72 -3.10
CA LYS A 62 -8.90 12.51 -3.59
C LYS A 62 -9.91 12.73 -2.47
N GLY A 63 -9.40 12.66 -1.25
CA GLY A 63 -10.25 12.86 -0.08
C GLY A 63 -9.72 12.08 1.12
N LEU A 64 -10.07 12.56 2.31
CA LEU A 64 -9.63 11.92 3.54
C LEU A 64 -10.02 10.45 3.51
N VAL A 65 -9.13 9.62 4.03
CA VAL A 65 -9.37 8.19 4.07
C VAL A 65 -9.74 7.77 5.49
N PRO A 66 -11.05 7.44 5.69
CA PRO A 66 -11.54 7.03 6.99
C PRO A 66 -11.09 5.60 7.32
N GLU A 67 -10.68 5.41 8.56
CA GLU A 67 -10.24 4.11 9.01
C GLU A 67 -11.43 3.25 9.42
N ASP A 68 -12.51 3.93 9.77
CA ASP A 68 -13.72 3.24 10.18
C ASP A 68 -14.35 2.56 8.97
N LYS A 69 -13.83 2.89 7.80
CA LYS A 69 -14.33 2.32 6.56
C LYS A 69 -13.15 1.77 5.75
N THR A 70 -13.37 0.59 5.19
CA THR A 70 -12.35 -0.07 4.39
C THR A 70 -12.21 0.63 3.03
N LEU A 71 -11.17 0.25 2.31
CA LEU A 71 -10.91 0.84 1.00
C LEU A 71 -12.17 0.72 0.14
N ARG A 72 -12.60 -0.52 -0.03
CA ARG A 72 -13.79 -0.80 -0.84
C ARG A 72 -14.97 0.03 -0.32
N GLU A 73 -14.84 0.48 0.92
CA GLU A 73 -15.89 1.27 1.53
C GLU A 73 -15.62 2.77 1.32
N ILE A 74 -14.34 3.11 1.31
CA ILE A 74 -13.93 4.49 1.12
C ILE A 74 -13.92 4.81 -0.36
N LYS A 75 -14.35 3.83 -1.16
CA LYS A 75 -14.39 4.00 -2.60
C LYS A 75 -12.99 3.86 -3.17
N VAL A 76 -12.53 2.62 -3.24
CA VAL A 76 -11.21 2.33 -3.76
C VAL A 76 -11.30 1.22 -4.81
N THR A 77 -10.38 1.27 -5.76
CA THR A 77 -10.35 0.28 -6.83
C THR A 77 -8.94 0.14 -7.39
N SER A 78 -8.84 -0.56 -8.51
CA SER A 78 -7.56 -0.78 -9.16
C SER A 78 -7.13 0.49 -9.89
N GLY A 79 -6.11 1.14 -9.34
CA GLY A 79 -5.60 2.36 -9.94
C GLY A 79 -5.78 3.55 -9.00
N ALA A 80 -6.10 3.24 -7.75
CA ALA A 80 -6.31 4.27 -6.75
C ALA A 80 -4.98 4.92 -6.40
N LYS A 81 -4.88 6.21 -6.65
CA LYS A 81 -3.68 6.96 -6.36
C LYS A 81 -3.49 7.05 -4.85
N ILE A 82 -2.24 7.01 -4.43
CA ILE A 82 -1.92 7.10 -3.02
C ILE A 82 -0.69 8.00 -2.82
N MET A 83 -0.93 9.14 -2.19
CA MET A 83 0.12 10.10 -1.94
C MET A 83 0.78 9.85 -0.58
N VAL A 84 2.09 10.05 -0.54
CA VAL A 84 2.84 9.85 0.68
C VAL A 84 3.57 11.15 1.05
N VAL A 85 3.45 11.52 2.31
CA VAL A 85 4.10 12.73 2.80
C VAL A 85 5.10 12.37 3.89
N GLY A 86 6.06 13.26 4.10
CA GLY A 86 7.08 13.06 5.11
C GLY A 86 8.41 13.68 4.69
N SER A 87 9.37 13.62 5.58
CA SER A 87 10.69 14.17 5.32
C SER A 87 11.69 13.68 6.37
N THR A 88 12.88 13.33 5.90
CA THR A 88 13.93 12.85 6.78
C THR A 88 13.43 11.63 7.57
N ILE A 89 13.77 10.46 7.06
CA ILE A 89 13.38 9.22 7.71
C ILE A 89 14.33 8.93 8.88
N SER A 90 14.01 7.86 9.60
CA SER A 90 14.82 7.47 10.74
C SER A 90 15.47 6.12 10.48
N GLY A 91 14.63 5.11 10.27
CA GLY A 91 15.11 3.78 10.01
C GLY A 91 14.64 2.80 11.09
N PRO A 92 14.69 1.48 10.75
CA PRO A 92 14.27 0.44 11.67
C PRO A 92 15.31 0.24 12.78
N SER A 93 14.98 -0.64 13.70
CA SER A 93 15.87 -0.94 14.81
C SER A 93 16.23 -2.42 14.80
N SER A 94 15.21 -3.26 14.88
CA SER A 94 15.41 -4.70 14.87
C SER A 94 15.31 -5.25 13.44
N GLY A 95 15.87 -6.43 13.27
CA GLY A 95 15.86 -7.07 11.96
C GLY A 95 15.93 -8.59 12.10
N GLY A 1 27.28 -4.05 -21.48
CA GLY A 1 26.86 -4.49 -20.16
C GLY A 1 25.38 -4.85 -20.15
N SER A 2 24.91 -5.25 -18.97
CA SER A 2 23.51 -5.61 -18.81
C SER A 2 23.24 -6.03 -17.36
N SER A 3 22.02 -5.74 -16.91
CA SER A 3 21.64 -6.08 -15.56
C SER A 3 20.16 -5.75 -15.35
N GLY A 4 19.54 -6.49 -14.43
CA GLY A 4 18.13 -6.28 -14.12
C GLY A 4 17.62 -7.36 -13.17
N SER A 5 16.79 -6.93 -12.24
CA SER A 5 16.21 -7.85 -11.26
C SER A 5 14.98 -7.23 -10.62
N SER A 6 14.18 -8.08 -9.99
CA SER A 6 12.96 -7.63 -9.34
C SER A 6 12.32 -8.81 -8.59
N GLY A 7 11.33 -8.46 -7.76
CA GLY A 7 10.63 -9.46 -6.98
C GLY A 7 9.34 -8.89 -6.40
N ASP A 8 8.40 -9.78 -6.13
CA ASP A 8 7.12 -9.38 -5.56
C ASP A 8 6.46 -10.59 -4.91
N ALA A 9 5.67 -10.31 -3.87
CA ALA A 9 4.98 -11.36 -3.16
C ALA A 9 4.13 -10.74 -2.05
N GLY A 10 2.97 -11.36 -1.82
CA GLY A 10 2.06 -10.87 -0.80
C GLY A 10 0.97 -11.91 -0.50
N GLY A 11 0.02 -11.50 0.33
CA GLY A 11 -1.07 -12.38 0.71
C GLY A 11 -2.37 -11.60 0.88
N GLY A 12 -3.48 -12.34 0.91
CA GLY A 12 -4.79 -11.72 1.06
C GLY A 12 -5.89 -12.72 0.74
N VAL A 13 -7.09 -12.40 1.21
CA VAL A 13 -8.24 -13.26 0.97
C VAL A 13 -9.32 -12.47 0.23
N GLY A 14 -10.09 -13.19 -0.58
CA GLY A 14 -11.15 -12.57 -1.35
C GLY A 14 -10.94 -12.78 -2.85
N LYS A 15 -10.35 -11.78 -3.49
CA LYS A 15 -10.09 -11.85 -4.92
C LYS A 15 -8.70 -11.25 -5.20
N GLU A 16 -8.43 -11.06 -6.48
CA GLU A 16 -7.15 -10.51 -6.90
C GLU A 16 -6.95 -9.12 -6.27
N LEU A 17 -5.90 -9.03 -5.46
CA LEU A 17 -5.58 -7.78 -4.79
C LEU A 17 -5.78 -6.62 -5.77
N VAL A 18 -6.09 -5.46 -5.21
CA VAL A 18 -6.31 -4.28 -6.02
C VAL A 18 -4.96 -3.62 -6.31
N ASP A 19 -4.82 -3.16 -7.55
CA ASP A 19 -3.59 -2.50 -7.97
C ASP A 19 -3.59 -1.07 -7.46
N LEU A 20 -2.62 -0.80 -6.58
CA LEU A 20 -2.50 0.53 -6.01
C LEU A 20 -1.06 1.02 -6.20
N LYS A 21 -0.95 2.33 -6.41
CA LYS A 21 0.36 2.93 -6.61
C LYS A 21 0.74 3.74 -5.36
N ILE A 22 1.80 3.28 -4.70
CA ILE A 22 2.27 3.95 -3.50
C ILE A 22 3.05 5.21 -3.89
N ILE A 23 2.31 6.31 -3.96
CA ILE A 23 2.90 7.58 -4.32
C ILE A 23 3.62 8.17 -3.09
N TRP A 24 4.76 8.80 -3.35
CA TRP A 24 5.54 9.40 -2.30
C TRP A 24 6.73 10.12 -2.93
N ASN A 25 6.80 11.42 -2.69
CA ASN A 25 7.88 12.23 -3.23
C ASN A 25 7.69 12.37 -4.74
N LYS A 26 7.96 11.28 -5.45
CA LYS A 26 7.83 11.27 -6.89
C LYS A 26 8.19 9.88 -7.43
N THR A 27 7.74 8.87 -6.69
CA THR A 27 8.01 7.49 -7.07
C THR A 27 6.70 6.74 -7.29
N LYS A 28 6.82 5.58 -7.94
CA LYS A 28 5.66 4.76 -8.21
C LYS A 28 6.00 3.29 -7.91
N HIS A 29 5.48 2.82 -6.79
CA HIS A 29 5.71 1.44 -6.38
C HIS A 29 4.43 0.63 -6.54
N ASP A 30 4.50 -0.37 -7.40
CA ASP A 30 3.36 -1.22 -7.66
C ASP A 30 3.17 -2.18 -6.48
N VAL A 31 1.97 -2.15 -5.91
CA VAL A 31 1.65 -3.00 -4.78
C VAL A 31 0.23 -3.55 -4.95
N LYS A 32 0.08 -4.82 -4.60
CA LYS A 32 -1.22 -5.47 -4.70
C LYS A 32 -1.75 -5.77 -3.31
N VAL A 33 -2.82 -5.06 -2.95
CA VAL A 33 -3.43 -5.24 -1.65
C VAL A 33 -4.93 -5.52 -1.82
N PRO A 34 -5.50 -6.25 -0.83
CA PRO A 34 -6.91 -6.58 -0.86
C PRO A 34 -7.78 -5.37 -0.51
N LEU A 35 -9.00 -5.40 -1.00
CA LEU A 35 -9.94 -4.31 -0.75
C LEU A 35 -10.54 -4.47 0.64
N ASP A 36 -10.17 -5.57 1.29
CA ASP A 36 -10.67 -5.86 2.62
C ASP A 36 -9.81 -5.11 3.65
N SER A 37 -8.77 -4.46 3.15
CA SER A 37 -7.87 -3.71 4.01
C SER A 37 -8.59 -2.48 4.57
N THR A 38 -8.35 -2.22 5.84
CA THR A 38 -8.97 -1.08 6.51
C THR A 38 -8.23 0.21 6.14
N GLY A 39 -8.98 1.30 6.12
CA GLY A 39 -8.42 2.60 5.79
C GLY A 39 -7.10 2.82 6.53
N SER A 40 -7.00 2.20 7.70
CA SER A 40 -5.81 2.33 8.51
C SER A 40 -4.72 1.37 8.01
N GLU A 41 -5.14 0.14 7.78
CA GLU A 41 -4.21 -0.88 7.30
C GLU A 41 -3.26 -0.29 6.27
N LEU A 42 -3.79 0.65 5.49
CA LEU A 42 -3.00 1.30 4.46
C LEU A 42 -1.64 1.72 5.05
N LYS A 43 -1.71 2.32 6.24
CA LYS A 43 -0.51 2.77 6.91
C LYS A 43 0.54 1.65 6.86
N GLN A 44 0.25 0.57 7.56
CA GLN A 44 1.16 -0.56 7.60
C GLN A 44 1.42 -1.09 6.18
N LYS A 45 0.48 -0.79 5.29
CA LYS A 45 0.60 -1.23 3.91
C LYS A 45 1.62 -0.35 3.19
N ILE A 46 1.68 0.91 3.62
CA ILE A 46 2.59 1.86 3.02
C ILE A 46 3.93 1.82 3.78
N HIS A 47 3.82 1.84 5.09
CA HIS A 47 4.99 1.81 5.96
C HIS A 47 5.83 0.57 5.62
N SER A 48 5.14 -0.49 5.27
CA SER A 48 5.80 -1.74 4.92
C SER A 48 6.71 -1.53 3.71
N ILE A 49 6.45 -0.43 3.00
CA ILE A 49 7.23 -0.11 1.82
C ILE A 49 8.05 1.17 2.09
N THR A 50 7.31 2.24 2.37
CA THR A 50 7.94 3.51 2.65
C THR A 50 8.97 3.38 3.77
N GLY A 51 8.66 2.49 4.70
CA GLY A 51 9.54 2.25 5.83
C GLY A 51 9.52 3.43 6.80
N LEU A 52 8.66 4.39 6.49
CA LEU A 52 8.53 5.57 7.33
C LEU A 52 7.42 5.35 8.35
N PRO A 53 7.37 6.26 9.35
CA PRO A 53 6.37 6.18 10.40
C PRO A 53 5.00 6.63 9.88
N PRO A 54 3.93 6.02 10.46
CA PRO A 54 2.58 6.35 10.06
C PRO A 54 2.14 7.70 10.63
N ALA A 55 2.69 8.00 11.81
CA ALA A 55 2.37 9.26 12.48
C ALA A 55 2.74 10.43 11.55
N MET A 56 3.77 10.20 10.75
CA MET A 56 4.22 11.22 9.82
C MET A 56 3.81 10.88 8.38
N GLN A 57 2.67 10.21 8.27
CA GLN A 57 2.14 9.83 6.98
C GLN A 57 0.86 10.61 6.66
N LYS A 58 0.63 10.81 5.38
CA LYS A 58 -0.55 11.53 4.94
C LYS A 58 -1.36 10.65 3.97
N VAL A 59 -2.29 9.90 4.55
CA VAL A 59 -3.13 9.02 3.76
C VAL A 59 -4.28 9.81 3.15
N MET A 60 -4.14 10.11 1.86
CA MET A 60 -5.16 10.87 1.16
C MET A 60 -5.20 10.47 -0.32
N TYR A 61 -6.36 10.00 -0.75
CA TYR A 61 -6.55 9.59 -2.13
C TYR A 61 -7.77 10.28 -2.75
N LYS A 62 -7.49 11.28 -3.58
CA LYS A 62 -8.55 12.02 -4.24
C LYS A 62 -9.64 12.35 -3.22
N GLY A 63 -9.22 12.45 -1.97
CA GLY A 63 -10.16 12.76 -0.90
C GLY A 63 -9.71 12.13 0.42
N LEU A 64 -10.28 12.62 1.50
CA LEU A 64 -9.95 12.12 2.83
C LEU A 64 -10.30 10.63 2.89
N VAL A 65 -9.43 9.88 3.57
CA VAL A 65 -9.63 8.45 3.71
C VAL A 65 -10.01 8.13 5.16
N PRO A 66 -11.29 7.71 5.34
CA PRO A 66 -11.78 7.38 6.67
C PRO A 66 -11.23 6.03 7.14
N GLU A 67 -10.31 6.10 8.08
CA GLU A 67 -9.69 4.90 8.62
C GLU A 67 -10.77 4.00 9.25
N ASP A 68 -11.90 4.60 9.57
CA ASP A 68 -13.00 3.88 10.17
C ASP A 68 -13.68 3.01 9.10
N LYS A 69 -13.35 3.30 7.86
CA LYS A 69 -13.92 2.56 6.75
C LYS A 69 -12.78 1.97 5.91
N THR A 70 -13.04 0.79 5.36
CA THR A 70 -12.06 0.11 4.54
C THR A 70 -12.01 0.73 3.14
N LEU A 71 -10.93 0.43 2.43
CA LEU A 71 -10.74 0.95 1.09
C LEU A 71 -12.02 0.70 0.27
N ARG A 72 -12.42 -0.56 0.22
CA ARG A 72 -13.60 -0.95 -0.51
C ARG A 72 -14.81 -0.13 -0.03
N GLU A 73 -14.67 0.41 1.17
CA GLU A 73 -15.74 1.21 1.75
C GLU A 73 -15.51 2.70 1.46
N ILE A 74 -14.25 3.07 1.40
CA ILE A 74 -13.89 4.44 1.13
C ILE A 74 -14.01 4.72 -0.37
N LYS A 75 -14.41 3.68 -1.10
CA LYS A 75 -14.58 3.80 -2.53
C LYS A 75 -13.20 3.73 -3.21
N VAL A 76 -12.66 2.52 -3.26
CA VAL A 76 -11.37 2.31 -3.87
C VAL A 76 -11.52 1.37 -5.08
N THR A 77 -10.59 1.49 -6.00
CA THR A 77 -10.61 0.67 -7.20
C THR A 77 -9.18 0.26 -7.58
N SER A 78 -9.09 -0.39 -8.74
CA SER A 78 -7.80 -0.84 -9.23
C SER A 78 -7.10 0.29 -9.99
N GLY A 79 -6.08 0.86 -9.34
CA GLY A 79 -5.33 1.95 -9.93
C GLY A 79 -5.50 3.24 -9.13
N ALA A 80 -5.83 3.06 -7.85
CA ALA A 80 -6.02 4.20 -6.97
C ALA A 80 -4.67 4.65 -6.43
N LYS A 81 -4.33 5.90 -6.72
CA LYS A 81 -3.07 6.47 -6.28
C LYS A 81 -3.12 6.68 -4.76
N ILE A 82 -1.95 6.68 -4.15
CA ILE A 82 -1.85 6.87 -2.72
C ILE A 82 -0.69 7.83 -2.42
N MET A 83 -1.05 9.04 -2.04
CA MET A 83 -0.05 10.05 -1.72
C MET A 83 0.45 9.89 -0.28
N VAL A 84 1.76 9.98 -0.13
CA VAL A 84 2.38 9.85 1.18
C VAL A 84 3.31 11.04 1.43
N VAL A 85 3.53 11.32 2.70
CA VAL A 85 4.40 12.43 3.08
C VAL A 85 5.63 11.88 3.81
N GLY A 86 6.62 12.75 3.97
CA GLY A 86 7.84 12.36 4.65
C GLY A 86 9.02 12.36 3.68
N SER A 87 10.17 11.95 4.20
CA SER A 87 11.38 11.90 3.38
C SER A 87 12.51 11.25 4.18
N THR A 88 12.33 9.96 4.47
CA THR A 88 13.33 9.21 5.21
C THR A 88 13.79 10.01 6.44
N ILE A 89 13.13 9.75 7.55
CA ILE A 89 13.47 10.44 8.79
C ILE A 89 14.10 9.45 9.76
N SER A 90 13.70 8.20 9.64
CA SER A 90 14.23 7.15 10.50
C SER A 90 14.04 5.78 9.83
N GLY A 91 14.74 4.80 10.37
CA GLY A 91 14.66 3.44 9.85
C GLY A 91 15.66 2.52 10.55
N PRO A 92 15.41 2.30 11.87
CA PRO A 92 16.27 1.45 12.66
C PRO A 92 16.04 -0.03 12.32
N SER A 93 14.79 -0.45 12.45
CA SER A 93 14.43 -1.82 12.17
C SER A 93 15.15 -2.76 13.12
N SER A 94 14.52 -3.89 13.40
CA SER A 94 15.10 -4.89 14.28
C SER A 94 15.40 -6.17 13.51
N GLY A 95 16.60 -6.69 13.73
CA GLY A 95 17.02 -7.91 13.06
C GLY A 95 18.00 -8.70 13.92
N GLY A 1 20.07 -15.68 -30.67
CA GLY A 1 20.05 -17.13 -30.64
C GLY A 1 18.61 -17.65 -30.58
N SER A 2 18.31 -18.33 -29.48
CA SER A 2 16.98 -18.88 -29.29
C SER A 2 16.53 -18.67 -27.84
N SER A 3 15.23 -18.79 -27.63
CA SER A 3 14.66 -18.62 -26.31
C SER A 3 13.14 -18.77 -26.36
N GLY A 4 12.54 -18.85 -25.18
CA GLY A 4 11.10 -18.99 -25.09
C GLY A 4 10.67 -19.18 -23.63
N SER A 5 9.35 -19.24 -23.44
CA SER A 5 8.80 -19.41 -22.11
C SER A 5 7.63 -20.40 -22.16
N SER A 6 7.44 -21.08 -21.04
CA SER A 6 6.36 -22.06 -20.94
C SER A 6 6.23 -22.54 -19.49
N GLY A 7 7.31 -23.08 -18.97
CA GLY A 7 7.32 -23.57 -17.61
C GLY A 7 6.53 -22.65 -16.68
N ASP A 8 7.01 -21.42 -16.58
CA ASP A 8 6.36 -20.43 -15.74
C ASP A 8 4.84 -20.55 -15.89
N ALA A 9 4.19 -20.81 -14.76
CA ALA A 9 2.74 -20.96 -14.75
C ALA A 9 2.27 -21.23 -13.31
N GLY A 10 0.99 -20.96 -13.08
CA GLY A 10 0.41 -21.17 -11.77
C GLY A 10 -0.22 -19.88 -11.24
N GLY A 11 -1.19 -20.06 -10.35
CA GLY A 11 -1.89 -18.93 -9.77
C GLY A 11 -3.31 -19.31 -9.36
N GLY A 12 -3.92 -18.43 -8.58
CA GLY A 12 -5.29 -18.66 -8.13
C GLY A 12 -5.40 -18.40 -6.62
N VAL A 13 -5.80 -17.18 -6.30
CA VAL A 13 -5.96 -16.80 -4.90
C VAL A 13 -7.43 -16.42 -4.65
N GLY A 14 -7.75 -16.27 -3.37
CA GLY A 14 -9.10 -15.91 -2.98
C GLY A 14 -9.61 -14.73 -3.79
N LYS A 15 -9.01 -13.58 -3.55
CA LYS A 15 -9.39 -12.36 -4.25
C LYS A 15 -8.13 -11.61 -4.70
N GLU A 16 -8.01 -11.43 -6.00
CA GLU A 16 -6.86 -10.75 -6.56
C GLU A 16 -6.73 -9.35 -5.95
N LEU A 17 -5.71 -9.19 -5.12
CA LEU A 17 -5.47 -7.91 -4.47
C LEU A 17 -5.68 -6.78 -5.48
N VAL A 18 -5.98 -5.61 -4.94
CA VAL A 18 -6.20 -4.44 -5.78
C VAL A 18 -4.88 -3.74 -6.04
N ASP A 19 -4.78 -3.11 -7.21
CA ASP A 19 -3.58 -2.41 -7.59
C ASP A 19 -3.66 -0.97 -7.10
N LEU A 20 -2.55 -0.51 -6.53
CA LEU A 20 -2.48 0.85 -6.02
C LEU A 20 -1.09 1.43 -6.30
N LYS A 21 -1.07 2.72 -6.55
CA LYS A 21 0.19 3.41 -6.83
C LYS A 21 0.62 4.18 -5.59
N ILE A 22 1.77 3.77 -5.05
CA ILE A 22 2.31 4.41 -3.86
C ILE A 22 3.02 5.70 -4.27
N ILE A 23 2.25 6.78 -4.29
CA ILE A 23 2.78 8.07 -4.65
C ILE A 23 3.52 8.67 -3.46
N TRP A 24 4.80 8.96 -3.67
CA TRP A 24 5.62 9.54 -2.62
C TRP A 24 6.73 10.36 -3.29
N ASN A 25 6.54 11.67 -3.26
CA ASN A 25 7.51 12.58 -3.85
C ASN A 25 7.47 12.43 -5.37
N LYS A 26 7.93 11.28 -5.83
CA LYS A 26 7.96 10.99 -7.26
C LYS A 26 8.32 9.52 -7.47
N THR A 27 7.68 8.67 -6.69
CA THR A 27 7.92 7.23 -6.79
C THR A 27 6.62 6.49 -7.08
N LYS A 28 6.77 5.30 -7.65
CA LYS A 28 5.62 4.49 -7.99
C LYS A 28 5.91 3.03 -7.62
N HIS A 29 5.39 2.63 -6.47
CA HIS A 29 5.58 1.27 -6.00
C HIS A 29 4.29 0.47 -6.19
N ASP A 30 4.31 -0.40 -7.18
CA ASP A 30 3.16 -1.24 -7.47
C ASP A 30 2.98 -2.28 -6.37
N VAL A 31 1.97 -2.06 -5.54
CA VAL A 31 1.69 -2.97 -4.44
C VAL A 31 0.29 -3.55 -4.61
N LYS A 32 0.18 -4.84 -4.30
CA LYS A 32 -1.10 -5.51 -4.42
C LYS A 32 -1.65 -5.80 -3.02
N VAL A 33 -2.73 -5.12 -2.69
CA VAL A 33 -3.36 -5.29 -1.39
C VAL A 33 -4.87 -5.51 -1.59
N PRO A 34 -5.46 -6.24 -0.60
CA PRO A 34 -6.88 -6.53 -0.65
C PRO A 34 -7.71 -5.30 -0.30
N LEU A 35 -8.87 -5.19 -0.94
CA LEU A 35 -9.76 -4.07 -0.69
C LEU A 35 -10.41 -4.23 0.68
N ASP A 36 -10.33 -5.45 1.21
CA ASP A 36 -10.91 -5.75 2.50
C ASP A 36 -10.09 -5.04 3.59
N SER A 37 -8.93 -4.55 3.20
CA SER A 37 -8.06 -3.85 4.12
C SER A 37 -8.73 -2.58 4.64
N THR A 38 -8.52 -2.32 5.92
CA THR A 38 -9.11 -1.15 6.55
C THR A 38 -8.27 0.09 6.26
N GLY A 39 -8.97 1.22 6.11
CA GLY A 39 -8.29 2.47 5.83
C GLY A 39 -7.06 2.66 6.73
N SER A 40 -7.12 2.00 7.88
CA SER A 40 -6.02 2.08 8.84
C SER A 40 -4.85 1.21 8.36
N GLU A 41 -5.19 0.02 7.89
CA GLU A 41 -4.18 -0.91 7.41
C GLU A 41 -3.27 -0.21 6.39
N LEU A 42 -3.89 0.60 5.56
CA LEU A 42 -3.15 1.33 4.54
C LEU A 42 -1.83 1.84 5.12
N LYS A 43 -1.95 2.54 6.24
CA LYS A 43 -0.78 3.09 6.91
C LYS A 43 0.33 2.02 6.94
N GLN A 44 0.06 0.97 7.69
CA GLN A 44 1.02 -0.12 7.81
C GLN A 44 1.27 -0.76 6.45
N LYS A 45 0.32 -0.55 5.54
CA LYS A 45 0.44 -1.10 4.20
C LYS A 45 1.42 -0.25 3.39
N ILE A 46 1.51 1.01 3.76
CA ILE A 46 2.39 1.94 3.07
C ILE A 46 3.75 1.97 3.80
N HIS A 47 3.66 2.07 5.12
CA HIS A 47 4.86 2.11 5.95
C HIS A 47 5.70 0.86 5.69
N SER A 48 5.01 -0.22 5.35
CA SER A 48 5.68 -1.48 5.07
C SER A 48 6.45 -1.39 3.77
N ILE A 49 6.19 -0.32 3.03
CA ILE A 49 6.86 -0.10 1.76
C ILE A 49 7.75 1.14 1.86
N THR A 50 7.10 2.26 2.15
CA THR A 50 7.82 3.52 2.28
C THR A 50 8.94 3.39 3.32
N GLY A 51 8.67 2.58 4.33
CA GLY A 51 9.64 2.36 5.40
C GLY A 51 9.46 3.39 6.52
N LEU A 52 9.00 4.57 6.12
CA LEU A 52 8.79 5.65 7.07
C LEU A 52 7.61 5.29 7.98
N PRO A 53 7.47 6.08 9.08
CA PRO A 53 6.39 5.85 10.03
C PRO A 53 5.05 6.34 9.46
N PRO A 54 3.98 5.61 9.84
CA PRO A 54 2.64 5.96 9.38
C PRO A 54 2.10 7.19 10.12
N ALA A 55 2.57 7.34 11.35
CA ALA A 55 2.16 8.46 12.18
C ALA A 55 2.59 9.76 11.51
N MET A 56 3.64 9.67 10.71
CA MET A 56 4.17 10.83 10.01
C MET A 56 3.57 10.93 8.60
N GLN A 57 3.34 9.77 8.01
CA GLN A 57 2.79 9.71 6.66
C GLN A 57 1.41 10.37 6.63
N LYS A 58 0.96 10.68 5.42
CA LYS A 58 -0.32 11.32 5.24
C LYS A 58 -1.13 10.54 4.20
N VAL A 59 -1.97 9.64 4.71
CA VAL A 59 -2.80 8.83 3.83
C VAL A 59 -3.98 9.66 3.33
N MET A 60 -3.88 10.10 2.09
CA MET A 60 -4.92 10.91 1.49
C MET A 60 -4.99 10.68 -0.03
N TYR A 61 -6.14 10.23 -0.48
CA TYR A 61 -6.34 9.97 -1.90
C TYR A 61 -7.60 10.68 -2.42
N LYS A 62 -7.36 11.82 -3.05
CA LYS A 62 -8.46 12.61 -3.60
C LYS A 62 -9.52 12.82 -2.52
N GLY A 63 -9.09 12.70 -1.28
CA GLY A 63 -9.98 12.87 -0.14
C GLY A 63 -9.48 12.10 1.08
N LEU A 64 -9.83 12.61 2.24
CA LEU A 64 -9.42 11.98 3.49
C LEU A 64 -9.86 10.51 3.47
N VAL A 65 -9.00 9.67 4.03
CA VAL A 65 -9.29 8.24 4.09
C VAL A 65 -9.72 7.87 5.51
N PRO A 66 -11.02 7.50 5.64
CA PRO A 66 -11.57 7.12 6.92
C PRO A 66 -11.09 5.73 7.34
N GLU A 67 -10.65 5.62 8.59
CA GLU A 67 -10.17 4.36 9.11
C GLU A 67 -11.34 3.49 9.55
N ASP A 68 -12.47 4.14 9.77
CA ASP A 68 -13.67 3.43 10.19
C ASP A 68 -14.30 2.74 8.98
N LYS A 69 -13.73 3.01 7.82
CA LYS A 69 -14.23 2.42 6.59
C LYS A 69 -13.05 1.87 5.78
N THR A 70 -13.26 0.69 5.22
CA THR A 70 -12.23 0.04 4.42
C THR A 70 -12.10 0.71 3.05
N LEU A 71 -11.04 0.36 2.35
CA LEU A 71 -10.79 0.93 1.04
C LEU A 71 -12.05 0.80 0.18
N ARG A 72 -12.47 -0.45 -0.01
CA ARG A 72 -13.65 -0.73 -0.80
C ARG A 72 -14.81 0.16 -0.36
N GLU A 73 -14.72 0.63 0.88
CA GLU A 73 -15.75 1.49 1.43
C GLU A 73 -15.39 2.96 1.18
N ILE A 74 -14.12 3.28 1.37
CA ILE A 74 -13.65 4.63 1.17
C ILE A 74 -13.71 4.97 -0.32
N LYS A 75 -13.98 3.95 -1.12
CA LYS A 75 -14.06 4.13 -2.56
C LYS A 75 -12.67 3.99 -3.18
N VAL A 76 -12.33 2.75 -3.51
CA VAL A 76 -11.03 2.47 -4.10
C VAL A 76 -11.21 1.48 -5.25
N THR A 77 -10.31 1.58 -6.22
CA THR A 77 -10.35 0.70 -7.38
C THR A 77 -8.95 0.16 -7.69
N SER A 78 -8.89 -0.66 -8.73
CA SER A 78 -7.63 -1.26 -9.13
C SER A 78 -6.84 -0.27 -9.99
N GLY A 79 -5.83 0.33 -9.37
CA GLY A 79 -4.99 1.30 -10.07
C GLY A 79 -5.13 2.68 -9.46
N ALA A 80 -5.53 2.70 -8.19
CA ALA A 80 -5.70 3.96 -7.47
C ALA A 80 -4.33 4.55 -7.17
N LYS A 81 -4.36 5.71 -6.52
CA LYS A 81 -3.14 6.40 -6.16
C LYS A 81 -3.13 6.68 -4.66
N ILE A 82 -1.92 6.76 -4.10
CA ILE A 82 -1.76 7.01 -2.69
C ILE A 82 -0.63 8.01 -2.48
N MET A 83 -1.01 9.20 -2.02
CA MET A 83 -0.04 10.25 -1.78
C MET A 83 0.63 10.08 -0.41
N VAL A 84 1.95 10.18 -0.42
CA VAL A 84 2.73 10.04 0.80
C VAL A 84 3.49 11.34 1.09
N VAL A 85 3.55 11.69 2.36
CA VAL A 85 4.24 12.89 2.77
C VAL A 85 5.30 12.54 3.81
N GLY A 86 6.38 13.31 3.80
CA GLY A 86 7.47 13.09 4.74
C GLY A 86 8.82 13.41 4.10
N SER A 87 9.86 12.87 4.70
CA SER A 87 11.21 13.10 4.21
C SER A 87 11.65 14.53 4.50
N THR A 88 12.96 14.72 4.55
CA THR A 88 13.52 16.03 4.81
C THR A 88 13.01 16.57 6.16
N ILE A 89 13.65 17.63 6.62
CA ILE A 89 13.27 18.24 7.88
C ILE A 89 13.32 17.19 8.99
N SER A 90 12.16 16.65 9.31
CA SER A 90 12.06 15.65 10.35
C SER A 90 12.95 14.44 10.00
N GLY A 91 13.43 13.78 11.04
CA GLY A 91 14.28 12.62 10.85
C GLY A 91 14.58 11.93 12.19
N PRO A 92 13.79 10.86 12.47
CA PRO A 92 13.95 10.12 13.71
C PRO A 92 15.21 9.23 13.65
N SER A 93 15.23 8.35 12.67
CA SER A 93 16.35 7.45 12.49
C SER A 93 16.12 6.56 11.27
N SER A 94 16.64 7.02 10.14
CA SER A 94 16.50 6.28 8.89
C SER A 94 15.03 6.18 8.51
N GLY A 95 14.78 6.28 7.21
CA GLY A 95 13.43 6.20 6.71
C GLY A 95 13.40 6.31 5.18
N GLY A 1 15.16 -40.21 -22.60
CA GLY A 1 14.54 -38.91 -22.40
C GLY A 1 13.03 -39.05 -22.21
N SER A 2 12.46 -38.08 -21.51
CA SER A 2 11.02 -38.08 -21.27
C SER A 2 10.64 -36.86 -20.42
N SER A 3 9.35 -36.59 -20.41
CA SER A 3 8.83 -35.45 -19.66
C SER A 3 7.32 -35.35 -19.83
N GLY A 4 6.72 -34.52 -19.00
CA GLY A 4 5.27 -34.32 -19.05
C GLY A 4 4.66 -34.36 -17.64
N SER A 5 3.96 -33.29 -17.30
CA SER A 5 3.33 -33.19 -16.00
C SER A 5 2.59 -31.85 -15.87
N SER A 6 1.52 -31.87 -15.09
CA SER A 6 0.73 -30.68 -14.88
C SER A 6 -0.40 -30.97 -13.88
N GLY A 7 -1.06 -29.90 -13.45
CA GLY A 7 -2.15 -30.03 -12.51
C GLY A 7 -2.68 -28.65 -12.09
N ASP A 8 -3.94 -28.42 -12.38
CA ASP A 8 -4.57 -27.15 -12.04
C ASP A 8 -5.99 -27.13 -12.61
N ALA A 9 -6.95 -27.08 -11.69
CA ALA A 9 -8.35 -27.06 -12.09
C ALA A 9 -9.20 -26.65 -10.88
N GLY A 10 -10.34 -26.03 -11.18
CA GLY A 10 -11.25 -25.58 -10.14
C GLY A 10 -11.34 -24.06 -10.12
N GLY A 11 -12.56 -23.57 -10.35
CA GLY A 11 -12.80 -22.14 -10.36
C GLY A 11 -13.66 -21.71 -9.17
N GLY A 12 -14.51 -20.73 -9.41
CA GLY A 12 -15.38 -20.23 -8.37
C GLY A 12 -14.89 -18.89 -7.83
N VAL A 13 -14.87 -18.79 -6.51
CA VAL A 13 -14.42 -17.56 -5.86
C VAL A 13 -13.03 -17.19 -6.38
N GLY A 14 -12.87 -15.92 -6.71
CA GLY A 14 -11.59 -15.43 -7.21
C GLY A 14 -11.46 -13.93 -6.97
N LYS A 15 -10.64 -13.59 -5.99
CA LYS A 15 -10.41 -12.20 -5.65
C LYS A 15 -8.91 -11.94 -5.56
N GLU A 16 -8.41 -11.11 -6.47
CA GLU A 16 -7.01 -10.77 -6.49
C GLU A 16 -6.78 -9.36 -5.96
N LEU A 17 -5.74 -9.22 -5.14
CA LEU A 17 -5.41 -7.92 -4.56
C LEU A 17 -5.52 -6.85 -5.64
N VAL A 18 -5.85 -5.65 -5.20
CA VAL A 18 -5.99 -4.52 -6.11
C VAL A 18 -4.63 -3.84 -6.28
N ASP A 19 -4.44 -3.27 -7.46
CA ASP A 19 -3.19 -2.58 -7.75
C ASP A 19 -3.29 -1.13 -7.28
N LEU A 20 -2.37 -0.78 -6.39
CA LEU A 20 -2.33 0.56 -5.85
C LEU A 20 -0.94 1.17 -6.07
N LYS A 21 -0.93 2.44 -6.43
CA LYS A 21 0.32 3.14 -6.68
C LYS A 21 0.70 3.94 -5.44
N ILE A 22 1.71 3.47 -4.74
CA ILE A 22 2.18 4.13 -3.54
C ILE A 22 2.91 5.43 -3.92
N ILE A 23 2.12 6.47 -4.14
CA ILE A 23 2.67 7.75 -4.52
C ILE A 23 3.31 8.40 -3.29
N TRP A 24 4.59 8.73 -3.44
CA TRP A 24 5.33 9.36 -2.35
C TRP A 24 6.44 10.20 -2.97
N ASN A 25 6.29 11.51 -2.85
CA ASN A 25 7.28 12.44 -3.38
C ASN A 25 7.22 12.40 -4.91
N LYS A 26 7.80 11.35 -5.47
CA LYS A 26 7.82 11.19 -6.91
C LYS A 26 8.15 9.73 -7.25
N THR A 27 7.75 8.84 -6.35
CA THR A 27 8.00 7.43 -6.55
C THR A 27 6.68 6.68 -6.77
N LYS A 28 6.80 5.52 -7.39
CA LYS A 28 5.62 4.70 -7.68
C LYS A 28 5.95 3.23 -7.40
N HIS A 29 5.52 2.78 -6.23
CA HIS A 29 5.76 1.41 -5.83
C HIS A 29 4.51 0.56 -6.10
N ASP A 30 4.68 -0.42 -6.97
CA ASP A 30 3.57 -1.29 -7.34
C ASP A 30 3.37 -2.33 -6.22
N VAL A 31 2.26 -2.19 -5.52
CA VAL A 31 1.94 -3.09 -4.44
C VAL A 31 0.49 -3.58 -4.60
N LYS A 32 0.29 -4.85 -4.28
CA LYS A 32 -1.02 -5.45 -4.39
C LYS A 32 -1.58 -5.71 -2.99
N VAL A 33 -2.76 -5.13 -2.74
CA VAL A 33 -3.40 -5.30 -1.44
C VAL A 33 -4.89 -5.53 -1.66
N PRO A 34 -5.51 -6.24 -0.68
CA PRO A 34 -6.93 -6.54 -0.74
C PRO A 34 -7.77 -5.32 -0.43
N LEU A 35 -8.90 -5.21 -1.12
CA LEU A 35 -9.79 -4.08 -0.91
C LEU A 35 -10.42 -4.18 0.48
N ASP A 36 -10.29 -5.35 1.06
CA ASP A 36 -10.84 -5.59 2.39
C ASP A 36 -9.99 -4.85 3.43
N SER A 37 -8.79 -4.48 3.02
CA SER A 37 -7.88 -3.78 3.89
C SER A 37 -8.56 -2.52 4.44
N THR A 38 -8.50 -2.39 5.76
CA THR A 38 -9.10 -1.25 6.42
C THR A 38 -8.28 0.01 6.17
N GLY A 39 -8.99 1.13 5.99
CA GLY A 39 -8.33 2.40 5.75
C GLY A 39 -7.11 2.57 6.64
N SER A 40 -7.16 1.91 7.79
CA SER A 40 -6.06 1.98 8.74
C SER A 40 -4.89 1.12 8.26
N GLU A 41 -5.22 -0.11 7.92
CA GLU A 41 -4.21 -1.05 7.45
C GLU A 41 -3.25 -0.35 6.47
N LEU A 42 -3.82 0.52 5.65
CA LEU A 42 -3.05 1.25 4.67
C LEU A 42 -1.73 1.71 5.31
N LYS A 43 -1.86 2.31 6.48
CA LYS A 43 -0.69 2.79 7.21
C LYS A 43 0.39 1.72 7.17
N GLN A 44 0.12 0.61 7.84
CA GLN A 44 1.07 -0.49 7.90
C GLN A 44 1.30 -1.05 6.50
N LYS A 45 0.36 -0.77 5.61
CA LYS A 45 0.47 -1.24 4.24
C LYS A 45 1.48 -0.38 3.48
N ILE A 46 1.59 0.87 3.90
CA ILE A 46 2.52 1.80 3.29
C ILE A 46 3.84 1.78 4.04
N HIS A 47 3.73 1.88 5.36
CA HIS A 47 4.91 1.87 6.21
C HIS A 47 5.74 0.62 5.93
N SER A 48 5.08 -0.39 5.38
CA SER A 48 5.73 -1.63 5.06
C SER A 48 6.51 -1.49 3.74
N ILE A 49 6.21 -0.43 3.03
CA ILE A 49 6.87 -0.16 1.76
C ILE A 49 7.72 1.11 1.88
N THR A 50 7.04 2.20 2.19
CA THR A 50 7.72 3.48 2.33
C THR A 50 8.87 3.37 3.34
N GLY A 51 8.65 2.52 4.34
CA GLY A 51 9.65 2.32 5.37
C GLY A 51 9.60 3.42 6.42
N LEU A 52 8.81 4.44 6.12
CA LEU A 52 8.66 5.56 7.04
C LEU A 52 7.55 5.26 8.05
N PRO A 53 7.49 6.11 9.10
CA PRO A 53 6.49 5.94 10.14
C PRO A 53 5.11 6.39 9.65
N PRO A 54 4.06 5.69 10.18
CA PRO A 54 2.69 6.01 9.81
C PRO A 54 2.22 7.29 10.48
N ALA A 55 2.79 7.56 11.65
CA ALA A 55 2.45 8.76 12.39
C ALA A 55 2.77 9.99 11.55
N MET A 56 3.80 9.86 10.74
CA MET A 56 4.21 10.95 9.88
C MET A 56 3.82 10.69 8.41
N GLN A 57 2.71 9.98 8.26
CA GLN A 57 2.22 9.65 6.93
C GLN A 57 0.96 10.47 6.61
N LYS A 58 0.71 10.65 5.33
CA LYS A 58 -0.44 11.39 4.88
C LYS A 58 -1.23 10.57 3.87
N VAL A 59 -2.19 9.81 4.38
CA VAL A 59 -3.01 8.97 3.54
C VAL A 59 -4.19 9.80 2.99
N MET A 60 -4.06 10.16 1.72
CA MET A 60 -5.09 10.95 1.06
C MET A 60 -5.15 10.64 -0.44
N TYR A 61 -6.31 10.18 -0.87
CA TYR A 61 -6.51 9.85 -2.27
C TYR A 61 -7.74 10.56 -2.84
N LYS A 62 -7.47 11.60 -3.61
CA LYS A 62 -8.54 12.38 -4.21
C LYS A 62 -9.61 12.68 -3.16
N GLY A 63 -9.17 12.69 -1.91
CA GLY A 63 -10.07 12.97 -0.80
C GLY A 63 -9.60 12.27 0.48
N LEU A 64 -10.01 12.83 1.61
CA LEU A 64 -9.63 12.28 2.90
C LEU A 64 -10.02 10.80 2.94
N VAL A 65 -9.14 9.99 3.51
CA VAL A 65 -9.38 8.57 3.63
C VAL A 65 -9.62 8.21 5.09
N PRO A 66 -10.90 7.84 5.39
CA PRO A 66 -11.28 7.47 6.74
C PRO A 66 -10.75 6.07 7.10
N GLU A 67 -9.93 6.04 8.13
CA GLU A 67 -9.36 4.78 8.59
C GLU A 67 -10.43 3.91 9.24
N ASP A 68 -11.58 4.51 9.46
CA ASP A 68 -12.70 3.81 10.07
C ASP A 68 -13.46 3.04 8.99
N LYS A 69 -13.04 3.23 7.75
CA LYS A 69 -13.67 2.56 6.63
C LYS A 69 -12.60 1.91 5.75
N THR A 70 -12.98 0.80 5.14
CA THR A 70 -12.06 0.08 4.28
C THR A 70 -11.97 0.75 2.90
N LEU A 71 -10.94 0.38 2.16
CA LEU A 71 -10.73 0.93 0.84
C LEU A 71 -12.00 0.73 0.00
N ARG A 72 -12.52 -0.49 0.05
CA ARG A 72 -13.72 -0.82 -0.70
C ARG A 72 -14.91 -0.03 -0.16
N GLU A 73 -14.72 0.53 1.03
CA GLU A 73 -15.77 1.31 1.65
C GLU A 73 -15.56 2.80 1.38
N ILE A 74 -14.30 3.21 1.44
CA ILE A 74 -13.97 4.60 1.20
C ILE A 74 -14.03 4.89 -0.30
N LYS A 75 -14.31 3.85 -1.06
CA LYS A 75 -14.41 3.96 -2.50
C LYS A 75 -13.01 3.84 -3.11
N VAL A 76 -12.59 2.59 -3.30
CA VAL A 76 -11.29 2.33 -3.88
C VAL A 76 -11.42 1.23 -4.95
N THR A 77 -10.55 1.34 -5.95
CA THR A 77 -10.56 0.37 -7.04
C THR A 77 -9.15 0.20 -7.61
N SER A 78 -9.08 -0.55 -8.69
CA SER A 78 -7.80 -0.81 -9.34
C SER A 78 -7.32 0.45 -10.07
N GLY A 79 -6.29 1.07 -9.51
CA GLY A 79 -5.73 2.26 -10.08
C GLY A 79 -5.92 3.47 -9.14
N ALA A 80 -6.06 3.16 -7.87
CA ALA A 80 -6.25 4.19 -6.86
C ALA A 80 -4.88 4.73 -6.44
N LYS A 81 -4.69 6.02 -6.67
CA LYS A 81 -3.44 6.67 -6.32
C LYS A 81 -3.40 6.91 -4.81
N ILE A 82 -2.21 6.87 -4.27
CA ILE A 82 -2.02 7.08 -2.84
C ILE A 82 -0.81 7.99 -2.61
N MET A 83 -1.11 9.24 -2.29
CA MET A 83 -0.07 10.22 -2.04
C MET A 83 0.41 10.17 -0.59
N VAL A 84 1.71 10.01 -0.43
CA VAL A 84 2.30 9.95 0.89
C VAL A 84 3.26 11.12 1.09
N VAL A 85 3.44 11.51 2.34
CA VAL A 85 4.32 12.61 2.67
C VAL A 85 4.92 12.39 4.05
N GLY A 86 6.11 12.94 4.24
CA GLY A 86 6.80 12.81 5.51
C GLY A 86 8.32 12.91 5.34
N SER A 87 9.03 12.71 6.43
CA SER A 87 10.48 12.78 6.40
C SER A 87 11.05 12.43 7.77
N THR A 88 12.18 11.72 7.75
CA THR A 88 12.83 11.31 8.98
C THR A 88 14.25 10.83 8.70
N ILE A 89 14.87 10.26 9.73
CA ILE A 89 16.22 9.75 9.60
C ILE A 89 16.29 8.35 10.23
N SER A 90 15.78 7.38 9.49
CA SER A 90 15.78 6.01 9.96
C SER A 90 17.13 5.35 9.64
N GLY A 91 17.46 4.35 10.44
CA GLY A 91 18.71 3.63 10.27
C GLY A 91 18.52 2.13 10.48
N PRO A 92 18.74 1.36 9.39
CA PRO A 92 18.60 -0.09 9.45
C PRO A 92 19.78 -0.73 10.18
N SER A 93 19.70 -2.05 10.31
CA SER A 93 20.76 -2.78 10.99
C SER A 93 20.42 -4.28 11.00
N SER A 94 21.44 -5.08 11.25
CA SER A 94 21.27 -6.52 11.30
C SER A 94 22.59 -7.20 11.68
N GLY A 95 22.49 -8.14 12.60
CA GLY A 95 23.66 -8.86 13.06
C GLY A 95 23.44 -9.43 14.47
N GLY A 1 6.03 -26.80 -40.05
CA GLY A 1 6.61 -27.49 -38.92
C GLY A 1 5.71 -27.35 -37.68
N SER A 2 5.79 -26.18 -37.07
CA SER A 2 5.00 -25.90 -35.89
C SER A 2 5.41 -26.84 -34.75
N SER A 3 5.72 -26.24 -33.60
CA SER A 3 6.12 -27.02 -32.44
C SER A 3 6.28 -26.10 -31.23
N GLY A 4 5.74 -26.56 -30.11
CA GLY A 4 5.81 -25.80 -28.87
C GLY A 4 4.94 -26.43 -27.78
N SER A 5 5.34 -26.18 -26.54
CA SER A 5 4.61 -26.72 -25.41
C SER A 5 5.29 -26.30 -24.10
N SER A 6 4.46 -26.03 -23.09
CA SER A 6 4.97 -25.62 -21.80
C SER A 6 3.84 -25.62 -20.78
N GLY A 7 4.22 -25.44 -19.52
CA GLY A 7 3.25 -25.41 -18.44
C GLY A 7 3.34 -24.10 -17.65
N ASP A 8 2.37 -23.91 -16.77
CA ASP A 8 2.34 -22.71 -15.95
C ASP A 8 1.48 -22.97 -14.70
N ALA A 9 2.08 -22.70 -13.55
CA ALA A 9 1.39 -22.90 -12.29
C ALA A 9 0.74 -21.58 -11.86
N GLY A 10 -0.43 -21.70 -11.25
CA GLY A 10 -1.16 -20.54 -10.78
C GLY A 10 -2.20 -20.93 -9.73
N GLY A 11 -2.41 -20.02 -8.78
CA GLY A 11 -3.37 -20.26 -7.72
C GLY A 11 -3.93 -18.94 -7.18
N GLY A 12 -5.18 -19.00 -6.74
CA GLY A 12 -5.84 -17.82 -6.21
C GLY A 12 -7.33 -17.82 -6.58
N VAL A 13 -8.15 -18.17 -5.59
CA VAL A 13 -9.58 -18.21 -5.79
C VAL A 13 -10.25 -17.23 -4.81
N GLY A 14 -10.78 -16.15 -5.38
CA GLY A 14 -11.46 -15.14 -4.58
C GLY A 14 -11.44 -13.79 -5.29
N LYS A 15 -10.66 -12.87 -4.74
CA LYS A 15 -10.54 -11.54 -5.30
C LYS A 15 -9.07 -11.14 -5.35
N GLU A 16 -8.61 -10.86 -6.56
CA GLU A 16 -7.23 -10.45 -6.76
C GLU A 16 -6.99 -9.07 -6.15
N LEU A 17 -5.96 -9.00 -5.32
CA LEU A 17 -5.61 -7.74 -4.67
C LEU A 17 -5.78 -6.60 -5.67
N VAL A 18 -6.07 -5.42 -5.13
CA VAL A 18 -6.26 -4.25 -5.96
C VAL A 18 -4.91 -3.56 -6.18
N ASP A 19 -4.72 -3.09 -7.41
CA ASP A 19 -3.49 -2.42 -7.76
C ASP A 19 -3.52 -0.97 -7.26
N LEU A 20 -2.45 -0.60 -6.56
CA LEU A 20 -2.35 0.74 -6.01
C LEU A 20 -0.95 1.29 -6.27
N LYS A 21 -0.88 2.60 -6.48
CA LYS A 21 0.40 3.25 -6.73
C LYS A 21 0.85 3.98 -5.47
N ILE A 22 1.99 3.57 -4.95
CA ILE A 22 2.54 4.18 -3.75
C ILE A 22 3.24 5.48 -4.13
N ILE A 23 2.46 6.55 -4.20
CA ILE A 23 3.00 7.85 -4.54
C ILE A 23 3.64 8.48 -3.31
N TRP A 24 4.89 8.89 -3.47
CA TRP A 24 5.62 9.51 -2.38
C TRP A 24 6.80 10.28 -2.98
N ASN A 25 6.65 11.60 -3.01
CA ASN A 25 7.69 12.45 -3.54
C ASN A 25 7.71 12.32 -5.06
N LYS A 26 8.05 11.12 -5.51
CA LYS A 26 8.13 10.83 -6.94
C LYS A 26 8.47 9.37 -7.15
N THR A 27 7.80 8.52 -6.37
CA THR A 27 8.02 7.08 -6.47
C THR A 27 6.71 6.36 -6.77
N LYS A 28 6.83 5.31 -7.57
CA LYS A 28 5.66 4.53 -7.95
C LYS A 28 5.94 3.05 -7.68
N HIS A 29 5.49 2.59 -6.53
CA HIS A 29 5.69 1.20 -6.14
C HIS A 29 4.37 0.43 -6.31
N ASP A 30 4.35 -0.42 -7.33
CA ASP A 30 3.17 -1.22 -7.61
C ASP A 30 3.02 -2.30 -6.53
N VAL A 31 1.96 -2.16 -5.74
CA VAL A 31 1.70 -3.11 -4.67
C VAL A 31 0.27 -3.63 -4.80
N LYS A 32 0.12 -4.93 -4.56
CA LYS A 32 -1.18 -5.56 -4.63
C LYS A 32 -1.71 -5.82 -3.23
N VAL A 33 -2.75 -5.08 -2.88
CA VAL A 33 -3.35 -5.22 -1.56
C VAL A 33 -4.85 -5.52 -1.72
N PRO A 34 -5.41 -6.19 -0.69
CA PRO A 34 -6.83 -6.54 -0.70
C PRO A 34 -7.70 -5.32 -0.43
N LEU A 35 -8.92 -5.37 -0.94
CA LEU A 35 -9.86 -4.28 -0.75
C LEU A 35 -10.56 -4.43 0.60
N ASP A 36 -10.43 -5.62 1.16
CA ASP A 36 -11.03 -5.91 2.45
C ASP A 36 -10.23 -5.21 3.56
N SER A 37 -9.04 -4.77 3.19
CA SER A 37 -8.18 -4.08 4.13
C SER A 37 -8.88 -2.85 4.69
N THR A 38 -8.53 -2.51 5.92
CA THR A 38 -9.12 -1.35 6.59
C THR A 38 -8.32 -0.10 6.28
N GLY A 39 -9.03 1.01 6.14
CA GLY A 39 -8.40 2.28 5.84
C GLY A 39 -7.22 2.54 6.78
N SER A 40 -7.26 1.87 7.93
CA SER A 40 -6.20 2.02 8.92
C SER A 40 -4.97 1.21 8.49
N GLU A 41 -5.22 -0.04 8.12
CA GLU A 41 -4.16 -0.92 7.69
C GLU A 41 -3.27 -0.22 6.66
N LEU A 42 -3.90 0.60 5.83
CA LEU A 42 -3.18 1.34 4.81
C LEU A 42 -1.85 1.82 5.38
N LYS A 43 -1.92 2.46 6.53
CA LYS A 43 -0.72 2.97 7.18
C LYS A 43 0.36 1.88 7.17
N GLN A 44 0.09 0.81 7.90
CA GLN A 44 1.02 -0.30 7.98
C GLN A 44 1.21 -0.94 6.61
N LYS A 45 0.28 -0.63 5.72
CA LYS A 45 0.33 -1.17 4.37
C LYS A 45 1.32 -0.36 3.53
N ILE A 46 1.44 0.91 3.88
CA ILE A 46 2.35 1.81 3.18
C ILE A 46 3.69 1.83 3.92
N HIS A 47 3.60 1.91 5.23
CA HIS A 47 4.81 1.94 6.06
C HIS A 47 5.64 0.69 5.80
N SER A 48 4.97 -0.35 5.34
CA SER A 48 5.64 -1.61 5.05
C SER A 48 6.46 -1.49 3.77
N ILE A 49 6.19 -0.42 3.03
CA ILE A 49 6.91 -0.16 1.79
C ILE A 49 7.74 1.11 1.94
N THR A 50 7.05 2.21 2.19
CA THR A 50 7.72 3.49 2.35
C THR A 50 8.87 3.37 3.36
N GLY A 51 8.64 2.56 4.37
CA GLY A 51 9.64 2.35 5.41
C GLY A 51 9.60 3.46 6.45
N LEU A 52 8.86 4.52 6.12
CA LEU A 52 8.73 5.64 7.02
C LEU A 52 7.63 5.35 8.05
N PRO A 53 7.57 6.21 9.09
CA PRO A 53 6.57 6.07 10.14
C PRO A 53 5.19 6.50 9.65
N PRO A 54 4.15 5.82 10.19
CA PRO A 54 2.78 6.13 9.82
C PRO A 54 2.31 7.42 10.48
N ALA A 55 2.81 7.65 11.69
CA ALA A 55 2.46 8.84 12.45
C ALA A 55 2.79 10.08 11.60
N MET A 56 3.79 9.93 10.75
CA MET A 56 4.21 11.03 9.89
C MET A 56 3.82 10.76 8.43
N GLN A 57 2.72 10.04 8.27
CA GLN A 57 2.24 9.70 6.94
C GLN A 57 0.95 10.48 6.65
N LYS A 58 0.73 10.73 5.36
CA LYS A 58 -0.46 11.46 4.93
C LYS A 58 -1.22 10.61 3.91
N VAL A 59 -2.16 9.83 4.41
CA VAL A 59 -2.96 8.97 3.57
C VAL A 59 -4.15 9.77 3.02
N MET A 60 -4.04 10.14 1.74
CA MET A 60 -5.10 10.90 1.10
C MET A 60 -5.15 10.58 -0.40
N TYR A 61 -6.31 10.10 -0.82
CA TYR A 61 -6.52 9.75 -2.22
C TYR A 61 -7.77 10.45 -2.78
N LYS A 62 -7.53 11.51 -3.53
CA LYS A 62 -8.61 12.26 -4.13
C LYS A 62 -9.67 12.56 -3.06
N GLY A 63 -9.23 12.57 -1.82
CA GLY A 63 -10.11 12.84 -0.71
C GLY A 63 -9.62 12.14 0.57
N LEU A 64 -10.03 12.69 1.70
CA LEU A 64 -9.65 12.13 2.98
C LEU A 64 -10.03 10.65 3.03
N VAL A 65 -9.14 9.86 3.62
CA VAL A 65 -9.37 8.43 3.73
C VAL A 65 -9.66 8.08 5.20
N PRO A 66 -10.95 7.73 5.46
CA PRO A 66 -11.36 7.38 6.80
C PRO A 66 -10.88 5.98 7.18
N GLU A 67 -10.02 5.93 8.19
CA GLU A 67 -9.47 4.67 8.65
C GLU A 67 -10.57 3.80 9.25
N ASP A 68 -11.73 4.41 9.44
CA ASP A 68 -12.87 3.72 10.01
C ASP A 68 -13.60 2.96 8.90
N LYS A 69 -13.17 3.21 7.67
CA LYS A 69 -13.78 2.56 6.52
C LYS A 69 -12.68 1.90 5.68
N THR A 70 -13.03 0.75 5.11
CA THR A 70 -12.10 0.01 4.29
C THR A 70 -11.94 0.68 2.91
N LEU A 71 -10.84 0.36 2.25
CA LEU A 71 -10.57 0.93 0.94
C LEU A 71 -11.80 0.76 0.06
N ARG A 72 -12.37 -0.44 0.09
CA ARG A 72 -13.56 -0.73 -0.70
C ARG A 72 -14.75 0.08 -0.19
N GLU A 73 -14.66 0.47 1.08
CA GLU A 73 -15.72 1.24 1.70
C GLU A 73 -15.58 2.72 1.33
N ILE A 74 -14.34 3.19 1.30
CA ILE A 74 -14.07 4.57 0.96
C ILE A 74 -14.14 4.75 -0.56
N LYS A 75 -14.36 3.62 -1.24
CA LYS A 75 -14.44 3.64 -2.69
C LYS A 75 -13.03 3.59 -3.28
N VAL A 76 -12.47 2.39 -3.32
CA VAL A 76 -11.14 2.20 -3.86
C VAL A 76 -11.17 1.10 -4.92
N THR A 77 -10.33 1.27 -5.93
CA THR A 77 -10.26 0.30 -7.01
C THR A 77 -8.80 0.08 -7.43
N SER A 78 -8.63 -0.61 -8.55
CA SER A 78 -7.31 -0.89 -9.07
C SER A 78 -6.79 0.31 -9.86
N GLY A 79 -5.84 1.01 -9.25
CA GLY A 79 -5.26 2.19 -9.88
C GLY A 79 -5.58 3.46 -9.08
N ALA A 80 -5.91 3.25 -7.82
CA ALA A 80 -6.24 4.37 -6.95
C ALA A 80 -4.95 5.04 -6.47
N LYS A 81 -4.82 6.31 -6.81
CA LYS A 81 -3.64 7.07 -6.42
C LYS A 81 -3.55 7.11 -4.89
N ILE A 82 -2.32 7.01 -4.40
CA ILE A 82 -2.09 7.03 -2.97
C ILE A 82 -0.85 7.88 -2.68
N MET A 83 -1.10 9.12 -2.27
CA MET A 83 -0.02 10.04 -1.96
C MET A 83 0.45 9.86 -0.51
N VAL A 84 1.75 9.97 -0.32
CA VAL A 84 2.33 9.84 1.01
C VAL A 84 3.24 11.04 1.30
N VAL A 85 3.47 11.27 2.58
CA VAL A 85 4.31 12.38 2.99
C VAL A 85 5.63 11.83 3.54
N GLY A 86 6.60 12.73 3.68
CA GLY A 86 7.90 12.34 4.19
C GLY A 86 8.21 13.08 5.51
N SER A 87 9.05 14.09 5.40
CA SER A 87 9.44 14.86 6.56
C SER A 87 10.28 14.02 7.52
N THR A 88 11.56 13.93 7.21
CA THR A 88 12.48 13.15 8.02
C THR A 88 12.65 13.80 9.40
N ILE A 89 12.80 12.95 10.41
CA ILE A 89 12.97 13.43 11.76
C ILE A 89 14.30 12.91 12.32
N SER A 90 15.06 13.82 12.89
CA SER A 90 16.35 13.46 13.47
C SER A 90 16.25 13.40 14.98
N GLY A 91 16.56 12.23 15.52
CA GLY A 91 16.51 12.02 16.95
C GLY A 91 17.14 10.68 17.34
N PRO A 92 18.21 10.77 18.19
CA PRO A 92 18.90 9.58 18.63
C PRO A 92 18.09 8.83 19.69
N SER A 93 18.62 7.69 20.09
CA SER A 93 17.96 6.87 21.09
C SER A 93 18.99 6.13 21.94
N SER A 94 18.58 5.76 23.14
CA SER A 94 19.45 5.06 24.06
C SER A 94 18.81 3.75 24.50
N GLY A 95 19.57 2.67 24.36
CA GLY A 95 19.09 1.35 24.74
C GLY A 95 19.25 1.11 26.24
N GLY A 1 -9.67 -39.84 -28.97
CA GLY A 1 -8.69 -38.91 -28.44
C GLY A 1 -8.16 -39.39 -27.09
N SER A 2 -7.16 -38.65 -26.59
CA SER A 2 -6.56 -38.99 -25.31
C SER A 2 -5.52 -37.93 -24.93
N SER A 3 -5.60 -37.49 -23.68
CA SER A 3 -4.67 -36.48 -23.18
C SER A 3 -5.02 -36.12 -21.74
N GLY A 4 -4.04 -35.56 -21.05
CA GLY A 4 -4.23 -35.16 -19.67
C GLY A 4 -3.31 -33.99 -19.31
N SER A 5 -3.73 -33.25 -18.28
CA SER A 5 -2.96 -32.10 -17.83
C SER A 5 -3.67 -31.44 -16.65
N SER A 6 -2.88 -31.09 -15.64
CA SER A 6 -3.41 -30.45 -14.46
C SER A 6 -2.27 -30.10 -13.49
N GLY A 7 -2.62 -29.33 -12.48
CA GLY A 7 -1.64 -28.92 -11.48
C GLY A 7 -1.77 -27.43 -11.16
N ASP A 8 -2.05 -27.14 -9.90
CA ASP A 8 -2.20 -25.77 -9.46
C ASP A 8 -1.39 -25.56 -8.18
N ALA A 9 -0.86 -24.35 -8.05
CA ALA A 9 -0.06 -24.00 -6.89
C ALA A 9 0.21 -22.49 -6.88
N GLY A 10 -0.85 -21.74 -6.61
CA GLY A 10 -0.74 -20.29 -6.57
C GLY A 10 -0.62 -19.79 -5.13
N GLY A 11 -1.26 -18.66 -4.88
CA GLY A 11 -1.24 -18.06 -3.55
C GLY A 11 -2.54 -17.31 -3.26
N GLY A 12 -3.21 -17.73 -2.20
CA GLY A 12 -4.47 -17.11 -1.82
C GLY A 12 -5.57 -17.41 -2.83
N VAL A 13 -6.79 -17.50 -2.32
CA VAL A 13 -7.93 -17.80 -3.15
C VAL A 13 -9.15 -17.04 -2.63
N GLY A 14 -9.78 -16.28 -3.52
CA GLY A 14 -10.95 -15.51 -3.15
C GLY A 14 -11.14 -14.32 -4.10
N LYS A 15 -10.21 -13.39 -4.02
CA LYS A 15 -10.27 -12.21 -4.87
C LYS A 15 -8.85 -11.63 -5.02
N GLU A 16 -8.49 -11.36 -6.26
CA GLU A 16 -7.18 -10.82 -6.56
C GLU A 16 -7.04 -9.42 -5.93
N LEU A 17 -5.90 -9.23 -5.27
CA LEU A 17 -5.63 -7.96 -4.62
C LEU A 17 -5.87 -6.82 -5.61
N VAL A 18 -5.94 -5.61 -5.07
CA VAL A 18 -6.17 -4.44 -5.90
C VAL A 18 -4.84 -3.75 -6.18
N ASP A 19 -4.74 -3.19 -7.39
CA ASP A 19 -3.52 -2.51 -7.79
C ASP A 19 -3.54 -1.09 -7.24
N LEU A 20 -2.45 -0.72 -6.58
CA LEU A 20 -2.33 0.61 -6.01
C LEU A 20 -0.92 1.14 -6.26
N LYS A 21 -0.84 2.46 -6.42
CA LYS A 21 0.44 3.10 -6.66
C LYS A 21 0.86 3.89 -5.42
N ILE A 22 1.96 3.46 -4.82
CA ILE A 22 2.48 4.12 -3.63
C ILE A 22 3.36 5.30 -4.04
N ILE A 23 2.73 6.47 -4.14
CA ILE A 23 3.45 7.67 -4.52
C ILE A 23 3.82 8.45 -3.26
N TRP A 24 5.13 8.59 -3.06
CA TRP A 24 5.63 9.31 -1.90
C TRP A 24 6.83 10.15 -2.36
N ASN A 25 6.66 10.79 -3.50
CA ASN A 25 7.72 11.62 -4.05
C ASN A 25 7.43 11.88 -5.53
N LYS A 26 7.20 10.81 -6.26
CA LYS A 26 6.91 10.90 -7.68
C LYS A 26 6.78 9.50 -8.27
N THR A 27 7.61 8.60 -7.76
CA THR A 27 7.59 7.22 -8.23
C THR A 27 6.26 6.55 -7.87
N LYS A 28 5.99 5.45 -8.55
CA LYS A 28 4.76 4.71 -8.31
C LYS A 28 5.10 3.24 -8.08
N HIS A 29 5.08 2.84 -6.82
CA HIS A 29 5.37 1.47 -6.46
C HIS A 29 4.11 0.61 -6.59
N ASP A 30 4.08 -0.20 -7.64
CA ASP A 30 2.95 -1.07 -7.89
C ASP A 30 2.91 -2.17 -6.83
N VAL A 31 1.93 -2.07 -5.95
CA VAL A 31 1.77 -3.05 -4.88
C VAL A 31 0.37 -3.66 -4.96
N LYS A 32 0.28 -4.90 -4.53
CA LYS A 32 -0.99 -5.61 -4.55
C LYS A 32 -1.49 -5.78 -3.11
N VAL A 33 -2.69 -5.27 -2.88
CA VAL A 33 -3.29 -5.36 -1.56
C VAL A 33 -4.80 -5.60 -1.70
N PRO A 34 -5.37 -6.29 -0.67
CA PRO A 34 -6.79 -6.58 -0.67
C PRO A 34 -7.62 -5.34 -0.35
N LEU A 35 -8.76 -5.24 -1.00
CA LEU A 35 -9.65 -4.10 -0.79
C LEU A 35 -10.25 -4.19 0.62
N ASP A 36 -10.11 -5.37 1.22
CA ASP A 36 -10.63 -5.60 2.55
C ASP A 36 -9.81 -4.80 3.56
N SER A 37 -8.62 -4.41 3.13
CA SER A 37 -7.73 -3.64 3.98
C SER A 37 -8.47 -2.42 4.54
N THR A 38 -8.36 -2.24 5.85
CA THR A 38 -9.01 -1.12 6.52
C THR A 38 -8.26 0.17 6.21
N GLY A 39 -9.03 1.24 6.03
CA GLY A 39 -8.46 2.55 5.74
C GLY A 39 -7.18 2.77 6.55
N SER A 40 -7.15 2.15 7.72
CA SER A 40 -5.99 2.28 8.60
C SER A 40 -4.87 1.34 8.14
N GLU A 41 -5.26 0.09 7.92
CA GLU A 41 -4.30 -0.91 7.48
C GLU A 41 -3.31 -0.29 6.47
N LEU A 42 -3.84 0.59 5.64
CA LEU A 42 -3.03 1.25 4.63
C LEU A 42 -1.68 1.61 5.24
N LYS A 43 -1.73 2.22 6.41
CA LYS A 43 -0.53 2.63 7.10
C LYS A 43 0.50 1.50 7.04
N GLN A 44 0.17 0.41 7.73
CA GLN A 44 1.04 -0.75 7.77
C GLN A 44 1.31 -1.26 6.35
N LYS A 45 0.43 -0.88 5.44
CA LYS A 45 0.56 -1.29 4.06
C LYS A 45 1.60 -0.41 3.36
N ILE A 46 1.66 0.84 3.81
CA ILE A 46 2.61 1.78 3.25
C ILE A 46 3.93 1.71 4.03
N HIS A 47 3.80 1.69 5.35
CA HIS A 47 4.95 1.61 6.21
C HIS A 47 5.79 0.39 5.85
N SER A 48 5.13 -0.58 5.23
CA SER A 48 5.80 -1.81 4.83
C SER A 48 6.63 -1.55 3.57
N ILE A 49 6.34 -0.44 2.92
CA ILE A 49 7.05 -0.08 1.71
C ILE A 49 7.86 1.19 1.96
N THR A 50 7.15 2.26 2.30
CA THR A 50 7.79 3.53 2.57
C THR A 50 8.82 3.38 3.69
N GLY A 51 8.53 2.47 4.60
CA GLY A 51 9.42 2.22 5.72
C GLY A 51 9.41 3.40 6.70
N LEU A 52 8.55 4.35 6.42
CA LEU A 52 8.42 5.53 7.26
C LEU A 52 7.36 5.29 8.32
N PRO A 53 7.33 6.20 9.33
CA PRO A 53 6.36 6.09 10.42
C PRO A 53 4.97 6.52 9.96
N PRO A 54 3.94 5.86 10.55
CA PRO A 54 2.56 6.17 10.21
C PRO A 54 2.12 7.50 10.82
N ALA A 55 2.68 7.79 11.99
CA ALA A 55 2.35 9.01 12.69
C ALA A 55 2.69 10.22 11.80
N MET A 56 3.67 10.00 10.93
CA MET A 56 4.09 11.05 10.02
C MET A 56 3.69 10.72 8.58
N GLN A 57 2.54 10.06 8.45
CA GLN A 57 2.04 9.69 7.14
C GLN A 57 0.81 10.51 6.79
N LYS A 58 0.57 10.65 5.49
CA LYS A 58 -0.56 11.42 5.01
C LYS A 58 -1.39 10.55 4.05
N VAL A 59 -2.37 9.87 4.63
CA VAL A 59 -3.24 9.00 3.84
C VAL A 59 -4.37 9.84 3.24
N MET A 60 -4.20 10.21 1.98
CA MET A 60 -5.19 11.00 1.28
C MET A 60 -5.18 10.70 -0.22
N TYR A 61 -6.33 10.25 -0.71
CA TYR A 61 -6.46 9.92 -2.12
C TYR A 61 -7.66 10.64 -2.73
N LYS A 62 -7.36 11.71 -3.45
CA LYS A 62 -8.40 12.50 -4.10
C LYS A 62 -9.51 12.79 -3.08
N GLY A 63 -9.13 12.78 -1.81
CA GLY A 63 -10.08 13.04 -0.75
C GLY A 63 -9.67 12.33 0.54
N LEU A 64 -10.12 12.89 1.65
CA LEU A 64 -9.80 12.32 2.95
C LEU A 64 -10.20 10.85 2.98
N VAL A 65 -9.35 10.05 3.60
CA VAL A 65 -9.61 8.62 3.69
C VAL A 65 -9.91 8.25 5.15
N PRO A 66 -11.19 7.86 5.38
CA PRO A 66 -11.63 7.48 6.71
C PRO A 66 -11.09 6.10 7.11
N GLU A 67 -10.28 6.10 8.15
CA GLU A 67 -9.69 4.86 8.64
C GLU A 67 -10.76 3.97 9.27
N ASP A 68 -11.95 4.55 9.42
CA ASP A 68 -13.05 3.83 10.02
C ASP A 68 -13.78 3.03 8.94
N LYS A 69 -13.32 3.21 7.71
CA LYS A 69 -13.92 2.50 6.59
C LYS A 69 -12.80 1.88 5.74
N THR A 70 -13.10 0.71 5.20
CA THR A 70 -12.14 0.00 4.37
C THR A 70 -11.99 0.68 3.01
N LEU A 71 -10.96 0.29 2.28
CA LEU A 71 -10.71 0.86 0.97
C LEU A 71 -11.96 0.71 0.10
N ARG A 72 -12.40 -0.53 -0.03
CA ARG A 72 -13.59 -0.82 -0.82
C ARG A 72 -14.79 -0.07 -0.27
N GLU A 73 -14.65 0.40 0.96
CA GLU A 73 -15.73 1.13 1.61
C GLU A 73 -15.55 2.64 1.38
N ILE A 74 -14.30 3.06 1.36
CA ILE A 74 -13.98 4.46 1.15
C ILE A 74 -13.98 4.76 -0.35
N LYS A 75 -14.34 3.74 -1.12
CA LYS A 75 -14.38 3.88 -2.57
C LYS A 75 -12.96 3.75 -3.13
N VAL A 76 -12.50 2.51 -3.22
CA VAL A 76 -11.17 2.24 -3.74
C VAL A 76 -11.24 1.10 -4.76
N THR A 77 -10.37 1.17 -5.74
CA THR A 77 -10.32 0.15 -6.77
C THR A 77 -8.87 -0.05 -7.25
N SER A 78 -8.76 -0.72 -8.39
CA SER A 78 -7.45 -1.00 -8.96
C SER A 78 -6.95 0.23 -9.74
N GLY A 79 -5.95 0.88 -9.17
CA GLY A 79 -5.37 2.06 -9.78
C GLY A 79 -5.60 3.31 -8.93
N ALA A 80 -5.78 3.07 -7.63
CA ALA A 80 -6.00 4.14 -6.70
C ALA A 80 -4.67 4.82 -6.36
N LYS A 81 -4.58 6.09 -6.70
CA LYS A 81 -3.37 6.85 -6.44
C LYS A 81 -3.25 7.13 -4.95
N ILE A 82 -2.01 7.15 -4.47
CA ILE A 82 -1.76 7.40 -3.07
C ILE A 82 -0.57 8.35 -2.93
N MET A 83 -0.84 9.51 -2.35
CA MET A 83 0.20 10.51 -2.16
C MET A 83 0.62 10.59 -0.70
N VAL A 84 1.86 10.21 -0.44
CA VAL A 84 2.40 10.23 0.91
C VAL A 84 3.27 11.48 1.08
N VAL A 85 3.40 11.90 2.34
CA VAL A 85 4.19 13.07 2.66
C VAL A 85 5.08 12.77 3.87
N GLY A 86 6.18 13.49 3.95
CA GLY A 86 7.12 13.32 5.05
C GLY A 86 8.57 13.32 4.54
N SER A 87 9.44 12.68 5.32
CA SER A 87 10.84 12.61 4.96
C SER A 87 11.26 11.15 4.82
N THR A 88 12.21 10.92 3.93
CA THR A 88 12.71 9.57 3.69
C THR A 88 13.62 9.14 4.84
N ILE A 89 13.46 7.88 5.24
CA ILE A 89 14.25 7.32 6.32
C ILE A 89 13.83 7.99 7.63
N SER A 90 13.48 7.14 8.59
CA SER A 90 13.06 7.62 9.90
C SER A 90 12.91 6.45 10.86
N GLY A 91 14.04 6.01 11.42
CA GLY A 91 14.04 4.91 12.35
C GLY A 91 15.37 4.81 13.08
N PRO A 92 15.41 5.38 14.31
CA PRO A 92 16.62 5.36 15.11
C PRO A 92 16.85 3.98 15.72
N SER A 93 17.01 3.00 14.84
CA SER A 93 17.24 1.64 15.27
C SER A 93 16.02 1.11 16.04
N SER A 94 16.19 -0.07 16.63
CA SER A 94 15.11 -0.67 17.40
C SER A 94 15.65 -1.15 18.76
N GLY A 95 16.68 -1.98 18.69
CA GLY A 95 17.28 -2.50 19.90
C GLY A 95 17.99 -3.83 19.62
N GLY A 1 24.51 -38.14 -5.73
CA GLY A 1 23.11 -37.94 -6.03
C GLY A 1 22.64 -36.54 -5.64
N SER A 2 21.85 -35.94 -6.52
CA SER A 2 21.34 -34.60 -6.28
C SER A 2 20.33 -34.23 -7.37
N SER A 3 19.30 -33.51 -6.95
CA SER A 3 18.26 -33.08 -7.87
C SER A 3 17.67 -31.74 -7.42
N GLY A 4 17.14 -31.73 -6.21
CA GLY A 4 16.56 -30.53 -5.65
C GLY A 4 15.03 -30.57 -5.73
N SER A 5 14.49 -29.62 -6.46
CA SER A 5 13.05 -29.53 -6.64
C SER A 5 12.37 -29.33 -5.28
N SER A 6 12.10 -28.08 -4.96
CA SER A 6 11.46 -27.74 -3.70
C SER A 6 10.96 -26.29 -3.74
N GLY A 7 9.75 -26.11 -3.22
CA GLY A 7 9.15 -24.79 -3.19
C GLY A 7 7.71 -24.83 -3.71
N ASP A 8 6.77 -24.76 -2.78
CA ASP A 8 5.36 -24.78 -3.13
C ASP A 8 4.61 -23.77 -2.26
N ALA A 9 3.96 -22.82 -2.94
CA ALA A 9 3.20 -21.81 -2.24
C ALA A 9 2.29 -21.10 -3.24
N GLY A 10 1.27 -21.83 -3.69
CA GLY A 10 0.32 -21.28 -4.64
C GLY A 10 -1.12 -21.44 -4.13
N GLY A 11 -2.05 -20.88 -4.90
CA GLY A 11 -3.45 -20.94 -4.53
C GLY A 11 -4.03 -19.55 -4.33
N GLY A 12 -4.38 -19.26 -3.08
CA GLY A 12 -4.94 -17.96 -2.75
C GLY A 12 -6.25 -17.72 -3.51
N VAL A 13 -7.35 -17.91 -2.81
CA VAL A 13 -8.67 -17.71 -3.40
C VAL A 13 -9.36 -16.54 -2.71
N GLY A 14 -10.42 -16.06 -3.35
CA GLY A 14 -11.18 -14.95 -2.81
C GLY A 14 -11.27 -13.81 -3.83
N LYS A 15 -10.30 -12.91 -3.76
CA LYS A 15 -10.26 -11.77 -4.66
C LYS A 15 -8.81 -11.31 -4.81
N GLU A 16 -8.40 -11.11 -6.06
CA GLU A 16 -7.06 -10.66 -6.35
C GLU A 16 -6.84 -9.25 -5.81
N LEU A 17 -5.78 -9.10 -5.03
CA LEU A 17 -5.45 -7.81 -4.44
C LEU A 17 -5.67 -6.72 -5.48
N VAL A 18 -5.96 -5.51 -4.98
CA VAL A 18 -6.19 -4.38 -5.86
C VAL A 18 -4.85 -3.71 -6.18
N ASP A 19 -4.75 -3.22 -7.41
CA ASP A 19 -3.53 -2.56 -7.85
C ASP A 19 -3.57 -1.09 -7.39
N LEU A 20 -2.55 -0.74 -6.62
CA LEU A 20 -2.45 0.62 -6.11
C LEU A 20 -1.04 1.15 -6.36
N LYS A 21 -0.96 2.43 -6.68
CA LYS A 21 0.32 3.06 -6.95
C LYS A 21 0.77 3.83 -5.70
N ILE A 22 1.88 3.37 -5.13
CA ILE A 22 2.43 4.00 -3.95
C ILE A 22 3.20 5.25 -4.34
N ILE A 23 2.49 6.37 -4.37
CA ILE A 23 3.09 7.64 -4.73
C ILE A 23 3.78 8.24 -3.50
N TRP A 24 4.98 8.76 -3.73
CA TRP A 24 5.74 9.37 -2.66
C TRP A 24 6.90 10.15 -3.28
N ASN A 25 6.81 11.47 -3.16
CA ASN A 25 7.85 12.33 -3.71
C ASN A 25 7.80 12.27 -5.24
N LYS A 26 8.30 11.17 -5.77
CA LYS A 26 8.32 10.97 -7.21
C LYS A 26 8.67 9.52 -7.52
N THR A 27 8.15 8.62 -6.69
CA THR A 27 8.40 7.20 -6.86
C THR A 27 7.09 6.45 -7.03
N LYS A 28 7.19 5.26 -7.62
CA LYS A 28 6.02 4.43 -7.84
C LYS A 28 6.36 2.97 -7.50
N HIS A 29 5.88 2.55 -6.34
CA HIS A 29 6.13 1.20 -5.88
C HIS A 29 4.87 0.34 -6.11
N ASP A 30 4.96 -0.55 -7.08
CA ASP A 30 3.85 -1.42 -7.40
C ASP A 30 3.64 -2.41 -6.25
N VAL A 31 2.45 -2.35 -5.68
CA VAL A 31 2.10 -3.22 -4.57
C VAL A 31 0.64 -3.68 -4.72
N LYS A 32 0.40 -4.92 -4.36
CA LYS A 32 -0.93 -5.49 -4.45
C LYS A 32 -1.48 -5.71 -3.04
N VAL A 33 -2.60 -5.06 -2.76
CA VAL A 33 -3.23 -5.17 -1.46
C VAL A 33 -4.73 -5.40 -1.64
N PRO A 34 -5.33 -6.13 -0.65
CA PRO A 34 -6.76 -6.43 -0.70
C PRO A 34 -7.58 -5.19 -0.35
N LEU A 35 -8.79 -5.15 -0.91
CA LEU A 35 -9.69 -4.03 -0.66
C LEU A 35 -10.27 -4.14 0.74
N ASP A 36 -10.20 -5.36 1.28
CA ASP A 36 -10.71 -5.61 2.62
C ASP A 36 -9.90 -4.82 3.63
N SER A 37 -8.75 -4.34 3.18
CA SER A 37 -7.87 -3.57 4.04
C SER A 37 -8.61 -2.33 4.58
N THR A 38 -8.37 -2.06 5.85
CA THR A 38 -9.02 -0.92 6.50
C THR A 38 -8.26 0.37 6.17
N GLY A 39 -9.03 1.45 6.02
CA GLY A 39 -8.45 2.74 5.72
C GLY A 39 -7.15 2.96 6.50
N SER A 40 -7.07 2.33 7.65
CA SER A 40 -5.89 2.45 8.49
C SER A 40 -4.79 1.53 7.97
N GLU A 41 -5.17 0.29 7.70
CA GLU A 41 -4.23 -0.69 7.19
C GLU A 41 -3.25 -0.03 6.21
N LEU A 42 -3.79 0.84 5.38
CA LEU A 42 -2.98 1.55 4.39
C LEU A 42 -1.67 1.97 5.04
N LYS A 43 -1.79 2.60 6.20
CA LYS A 43 -0.62 3.07 6.92
C LYS A 43 0.43 1.96 6.96
N GLN A 44 0.08 0.88 7.65
CA GLN A 44 0.97 -0.26 7.77
C GLN A 44 1.26 -0.87 6.40
N LYS A 45 0.37 -0.56 5.47
CA LYS A 45 0.50 -1.08 4.12
C LYS A 45 1.56 -0.26 3.37
N ILE A 46 1.68 1.00 3.75
CA ILE A 46 2.63 1.89 3.13
C ILE A 46 3.93 1.87 3.94
N HIS A 47 3.77 1.94 5.26
CA HIS A 47 4.92 1.93 6.16
C HIS A 47 5.75 0.67 5.91
N SER A 48 5.08 -0.36 5.41
CA SER A 48 5.74 -1.62 5.14
C SER A 48 6.56 -1.50 3.84
N ILE A 49 6.32 -0.42 3.13
CA ILE A 49 7.03 -0.17 1.88
C ILE A 49 7.92 1.06 2.04
N THR A 50 7.28 2.18 2.32
CA THR A 50 8.00 3.44 2.50
C THR A 50 9.12 3.27 3.52
N GLY A 51 8.85 2.43 4.52
CA GLY A 51 9.82 2.18 5.56
C GLY A 51 9.75 3.26 6.64
N LEU A 52 9.04 4.33 6.33
CA LEU A 52 8.88 5.42 7.27
C LEU A 52 7.72 5.13 8.22
N PRO A 53 7.64 5.95 9.29
CA PRO A 53 6.58 5.79 10.27
C PRO A 53 5.24 6.30 9.73
N PRO A 54 4.15 5.62 10.18
CA PRO A 54 2.81 6.00 9.76
C PRO A 54 2.35 7.28 10.45
N ALA A 55 2.91 7.52 11.63
CA ALA A 55 2.58 8.70 12.40
C ALA A 55 2.91 9.95 11.58
N MET A 56 3.87 9.79 10.69
CA MET A 56 4.29 10.89 9.83
C MET A 56 3.66 10.78 8.45
N GLN A 57 2.97 9.68 8.22
CA GLN A 57 2.31 9.45 6.95
C GLN A 57 1.00 10.22 6.87
N LYS A 58 0.62 10.57 5.65
CA LYS A 58 -0.61 11.31 5.44
C LYS A 58 -1.43 10.61 4.36
N VAL A 59 -2.31 9.72 4.81
CA VAL A 59 -3.16 8.97 3.90
C VAL A 59 -4.31 9.87 3.45
N MET A 60 -4.25 10.28 2.18
CA MET A 60 -5.28 11.13 1.62
C MET A 60 -5.44 10.88 0.12
N TYR A 61 -6.64 10.48 -0.27
CA TYR A 61 -6.93 10.21 -1.66
C TYR A 61 -8.18 10.97 -2.12
N LYS A 62 -7.94 12.09 -2.79
CA LYS A 62 -9.02 12.91 -3.30
C LYS A 62 -10.07 13.09 -2.19
N GLY A 63 -9.60 12.98 -0.95
CA GLY A 63 -10.48 13.13 0.19
C GLY A 63 -9.97 12.31 1.39
N LEU A 64 -10.31 12.78 2.57
CA LEU A 64 -9.89 12.12 3.79
C LEU A 64 -10.33 10.65 3.74
N VAL A 65 -9.45 9.78 4.23
CA VAL A 65 -9.74 8.35 4.24
C VAL A 65 -10.17 7.93 5.64
N PRO A 66 -11.45 7.51 5.76
CA PRO A 66 -12.00 7.09 7.03
C PRO A 66 -11.47 5.69 7.42
N GLU A 67 -10.62 5.68 8.42
CA GLU A 67 -10.04 4.43 8.89
C GLU A 67 -11.14 3.50 9.42
N ASP A 68 -12.26 4.11 9.77
CA ASP A 68 -13.39 3.35 10.28
C ASP A 68 -14.04 2.56 9.14
N LYS A 69 -13.64 2.90 7.93
CA LYS A 69 -14.17 2.24 6.74
C LYS A 69 -13.00 1.71 5.90
N THR A 70 -13.26 0.60 5.23
CA THR A 70 -12.24 -0.02 4.39
C THR A 70 -12.20 0.68 3.03
N LEU A 71 -11.11 0.44 2.32
CA LEU A 71 -10.93 1.04 1.00
C LEU A 71 -12.19 0.81 0.17
N ARG A 72 -12.57 -0.44 0.04
CA ARG A 72 -13.75 -0.80 -0.72
C ARG A 72 -14.96 0.00 -0.24
N GLU A 73 -14.84 0.51 0.98
CA GLU A 73 -15.91 1.30 1.57
C GLU A 73 -15.65 2.79 1.34
N ILE A 74 -14.39 3.16 1.42
CA ILE A 74 -13.99 4.54 1.23
C ILE A 74 -14.01 4.87 -0.26
N LYS A 75 -14.26 3.85 -1.06
CA LYS A 75 -14.31 4.01 -2.50
C LYS A 75 -12.90 3.90 -3.07
N VAL A 76 -12.53 2.69 -3.45
CA VAL A 76 -11.22 2.44 -4.02
C VAL A 76 -11.32 1.33 -5.07
N THR A 77 -10.54 1.50 -6.13
CA THR A 77 -10.53 0.53 -7.21
C THR A 77 -9.09 0.18 -7.60
N SER A 78 -8.98 -0.60 -8.67
CA SER A 78 -7.67 -1.01 -9.15
C SER A 78 -7.03 0.13 -9.95
N GLY A 79 -6.07 0.78 -9.33
CA GLY A 79 -5.38 1.88 -9.97
C GLY A 79 -5.66 3.20 -9.25
N ALA A 80 -6.03 3.09 -7.99
CA ALA A 80 -6.34 4.26 -7.18
C ALA A 80 -5.04 4.93 -6.75
N LYS A 81 -4.90 6.19 -7.13
CA LYS A 81 -3.71 6.95 -6.79
C LYS A 81 -3.67 7.17 -5.28
N ILE A 82 -2.47 7.06 -4.73
CA ILE A 82 -2.28 7.24 -3.30
C ILE A 82 -1.00 8.06 -3.06
N MET A 83 -1.20 9.27 -2.57
CA MET A 83 -0.10 10.16 -2.29
C MET A 83 0.44 9.95 -0.88
N VAL A 84 1.75 9.93 -0.76
CA VAL A 84 2.40 9.75 0.53
C VAL A 84 3.22 10.98 0.86
N VAL A 85 3.21 11.33 2.15
CA VAL A 85 3.95 12.49 2.62
C VAL A 85 5.29 12.02 3.20
N GLY A 86 6.11 13.01 3.55
CA GLY A 86 7.41 12.72 4.13
C GLY A 86 7.71 13.66 5.30
N SER A 87 9.01 13.83 5.56
CA SER A 87 9.44 14.70 6.64
C SER A 87 9.28 13.98 7.98
N THR A 88 10.28 13.17 8.31
CA THR A 88 10.25 12.42 9.56
C THR A 88 11.29 12.99 10.53
N ILE A 89 11.05 14.23 10.94
CA ILE A 89 11.95 14.89 11.86
C ILE A 89 12.21 13.97 13.07
N SER A 90 13.46 13.95 13.49
CA SER A 90 13.84 13.12 14.63
C SER A 90 13.55 11.65 14.32
N GLY A 91 14.61 10.89 14.11
CA GLY A 91 14.48 9.48 13.82
C GLY A 91 15.57 9.01 12.85
N PRO A 92 16.69 8.50 13.43
CA PRO A 92 17.80 8.03 12.64
C PRO A 92 17.47 6.67 12.00
N SER A 93 18.38 6.23 11.14
CA SER A 93 18.21 4.96 10.46
C SER A 93 18.54 3.81 11.41
N SER A 94 17.60 2.87 11.51
CA SER A 94 17.78 1.71 12.36
C SER A 94 17.21 0.47 11.69
N GLY A 95 15.92 0.54 11.38
CA GLY A 95 15.24 -0.57 10.75
C GLY A 95 14.13 -1.11 11.64
N GLY A 1 20.05 -10.43 -23.03
CA GLY A 1 20.17 -11.46 -22.02
C GLY A 1 18.85 -12.19 -21.81
N SER A 2 18.78 -12.94 -20.72
CA SER A 2 17.58 -13.69 -20.39
C SER A 2 17.43 -13.79 -18.88
N SER A 3 16.20 -14.05 -18.45
CA SER A 3 15.91 -14.18 -17.04
C SER A 3 14.42 -14.50 -16.84
N GLY A 4 14.10 -14.91 -15.62
CA GLY A 4 12.73 -15.26 -15.28
C GLY A 4 12.62 -15.72 -13.83
N SER A 5 11.43 -15.53 -13.26
CA SER A 5 11.19 -15.93 -11.89
C SER A 5 9.72 -15.65 -11.52
N SER A 6 9.19 -16.52 -10.68
CA SER A 6 7.81 -16.38 -10.24
C SER A 6 7.62 -17.07 -8.89
N GLY A 7 6.67 -16.55 -8.12
CA GLY A 7 6.38 -17.09 -6.81
C GLY A 7 6.18 -15.98 -5.79
N ASP A 8 5.21 -16.18 -4.92
CA ASP A 8 4.91 -15.20 -3.88
C ASP A 8 3.70 -15.68 -3.07
N ALA A 9 3.51 -15.03 -1.93
CA ALA A 9 2.40 -15.38 -1.06
C ALA A 9 1.59 -14.12 -0.75
N GLY A 10 0.27 -14.30 -0.68
CA GLY A 10 -0.62 -13.19 -0.40
C GLY A 10 -1.74 -13.62 0.55
N GLY A 11 -2.57 -12.65 0.92
CA GLY A 11 -3.67 -12.91 1.84
C GLY A 11 -4.81 -11.91 1.61
N GLY A 12 -5.96 -12.45 1.25
CA GLY A 12 -7.13 -11.62 1.00
C GLY A 12 -8.26 -12.44 0.38
N VAL A 13 -9.32 -12.59 1.16
CA VAL A 13 -10.48 -13.35 0.70
C VAL A 13 -11.29 -12.49 -0.28
N GLY A 14 -11.95 -13.17 -1.21
CA GLY A 14 -12.75 -12.50 -2.20
C GLY A 14 -12.17 -12.68 -3.61
N LYS A 15 -11.30 -11.75 -3.97
CA LYS A 15 -10.66 -11.80 -5.27
C LYS A 15 -9.16 -11.56 -5.12
N GLU A 16 -8.58 -10.90 -6.11
CA GLU A 16 -7.16 -10.61 -6.08
C GLU A 16 -6.91 -9.19 -5.57
N LEU A 17 -5.83 -9.04 -4.81
CA LEU A 17 -5.49 -7.76 -4.26
C LEU A 17 -5.74 -6.66 -5.29
N VAL A 18 -5.99 -5.46 -4.79
CA VAL A 18 -6.26 -4.33 -5.67
C VAL A 18 -4.95 -3.60 -5.97
N ASP A 19 -4.89 -3.02 -7.16
CA ASP A 19 -3.71 -2.30 -7.58
C ASP A 19 -3.75 -0.88 -7.02
N LEU A 20 -2.61 -0.43 -6.50
CA LEU A 20 -2.50 0.89 -5.94
C LEU A 20 -1.12 1.47 -6.25
N LYS A 21 -1.09 2.79 -6.44
CA LYS A 21 0.15 3.48 -6.75
C LYS A 21 0.67 4.16 -5.49
N ILE A 22 1.87 3.76 -5.09
CA ILE A 22 2.49 4.32 -3.91
C ILE A 22 3.11 5.68 -4.26
N ILE A 23 2.26 6.70 -4.22
CA ILE A 23 2.71 8.05 -4.53
C ILE A 23 3.37 8.67 -3.29
N TRP A 24 4.63 9.02 -3.44
CA TRP A 24 5.38 9.62 -2.35
C TRP A 24 6.59 10.35 -2.95
N ASN A 25 6.54 11.67 -2.88
CA ASN A 25 7.62 12.50 -3.40
C ASN A 25 7.59 12.44 -4.93
N LYS A 26 7.82 11.24 -5.45
CA LYS A 26 7.82 11.04 -6.88
C LYS A 26 8.17 9.58 -7.20
N THR A 27 7.55 8.69 -6.44
CA THR A 27 7.78 7.27 -6.62
C THR A 27 6.47 6.55 -6.89
N LYS A 28 6.56 5.46 -7.64
CA LYS A 28 5.39 4.67 -7.98
C LYS A 28 5.70 3.18 -7.75
N HIS A 29 5.33 2.72 -6.56
CA HIS A 29 5.57 1.32 -6.20
C HIS A 29 4.28 0.53 -6.38
N ASP A 30 4.30 -0.36 -7.37
CA ASP A 30 3.14 -1.19 -7.65
C ASP A 30 3.00 -2.26 -6.58
N VAL A 31 2.04 -2.04 -5.69
CA VAL A 31 1.80 -2.98 -4.60
C VAL A 31 0.36 -3.50 -4.70
N LYS A 32 0.21 -4.79 -4.43
CA LYS A 32 -1.10 -5.41 -4.48
C LYS A 32 -1.58 -5.69 -3.04
N VAL A 33 -2.62 -4.97 -2.66
CA VAL A 33 -3.19 -5.13 -1.34
C VAL A 33 -4.68 -5.41 -1.46
N PRO A 34 -5.22 -6.12 -0.43
CA PRO A 34 -6.64 -6.46 -0.40
C PRO A 34 -7.49 -5.24 -0.07
N LEU A 35 -8.73 -5.28 -0.54
CA LEU A 35 -9.65 -4.18 -0.29
C LEU A 35 -10.17 -4.28 1.15
N ASP A 36 -10.06 -5.47 1.71
CA ASP A 36 -10.51 -5.70 3.07
C ASP A 36 -9.67 -4.85 4.03
N SER A 37 -8.54 -4.39 3.53
CA SER A 37 -7.63 -3.58 4.32
C SER A 37 -8.34 -2.30 4.76
N THR A 38 -8.28 -2.04 6.07
CA THR A 38 -8.91 -0.86 6.63
C THR A 38 -8.11 0.39 6.28
N GLY A 39 -8.82 1.49 6.11
CA GLY A 39 -8.19 2.75 5.77
C GLY A 39 -6.96 3.01 6.66
N SER A 40 -6.97 2.38 7.83
CA SER A 40 -5.87 2.52 8.76
C SER A 40 -4.73 1.57 8.38
N GLU A 41 -5.11 0.37 7.98
CA GLU A 41 -4.15 -0.63 7.58
C GLU A 41 -3.28 -0.11 6.44
N LEU A 42 -3.85 0.81 5.68
CA LEU A 42 -3.14 1.40 4.55
C LEU A 42 -1.76 1.89 5.02
N LYS A 43 -1.76 2.58 6.16
CA LYS A 43 -0.54 3.11 6.71
C LYS A 43 0.45 1.95 6.96
N GLN A 44 -0.08 0.88 7.53
CA GLN A 44 0.73 -0.29 7.82
C GLN A 44 1.13 -0.99 6.51
N LYS A 45 0.37 -0.70 5.47
CA LYS A 45 0.63 -1.29 4.17
C LYS A 45 1.63 -0.43 3.41
N ILE A 46 1.54 0.87 3.64
CA ILE A 46 2.43 1.81 2.99
C ILE A 46 3.77 1.86 3.73
N HIS A 47 3.68 1.75 5.04
CA HIS A 47 4.86 1.78 5.88
C HIS A 47 5.77 0.59 5.52
N SER A 48 5.13 -0.45 5.01
CA SER A 48 5.87 -1.65 4.63
C SER A 48 6.64 -1.40 3.32
N ILE A 49 6.29 -0.29 2.68
CA ILE A 49 6.94 0.08 1.42
C ILE A 49 7.75 1.36 1.63
N THR A 50 7.04 2.42 2.00
CA THR A 50 7.68 3.70 2.23
C THR A 50 8.81 3.56 3.26
N GLY A 51 8.60 2.64 4.19
CA GLY A 51 9.59 2.40 5.23
C GLY A 51 9.33 3.30 6.45
N LEU A 52 8.78 4.48 6.17
CA LEU A 52 8.48 5.43 7.22
C LEU A 52 7.35 4.89 8.10
N PRO A 53 7.15 5.57 9.27
CA PRO A 53 6.12 5.15 10.19
C PRO A 53 4.73 5.55 9.68
N PRO A 54 3.70 4.76 10.11
CA PRO A 54 2.33 5.02 9.71
C PRO A 54 1.76 6.23 10.45
N ALA A 55 2.28 6.45 11.64
CA ALA A 55 1.84 7.56 12.46
C ALA A 55 2.14 8.88 11.74
N MET A 56 3.24 8.86 11.01
CA MET A 56 3.67 10.04 10.27
C MET A 56 3.37 9.89 8.78
N GLN A 57 2.24 9.24 8.49
CA GLN A 57 1.84 9.03 7.12
C GLN A 57 0.56 9.82 6.80
N LYS A 58 0.52 10.36 5.60
CA LYS A 58 -0.63 11.14 5.18
C LYS A 58 -1.30 10.43 4.00
N VAL A 59 -2.28 9.60 4.34
CA VAL A 59 -3.01 8.86 3.32
C VAL A 59 -4.14 9.74 2.77
N MET A 60 -3.99 10.09 1.50
CA MET A 60 -4.99 10.93 0.85
C MET A 60 -5.04 10.63 -0.66
N TYR A 61 -6.23 10.21 -1.10
CA TYR A 61 -6.42 9.90 -2.51
C TYR A 61 -7.63 10.65 -3.07
N LYS A 62 -7.34 11.74 -3.76
CA LYS A 62 -8.38 12.55 -4.37
C LYS A 62 -9.42 12.91 -3.29
N GLY A 63 -8.98 12.83 -2.05
CA GLY A 63 -9.86 13.14 -0.93
C GLY A 63 -9.41 12.40 0.33
N LEU A 64 -9.79 12.97 1.48
CA LEU A 64 -9.43 12.38 2.76
C LEU A 64 -9.92 10.94 2.80
N VAL A 65 -9.09 10.07 3.37
CA VAL A 65 -9.43 8.67 3.48
C VAL A 65 -9.76 8.34 4.94
N PRO A 66 -11.02 7.87 5.14
CA PRO A 66 -11.48 7.51 6.48
C PRO A 66 -10.87 6.18 6.93
N GLU A 67 -10.39 6.19 8.17
CA GLU A 67 -9.77 4.99 8.74
C GLU A 67 -10.86 4.03 9.25
N ASP A 68 -11.96 4.62 9.70
CA ASP A 68 -13.07 3.84 10.21
C ASP A 68 -13.67 3.00 9.09
N LYS A 69 -13.40 3.44 7.86
CA LYS A 69 -13.90 2.75 6.69
C LYS A 69 -12.73 2.15 5.91
N THR A 70 -12.97 0.97 5.36
CA THR A 70 -11.94 0.28 4.59
C THR A 70 -11.90 0.81 3.16
N LEU A 71 -10.88 0.40 2.43
CA LEU A 71 -10.71 0.82 1.06
C LEU A 71 -12.02 0.61 0.30
N ARG A 72 -12.44 -0.65 0.25
CA ARG A 72 -13.68 -1.00 -0.43
C ARG A 72 -14.81 -0.08 0.01
N GLU A 73 -14.67 0.44 1.22
CA GLU A 73 -15.68 1.34 1.77
C GLU A 73 -15.39 2.78 1.34
N ILE A 74 -14.13 3.17 1.45
CA ILE A 74 -13.71 4.51 1.08
C ILE A 74 -13.84 4.67 -0.43
N LYS A 75 -14.09 3.55 -1.11
CA LYS A 75 -14.24 3.56 -2.55
C LYS A 75 -12.86 3.56 -3.20
N VAL A 76 -12.32 2.36 -3.37
CA VAL A 76 -11.01 2.20 -3.98
C VAL A 76 -11.12 1.28 -5.19
N THR A 77 -10.14 1.40 -6.07
CA THR A 77 -10.11 0.59 -7.28
C THR A 77 -8.69 0.16 -7.60
N SER A 78 -8.58 -0.79 -8.51
CA SER A 78 -7.28 -1.30 -8.93
C SER A 78 -6.60 -0.30 -9.86
N GLY A 79 -5.63 0.42 -9.31
CA GLY A 79 -4.89 1.40 -10.09
C GLY A 79 -5.13 2.81 -9.54
N ALA A 80 -5.49 2.87 -8.26
CA ALA A 80 -5.75 4.14 -7.61
C ALA A 80 -4.43 4.78 -7.22
N LYS A 81 -4.52 6.02 -6.76
CA LYS A 81 -3.33 6.75 -6.34
C LYS A 81 -3.31 6.85 -4.82
N ILE A 82 -2.10 6.89 -4.28
CA ILE A 82 -1.92 6.97 -2.84
C ILE A 82 -0.78 7.95 -2.54
N MET A 83 -1.17 9.15 -2.13
CA MET A 83 -0.21 10.18 -1.80
C MET A 83 0.25 10.06 -0.34
N VAL A 84 1.56 10.04 -0.17
CA VAL A 84 2.15 9.93 1.16
C VAL A 84 3.01 11.15 1.43
N VAL A 85 3.29 11.36 2.71
CA VAL A 85 4.12 12.49 3.13
C VAL A 85 5.33 11.97 3.90
N GLY A 86 6.32 12.85 4.04
CA GLY A 86 7.53 12.49 4.74
C GLY A 86 8.77 12.90 3.94
N SER A 87 9.93 12.68 4.56
CA SER A 87 11.19 13.02 3.91
C SER A 87 12.37 12.62 4.82
N THR A 88 12.83 11.40 4.62
CA THR A 88 13.94 10.90 5.41
C THR A 88 14.71 9.83 4.62
N ILE A 89 16.03 9.89 4.73
CA ILE A 89 16.88 8.95 4.03
C ILE A 89 17.19 7.78 4.96
N SER A 90 16.82 6.59 4.52
CA SER A 90 17.06 5.39 5.30
C SER A 90 18.55 5.26 5.63
N GLY A 91 18.81 4.70 6.80
CA GLY A 91 20.18 4.52 7.25
C GLY A 91 20.34 3.20 8.00
N PRO A 92 19.84 3.18 9.27
CA PRO A 92 19.92 1.99 10.09
C PRO A 92 18.91 0.94 9.64
N SER A 93 19.11 -0.29 10.12
CA SER A 93 18.22 -1.38 9.77
C SER A 93 18.35 -2.50 10.82
N SER A 94 17.36 -2.57 11.69
CA SER A 94 17.35 -3.58 12.73
C SER A 94 16.10 -4.46 12.59
N GLY A 95 16.35 -5.75 12.40
CA GLY A 95 15.26 -6.71 12.26
C GLY A 95 14.15 -6.13 11.37
N GLY A 1 18.10 4.72 -26.77
CA GLY A 1 17.60 3.58 -26.02
C GLY A 1 17.26 3.98 -24.59
N SER A 2 17.34 3.01 -23.70
CA SER A 2 17.04 3.24 -22.30
C SER A 2 17.42 2.00 -21.47
N SER A 3 17.41 2.18 -20.16
CA SER A 3 17.75 1.10 -19.25
C SER A 3 16.67 0.97 -18.16
N GLY A 4 16.75 -0.12 -17.42
CA GLY A 4 15.79 -0.37 -16.35
C GLY A 4 16.37 -1.33 -15.31
N SER A 5 15.56 -1.64 -14.31
CA SER A 5 15.98 -2.53 -13.25
C SER A 5 14.81 -3.43 -12.84
N SER A 6 15.14 -4.42 -12.02
CA SER A 6 14.13 -5.37 -11.55
C SER A 6 14.28 -5.57 -10.04
N GLY A 7 13.15 -5.77 -9.39
CA GLY A 7 13.14 -5.99 -7.95
C GLY A 7 12.60 -7.37 -7.61
N ASP A 8 11.88 -7.42 -6.49
CA ASP A 8 11.30 -8.68 -6.04
C ASP A 8 10.39 -8.41 -4.84
N ALA A 9 9.39 -9.28 -4.69
CA ALA A 9 8.45 -9.14 -3.59
C ALA A 9 7.50 -10.35 -3.59
N GLY A 10 6.66 -10.39 -2.58
CA GLY A 10 5.70 -11.47 -2.46
C GLY A 10 4.27 -10.93 -2.42
N GLY A 11 3.33 -11.86 -2.26
CA GLY A 11 1.92 -11.49 -2.21
C GLY A 11 1.17 -12.36 -1.19
N GLY A 12 -0.08 -12.64 -1.52
CA GLY A 12 -0.92 -13.45 -0.65
C GLY A 12 -2.04 -14.13 -1.44
N VAL A 13 -2.89 -14.84 -0.72
CA VAL A 13 -3.99 -15.54 -1.33
C VAL A 13 -5.30 -15.06 -0.70
N GLY A 14 -6.27 -14.78 -1.56
CA GLY A 14 -7.57 -14.32 -1.10
C GLY A 14 -8.03 -13.10 -1.91
N LYS A 15 -8.77 -13.37 -2.96
CA LYS A 15 -9.28 -12.32 -3.82
C LYS A 15 -8.10 -11.60 -4.48
N GLU A 16 -8.29 -11.25 -5.75
CA GLU A 16 -7.26 -10.56 -6.50
C GLU A 16 -7.03 -9.16 -5.93
N LEU A 17 -5.99 -9.06 -5.12
CA LEU A 17 -5.65 -7.79 -4.49
C LEU A 17 -5.85 -6.66 -5.51
N VAL A 18 -6.11 -5.47 -4.99
CA VAL A 18 -6.32 -4.32 -5.83
C VAL A 18 -4.97 -3.64 -6.12
N ASP A 19 -4.86 -3.08 -7.32
CA ASP A 19 -3.64 -2.41 -7.72
C ASP A 19 -3.67 -0.97 -7.21
N LEU A 20 -2.54 -0.56 -6.64
CA LEU A 20 -2.42 0.79 -6.10
C LEU A 20 -0.99 1.28 -6.30
N LYS A 21 -0.87 2.57 -6.59
CA LYS A 21 0.44 3.18 -6.79
C LYS A 21 0.85 3.93 -5.53
N ILE A 22 1.89 3.42 -4.89
CA ILE A 22 2.39 4.03 -3.67
C ILE A 22 3.15 5.31 -4.02
N ILE A 23 2.38 6.38 -4.21
CA ILE A 23 2.97 7.66 -4.55
C ILE A 23 3.65 8.26 -3.32
N TRP A 24 4.89 8.70 -3.51
CA TRP A 24 5.65 9.28 -2.43
C TRP A 24 6.85 10.02 -3.03
N ASN A 25 6.85 11.33 -2.85
CA ASN A 25 7.93 12.15 -3.37
C ASN A 25 7.85 12.18 -4.91
N LYS A 26 8.27 11.07 -5.51
CA LYS A 26 8.25 10.96 -6.96
C LYS A 26 8.57 9.52 -7.35
N THR A 27 8.01 8.59 -6.59
CA THR A 27 8.24 7.18 -6.86
C THR A 27 6.91 6.45 -7.09
N LYS A 28 7.00 5.29 -7.71
CA LYS A 28 5.81 4.50 -7.99
C LYS A 28 6.11 3.03 -7.70
N HIS A 29 5.63 2.58 -6.55
CA HIS A 29 5.84 1.19 -6.14
C HIS A 29 4.55 0.40 -6.36
N ASP A 30 4.61 -0.52 -7.32
CA ASP A 30 3.47 -1.35 -7.63
C ASP A 30 3.28 -2.39 -6.52
N VAL A 31 2.16 -2.25 -5.81
CA VAL A 31 1.85 -3.17 -4.73
C VAL A 31 0.39 -3.61 -4.85
N LYS A 32 0.16 -4.88 -4.54
CA LYS A 32 -1.18 -5.44 -4.61
C LYS A 32 -1.68 -5.71 -3.19
N VAL A 33 -2.77 -5.05 -2.84
CA VAL A 33 -3.36 -5.22 -1.53
C VAL A 33 -4.87 -5.45 -1.67
N PRO A 34 -5.43 -6.18 -0.68
CA PRO A 34 -6.85 -6.48 -0.68
C PRO A 34 -7.68 -5.24 -0.29
N LEU A 35 -8.88 -5.17 -0.84
CA LEU A 35 -9.77 -4.06 -0.55
C LEU A 35 -10.32 -4.20 0.86
N ASP A 36 -10.17 -5.40 1.41
CA ASP A 36 -10.64 -5.67 2.75
C ASP A 36 -9.81 -4.89 3.76
N SER A 37 -8.67 -4.41 3.29
CA SER A 37 -7.77 -3.64 4.14
C SER A 37 -8.49 -2.39 4.66
N THR A 38 -8.40 -2.19 5.97
CA THR A 38 -9.03 -1.04 6.59
C THR A 38 -8.27 0.24 6.26
N GLY A 39 -9.02 1.32 6.14
CA GLY A 39 -8.43 2.61 5.82
C GLY A 39 -7.16 2.85 6.64
N SER A 40 -7.11 2.20 7.80
CA SER A 40 -5.95 2.32 8.67
C SER A 40 -4.82 1.41 8.19
N GLU A 41 -5.21 0.20 7.81
CA GLU A 41 -4.24 -0.77 7.33
C GLU A 41 -3.31 -0.13 6.29
N LEU A 42 -3.88 0.75 5.50
CA LEU A 42 -3.12 1.45 4.46
C LEU A 42 -1.78 1.89 5.05
N LYS A 43 -1.87 2.60 6.17
CA LYS A 43 -0.68 3.10 6.83
C LYS A 43 0.36 1.97 6.93
N GLN A 44 -0.05 0.91 7.62
CA GLN A 44 0.83 -0.24 7.81
C GLN A 44 1.11 -0.90 6.46
N LYS A 45 0.26 -0.62 5.50
CA LYS A 45 0.41 -1.18 4.17
C LYS A 45 1.45 -0.37 3.40
N ILE A 46 1.53 0.91 3.73
CA ILE A 46 2.49 1.79 3.08
C ILE A 46 3.81 1.77 3.85
N HIS A 47 3.69 1.83 5.17
CA HIS A 47 4.86 1.82 6.03
C HIS A 47 5.68 0.55 5.76
N SER A 48 4.98 -0.50 5.36
CA SER A 48 5.62 -1.77 5.07
C SER A 48 6.49 -1.64 3.81
N ILE A 49 6.26 -0.56 3.08
CA ILE A 49 7.01 -0.30 1.86
C ILE A 49 7.85 0.96 2.05
N THR A 50 7.16 2.06 2.30
CA THR A 50 7.82 3.34 2.50
C THR A 50 8.91 3.21 3.57
N GLY A 51 8.62 2.37 4.56
CA GLY A 51 9.56 2.16 5.65
C GLY A 51 9.54 3.33 6.63
N LEU A 52 8.72 4.32 6.31
CA LEU A 52 8.60 5.50 7.14
C LEU A 52 7.49 5.27 8.18
N PRO A 53 7.46 6.19 9.18
CA PRO A 53 6.46 6.11 10.23
C PRO A 53 5.09 6.58 9.72
N PRO A 54 4.02 5.94 10.29
CA PRO A 54 2.67 6.28 9.90
C PRO A 54 2.24 7.61 10.50
N ALA A 55 2.78 7.90 11.68
CA ALA A 55 2.47 9.14 12.38
C ALA A 55 2.83 10.33 11.48
N MET A 56 3.85 10.12 10.66
CA MET A 56 4.30 11.15 9.74
C MET A 56 3.95 10.80 8.29
N GLN A 57 2.81 10.16 8.13
CA GLN A 57 2.36 9.77 6.80
C GLN A 57 1.17 10.64 6.36
N LYS A 58 0.91 10.61 5.06
CA LYS A 58 -0.19 11.38 4.51
C LYS A 58 -1.05 10.47 3.64
N VAL A 59 -2.21 10.12 4.18
CA VAL A 59 -3.14 9.25 3.47
C VAL A 59 -4.35 10.07 3.03
N MET A 60 -4.41 10.34 1.73
CA MET A 60 -5.51 11.10 1.18
C MET A 60 -5.91 10.57 -0.21
N TYR A 61 -7.16 10.15 -0.30
CA TYR A 61 -7.67 9.62 -1.55
C TYR A 61 -8.97 10.33 -1.96
N LYS A 62 -8.83 11.23 -2.91
CA LYS A 62 -9.98 11.98 -3.40
C LYS A 62 -10.88 12.35 -2.21
N GLY A 63 -10.25 12.52 -1.07
CA GLY A 63 -10.98 12.88 0.14
C GLY A 63 -10.40 12.15 1.36
N LEU A 64 -10.79 12.63 2.53
CA LEU A 64 -10.32 12.03 3.77
C LEU A 64 -10.63 10.52 3.76
N VAL A 65 -9.64 9.75 4.21
CA VAL A 65 -9.78 8.31 4.25
C VAL A 65 -10.14 7.88 5.67
N PRO A 66 -11.38 7.32 5.82
CA PRO A 66 -11.85 6.87 7.11
C PRO A 66 -11.18 5.56 7.51
N GLU A 67 -10.69 5.54 8.74
CA GLU A 67 -10.02 4.35 9.26
C GLU A 67 -11.05 3.31 9.70
N ASP A 68 -12.22 3.80 10.07
CA ASP A 68 -13.30 2.93 10.51
C ASP A 68 -13.81 2.12 9.32
N LYS A 69 -13.73 2.73 8.15
CA LYS A 69 -14.18 2.07 6.93
C LYS A 69 -12.97 1.56 6.16
N THR A 70 -13.22 0.58 5.30
CA THR A 70 -12.17 -0.01 4.49
C THR A 70 -12.12 0.64 3.11
N LEU A 71 -11.04 0.38 2.40
CA LEU A 71 -10.87 0.92 1.07
C LEU A 71 -12.15 0.74 0.28
N ARG A 72 -12.56 -0.51 0.14
CA ARG A 72 -13.77 -0.84 -0.60
C ARG A 72 -14.94 0.03 -0.10
N GLU A 73 -14.78 0.53 1.13
CA GLU A 73 -15.81 1.36 1.73
C GLU A 73 -15.49 2.83 1.50
N ILE A 74 -14.21 3.13 1.49
CA ILE A 74 -13.76 4.51 1.27
C ILE A 74 -13.87 4.84 -0.22
N LYS A 75 -14.16 3.83 -1.01
CA LYS A 75 -14.30 4.00 -2.44
C LYS A 75 -12.91 4.02 -3.08
N VAL A 76 -12.46 2.86 -3.51
CA VAL A 76 -11.16 2.72 -4.13
C VAL A 76 -11.30 1.95 -5.45
N THR A 77 -10.27 2.06 -6.27
CA THR A 77 -10.27 1.38 -7.56
C THR A 77 -8.93 0.67 -7.78
N SER A 78 -8.91 -0.16 -8.81
CA SER A 78 -7.70 -0.91 -9.14
C SER A 78 -6.80 -0.06 -10.05
N GLY A 79 -5.79 0.54 -9.43
CA GLY A 79 -4.85 1.38 -10.15
C GLY A 79 -4.93 2.83 -9.68
N ALA A 80 -5.40 2.99 -8.44
CA ALA A 80 -5.52 4.31 -7.86
C ALA A 80 -4.14 4.81 -7.43
N LYS A 81 -4.11 6.04 -6.95
CA LYS A 81 -2.87 6.65 -6.50
C LYS A 81 -2.98 6.98 -5.00
N ILE A 82 -1.84 6.97 -4.34
CA ILE A 82 -1.79 7.28 -2.92
C ILE A 82 -0.59 8.18 -2.64
N MET A 83 -0.88 9.47 -2.46
CA MET A 83 0.16 10.44 -2.18
C MET A 83 0.64 10.33 -0.73
N VAL A 84 1.94 10.13 -0.58
CA VAL A 84 2.54 10.01 0.74
C VAL A 84 3.56 11.13 0.95
N VAL A 85 3.85 11.40 2.21
CA VAL A 85 4.80 12.44 2.54
C VAL A 85 5.65 11.99 3.74
N GLY A 86 6.49 12.89 4.21
CA GLY A 86 7.34 12.60 5.34
C GLY A 86 8.80 12.98 5.03
N SER A 87 9.39 12.22 4.12
CA SER A 87 10.77 12.46 3.74
C SER A 87 11.70 12.24 4.94
N THR A 88 12.95 11.93 4.62
CA THR A 88 13.94 11.70 5.66
C THR A 88 13.53 10.51 6.53
N ILE A 89 14.28 9.43 6.41
CA ILE A 89 14.01 8.23 7.17
C ILE A 89 14.71 8.33 8.52
N SER A 90 15.98 7.95 8.52
CA SER A 90 16.77 7.98 9.74
C SER A 90 16.20 7.00 10.77
N GLY A 91 16.94 5.91 10.97
CA GLY A 91 16.51 4.90 11.92
C GLY A 91 17.54 3.77 12.00
N PRO A 92 17.53 3.06 13.16
CA PRO A 92 18.45 1.96 13.38
C PRO A 92 18.03 0.73 12.59
N SER A 93 16.75 0.39 12.71
CA SER A 93 16.21 -0.76 12.01
C SER A 93 16.14 -0.48 10.52
N SER A 94 16.45 -1.51 9.73
CA SER A 94 16.42 -1.38 8.29
C SER A 94 15.61 -2.53 7.67
N GLY A 95 14.35 -2.22 7.36
CA GLY A 95 13.48 -3.22 6.77
C GLY A 95 13.13 -4.32 7.78
N GLY A 1 30.63 -20.95 -15.73
CA GLY A 1 29.21 -21.14 -15.91
C GLY A 1 28.47 -21.18 -14.57
N SER A 2 28.07 -22.39 -14.20
CA SER A 2 27.36 -22.58 -12.94
C SER A 2 26.04 -21.82 -12.97
N SER A 3 24.97 -22.54 -12.66
CA SER A 3 23.64 -21.95 -12.63
C SER A 3 22.61 -22.97 -12.16
N GLY A 4 21.46 -22.46 -11.75
CA GLY A 4 20.39 -23.31 -11.27
C GLY A 4 19.40 -22.52 -10.41
N SER A 5 18.16 -22.97 -10.45
CA SER A 5 17.10 -22.31 -9.69
C SER A 5 15.84 -23.19 -9.67
N SER A 6 14.92 -22.81 -8.80
CA SER A 6 13.67 -23.55 -8.68
C SER A 6 12.60 -22.67 -8.04
N GLY A 7 11.37 -23.16 -8.05
CA GLY A 7 10.26 -22.43 -7.47
C GLY A 7 9.78 -23.10 -6.18
N ASP A 8 8.80 -22.46 -5.55
CA ASP A 8 8.25 -22.97 -4.32
C ASP A 8 6.75 -22.63 -4.25
N ALA A 9 6.46 -21.35 -4.41
CA ALA A 9 5.09 -20.89 -4.37
C ALA A 9 4.47 -21.23 -3.01
N GLY A 10 3.28 -20.69 -2.78
CA GLY A 10 2.59 -20.92 -1.53
C GLY A 10 1.07 -20.99 -1.75
N GLY A 11 0.36 -20.19 -0.97
CA GLY A 11 -1.09 -20.14 -1.07
C GLY A 11 -1.60 -18.70 -1.01
N GLY A 12 -2.81 -18.56 -0.51
CA GLY A 12 -3.43 -17.25 -0.38
C GLY A 12 -4.76 -17.20 -1.13
N VAL A 13 -4.67 -17.02 -2.44
CA VAL A 13 -5.86 -16.96 -3.28
C VAL A 13 -6.93 -16.13 -2.57
N GLY A 14 -8.16 -16.30 -3.02
CA GLY A 14 -9.28 -15.57 -2.44
C GLY A 14 -9.76 -14.45 -3.39
N LYS A 15 -9.12 -13.31 -3.25
CA LYS A 15 -9.48 -12.17 -4.09
C LYS A 15 -8.20 -11.45 -4.54
N GLU A 16 -8.04 -11.38 -5.84
CA GLU A 16 -6.87 -10.73 -6.42
C GLU A 16 -6.72 -9.31 -5.87
N LEU A 17 -5.73 -9.15 -5.00
CA LEU A 17 -5.46 -7.86 -4.39
C LEU A 17 -5.64 -6.76 -5.43
N VAL A 18 -6.02 -5.58 -4.95
CA VAL A 18 -6.24 -4.45 -5.83
C VAL A 18 -4.90 -3.73 -6.06
N ASP A 19 -4.70 -3.30 -7.30
CA ASP A 19 -3.49 -2.60 -7.66
C ASP A 19 -3.58 -1.14 -7.21
N LEU A 20 -2.49 -0.67 -6.61
CA LEU A 20 -2.43 0.69 -6.12
C LEU A 20 -1.02 1.24 -6.32
N LYS A 21 -0.95 2.56 -6.49
CA LYS A 21 0.33 3.21 -6.69
C LYS A 21 0.69 4.00 -5.42
N ILE A 22 1.77 3.58 -4.78
CA ILE A 22 2.22 4.23 -3.57
C ILE A 22 3.01 5.49 -3.94
N ILE A 23 2.28 6.60 -4.06
CA ILE A 23 2.89 7.86 -4.41
C ILE A 23 3.63 8.43 -3.18
N TRP A 24 4.82 8.94 -3.44
CA TRP A 24 5.63 9.51 -2.37
C TRP A 24 6.81 10.25 -3.01
N ASN A 25 6.79 11.57 -2.86
CA ASN A 25 7.84 12.40 -3.42
C ASN A 25 7.70 12.43 -4.95
N LYS A 26 7.87 11.26 -5.55
CA LYS A 26 7.77 11.15 -6.99
C LYS A 26 8.11 9.71 -7.41
N THR A 27 7.63 8.76 -6.60
CA THR A 27 7.87 7.36 -6.88
C THR A 27 6.55 6.61 -7.05
N LYS A 28 6.63 5.49 -7.76
CA LYS A 28 5.45 4.68 -8.00
C LYS A 28 5.77 3.22 -7.68
N HIS A 29 5.37 2.81 -6.48
CA HIS A 29 5.60 1.44 -6.04
C HIS A 29 4.34 0.61 -6.25
N ASP A 30 4.39 -0.25 -7.26
CA ASP A 30 3.28 -1.11 -7.58
C ASP A 30 3.11 -2.15 -6.48
N VAL A 31 2.01 -2.03 -5.75
CA VAL A 31 1.73 -2.96 -4.66
C VAL A 31 0.28 -3.44 -4.78
N LYS A 32 0.09 -4.71 -4.45
CA LYS A 32 -1.24 -5.30 -4.51
C LYS A 32 -1.74 -5.57 -3.09
N VAL A 33 -2.84 -4.91 -2.76
CA VAL A 33 -3.44 -5.06 -1.44
C VAL A 33 -4.92 -5.37 -1.59
N PRO A 34 -5.46 -6.08 -0.56
CA PRO A 34 -6.87 -6.45 -0.57
C PRO A 34 -7.76 -5.24 -0.24
N LEU A 35 -8.92 -5.23 -0.86
CA LEU A 35 -9.87 -4.14 -0.65
C LEU A 35 -10.51 -4.30 0.72
N ASP A 36 -10.32 -5.46 1.30
CA ASP A 36 -10.88 -5.76 2.61
C ASP A 36 -10.08 -5.01 3.68
N SER A 37 -8.91 -4.54 3.28
CA SER A 37 -8.04 -3.81 4.19
C SER A 37 -8.76 -2.56 4.70
N THR A 38 -8.47 -2.22 5.95
CA THR A 38 -9.08 -1.05 6.56
C THR A 38 -8.24 0.20 6.28
N GLY A 39 -8.93 1.31 6.10
CA GLY A 39 -8.26 2.57 5.83
C GLY A 39 -7.05 2.77 6.75
N SER A 40 -7.12 2.12 7.90
CA SER A 40 -6.05 2.21 8.87
C SER A 40 -4.86 1.36 8.42
N GLU A 41 -5.18 0.15 7.98
CA GLU A 41 -4.15 -0.76 7.51
C GLU A 41 -3.27 -0.09 6.45
N LEU A 42 -3.92 0.71 5.62
CA LEU A 42 -3.22 1.42 4.56
C LEU A 42 -1.88 1.93 5.09
N LYS A 43 -1.95 2.61 6.22
CA LYS A 43 -0.75 3.16 6.84
C LYS A 43 0.33 2.07 6.90
N GLN A 44 -0.01 1.00 7.60
CA GLN A 44 0.91 -0.12 7.74
C GLN A 44 1.18 -0.77 6.39
N LYS A 45 0.27 -0.51 5.45
CA LYS A 45 0.39 -1.07 4.12
C LYS A 45 1.38 -0.22 3.31
N ILE A 46 1.42 1.06 3.65
CA ILE A 46 2.32 1.98 2.97
C ILE A 46 3.65 2.05 3.72
N HIS A 47 3.56 1.97 5.04
CA HIS A 47 4.74 2.02 5.88
C HIS A 47 5.58 0.76 5.65
N SER A 48 4.89 -0.31 5.30
CA SER A 48 5.56 -1.58 5.06
C SER A 48 6.40 -1.49 3.77
N ILE A 49 6.16 -0.42 3.03
CA ILE A 49 6.87 -0.21 1.79
C ILE A 49 7.77 1.02 1.92
N THR A 50 7.13 2.16 2.17
CA THR A 50 7.85 3.41 2.33
C THR A 50 8.99 3.25 3.34
N GLY A 51 8.71 2.45 4.36
CA GLY A 51 9.70 2.20 5.40
C GLY A 51 9.61 3.26 6.51
N LEU A 52 9.06 4.41 6.13
CA LEU A 52 8.91 5.50 7.07
C LEU A 52 7.75 5.20 8.03
N PRO A 53 7.66 6.02 9.12
CA PRO A 53 6.61 5.83 10.10
C PRO A 53 5.27 6.34 9.57
N PRO A 54 4.17 5.68 10.02
CA PRO A 54 2.84 6.04 9.60
C PRO A 54 2.38 7.33 10.30
N ALA A 55 2.86 7.51 11.52
CA ALA A 55 2.51 8.68 12.30
C ALA A 55 2.91 9.94 11.52
N MET A 56 3.97 9.80 10.75
CA MET A 56 4.47 10.92 9.95
C MET A 56 4.10 10.74 8.47
N GLN A 57 2.99 10.03 8.26
CA GLN A 57 2.52 9.78 6.91
C GLN A 57 1.23 10.57 6.64
N LYS A 58 0.96 10.78 5.36
CA LYS A 58 -0.24 11.50 4.96
C LYS A 58 -1.00 10.69 3.92
N VAL A 59 -1.96 9.91 4.41
CA VAL A 59 -2.77 9.09 3.53
C VAL A 59 -3.98 9.89 3.04
N MET A 60 -3.94 10.24 1.77
CA MET A 60 -5.03 11.01 1.18
C MET A 60 -5.18 10.69 -0.31
N TYR A 61 -6.37 10.21 -0.66
CA TYR A 61 -6.65 9.86 -2.05
C TYR A 61 -7.92 10.54 -2.53
N LYS A 62 -7.73 11.61 -3.28
CA LYS A 62 -8.86 12.36 -3.82
C LYS A 62 -9.90 12.59 -2.71
N GLY A 63 -9.39 12.58 -1.48
CA GLY A 63 -10.25 12.79 -0.32
C GLY A 63 -9.71 12.06 0.90
N LEU A 64 -10.09 12.55 2.07
CA LEU A 64 -9.65 11.96 3.31
C LEU A 64 -10.04 10.48 3.34
N VAL A 65 -9.15 9.67 3.89
CA VAL A 65 -9.38 8.25 3.97
C VAL A 65 -9.81 7.89 5.40
N PRO A 66 -11.10 7.46 5.52
CA PRO A 66 -11.64 7.09 6.81
C PRO A 66 -11.11 5.72 7.26
N GLU A 67 -10.52 5.72 8.46
CA GLU A 67 -9.97 4.49 9.01
C GLU A 67 -11.09 3.58 9.51
N ASP A 68 -12.28 4.17 9.63
CA ASP A 68 -13.43 3.43 10.10
C ASP A 68 -14.04 2.65 8.93
N LYS A 69 -13.59 3.00 7.74
CA LYS A 69 -14.08 2.34 6.53
C LYS A 69 -12.90 1.78 5.74
N THR A 70 -13.15 0.64 5.10
CA THR A 70 -12.12 -0.01 4.31
C THR A 70 -12.04 0.62 2.92
N LEU A 71 -10.92 0.35 2.26
CA LEU A 71 -10.70 0.89 0.92
C LEU A 71 -11.98 0.74 0.10
N ARG A 72 -12.42 -0.51 -0.04
CA ARG A 72 -13.63 -0.79 -0.79
C ARG A 72 -14.77 0.14 -0.35
N GLU A 73 -14.72 0.52 0.92
CA GLU A 73 -15.73 1.40 1.47
C GLU A 73 -15.38 2.87 1.18
N ILE A 74 -14.10 3.17 1.30
CA ILE A 74 -13.63 4.52 1.04
C ILE A 74 -13.66 4.79 -0.46
N LYS A 75 -13.99 3.75 -1.21
CA LYS A 75 -14.06 3.88 -2.66
C LYS A 75 -12.65 3.75 -3.25
N VAL A 76 -12.24 2.51 -3.49
CA VAL A 76 -10.94 2.25 -4.04
C VAL A 76 -11.04 1.17 -5.13
N THR A 77 -10.22 1.31 -6.15
CA THR A 77 -10.21 0.37 -7.25
C THR A 77 -8.78 0.03 -7.67
N SER A 78 -8.67 -0.87 -8.64
CA SER A 78 -7.37 -1.29 -9.12
C SER A 78 -6.76 -0.19 -9.99
N GLY A 79 -5.78 0.50 -9.41
CA GLY A 79 -5.12 1.58 -10.12
C GLY A 79 -5.39 2.93 -9.45
N ALA A 80 -5.71 2.86 -8.17
CA ALA A 80 -6.00 4.06 -7.40
C ALA A 80 -4.71 4.83 -7.16
N LYS A 81 -4.84 5.95 -6.47
CA LYS A 81 -3.68 6.78 -6.16
C LYS A 81 -3.59 6.96 -4.64
N ILE A 82 -2.36 6.83 -4.15
CA ILE A 82 -2.10 6.98 -2.72
C ILE A 82 -0.91 7.90 -2.51
N MET A 83 -1.16 9.03 -1.88
CA MET A 83 -0.12 10.00 -1.60
C MET A 83 0.47 9.81 -0.20
N VAL A 84 1.77 9.98 -0.11
CA VAL A 84 2.46 9.83 1.17
C VAL A 84 3.41 11.00 1.37
N VAL A 85 3.54 11.40 2.63
CA VAL A 85 4.41 12.51 2.97
C VAL A 85 5.17 12.17 4.26
N GLY A 86 6.43 12.58 4.29
CA GLY A 86 7.26 12.33 5.46
C GLY A 86 8.53 13.18 5.41
N SER A 87 9.62 12.59 5.89
CA SER A 87 10.90 13.26 5.90
C SER A 87 12.02 12.28 6.26
N THR A 88 11.91 11.73 7.46
CA THR A 88 12.90 10.78 7.94
C THR A 88 12.28 9.38 8.03
N ILE A 89 13.16 8.38 7.97
CA ILE A 89 12.71 6.99 8.05
C ILE A 89 12.92 6.47 9.47
N SER A 90 14.14 6.01 9.72
CA SER A 90 14.48 5.48 11.03
C SER A 90 13.70 4.20 11.30
N GLY A 91 14.29 3.09 10.88
CA GLY A 91 13.66 1.79 11.06
C GLY A 91 14.45 0.70 10.33
N PRO A 92 15.31 -0.01 11.12
CA PRO A 92 16.12 -1.07 10.57
C PRO A 92 15.29 -2.33 10.32
N SER A 93 15.93 -3.32 9.74
CA SER A 93 15.25 -4.58 9.43
C SER A 93 15.83 -5.70 10.30
N SER A 94 17.14 -5.89 10.17
CA SER A 94 17.82 -6.93 10.93
C SER A 94 18.17 -6.40 12.32
N GLY A 95 17.77 -7.16 13.32
CA GLY A 95 18.04 -6.78 14.71
C GLY A 95 16.82 -6.12 15.34
N GLY A 1 32.69 -27.37 -9.78
CA GLY A 1 31.51 -27.45 -8.93
C GLY A 1 30.83 -28.81 -9.08
N SER A 2 29.58 -28.87 -8.63
CA SER A 2 28.82 -30.10 -8.70
C SER A 2 27.32 -29.79 -8.61
N SER A 3 26.87 -29.54 -7.39
CA SER A 3 25.47 -29.22 -7.16
C SER A 3 25.35 -27.86 -6.49
N GLY A 4 24.10 -27.41 -6.36
CA GLY A 4 23.83 -26.13 -5.73
C GLY A 4 22.37 -25.71 -5.93
N SER A 5 22.19 -24.42 -6.18
CA SER A 5 20.86 -23.89 -6.40
C SER A 5 20.01 -24.06 -5.14
N SER A 6 20.10 -23.06 -4.27
CA SER A 6 19.36 -23.09 -3.02
C SER A 6 18.07 -22.26 -3.15
N GLY A 7 17.16 -22.49 -2.23
CA GLY A 7 15.89 -21.78 -2.24
C GLY A 7 15.06 -22.12 -1.00
N ASP A 8 13.81 -21.70 -1.03
CA ASP A 8 12.90 -21.95 0.08
C ASP A 8 11.54 -21.30 -0.21
N ALA A 9 10.60 -22.14 -0.61
CA ALA A 9 9.27 -21.67 -0.92
C ALA A 9 8.32 -22.87 -1.04
N GLY A 10 7.05 -22.57 -1.28
CA GLY A 10 6.04 -23.60 -1.41
C GLY A 10 4.65 -22.99 -1.58
N GLY A 11 4.22 -22.90 -2.83
CA GLY A 11 2.92 -22.36 -3.13
C GLY A 11 3.04 -20.96 -3.75
N GLY A 12 2.49 -19.98 -3.04
CA GLY A 12 2.53 -18.61 -3.50
C GLY A 12 1.27 -17.85 -3.11
N VAL A 13 1.46 -16.62 -2.65
CA VAL A 13 0.35 -15.79 -2.23
C VAL A 13 -0.61 -15.60 -3.41
N GLY A 14 -1.89 -15.46 -3.08
CA GLY A 14 -2.91 -15.27 -4.10
C GLY A 14 -3.74 -14.02 -3.82
N LYS A 15 -5.05 -14.18 -3.91
CA LYS A 15 -5.96 -13.08 -3.67
C LYS A 15 -5.86 -12.09 -4.84
N GLU A 16 -7.01 -11.49 -5.17
CA GLU A 16 -7.06 -10.53 -6.25
C GLU A 16 -6.78 -9.12 -5.73
N LEU A 17 -5.73 -9.02 -4.93
CA LEU A 17 -5.34 -7.74 -4.37
C LEU A 17 -5.53 -6.64 -5.41
N VAL A 18 -5.84 -5.45 -4.92
CA VAL A 18 -6.05 -4.31 -5.80
C VAL A 18 -4.72 -3.63 -6.07
N ASP A 19 -4.53 -3.21 -7.32
CA ASP A 19 -3.31 -2.55 -7.72
C ASP A 19 -3.37 -1.08 -7.31
N LEU A 20 -2.43 -0.70 -6.45
CA LEU A 20 -2.37 0.67 -5.97
C LEU A 20 -0.96 1.21 -6.17
N LYS A 21 -0.88 2.50 -6.46
CA LYS A 21 0.40 3.15 -6.68
C LYS A 21 0.84 3.85 -5.38
N ILE A 22 1.99 3.44 -4.89
CA ILE A 22 2.52 4.02 -3.67
C ILE A 22 3.28 5.31 -4.00
N ILE A 23 2.54 6.40 -4.02
CA ILE A 23 3.11 7.70 -4.33
C ILE A 23 3.72 8.29 -3.06
N TRP A 24 4.92 8.83 -3.21
CA TRP A 24 5.62 9.43 -2.09
C TRP A 24 6.79 10.25 -2.65
N ASN A 25 6.78 11.53 -2.31
CA ASN A 25 7.83 12.43 -2.76
C ASN A 25 7.80 12.51 -4.29
N LYS A 26 8.37 11.49 -4.91
CA LYS A 26 8.42 11.43 -6.36
C LYS A 26 8.79 10.02 -6.80
N THR A 27 8.25 9.04 -6.09
CA THR A 27 8.52 7.65 -6.38
C THR A 27 7.23 6.89 -6.62
N LYS A 28 7.34 5.79 -7.36
CA LYS A 28 6.18 4.97 -7.67
C LYS A 28 6.53 3.50 -7.43
N HIS A 29 5.66 2.83 -6.69
CA HIS A 29 5.85 1.42 -6.39
C HIS A 29 4.54 0.66 -6.58
N ASP A 30 4.59 -0.33 -7.46
CA ASP A 30 3.42 -1.13 -7.75
C ASP A 30 3.30 -2.25 -6.70
N VAL A 31 2.28 -2.13 -5.87
CA VAL A 31 2.05 -3.11 -4.82
C VAL A 31 0.58 -3.56 -4.86
N LYS A 32 0.37 -4.84 -4.63
CA LYS A 32 -0.97 -5.40 -4.63
C LYS A 32 -1.43 -5.62 -3.19
N VAL A 33 -2.49 -4.92 -2.83
CA VAL A 33 -3.04 -5.02 -1.48
C VAL A 33 -4.54 -5.29 -1.57
N PRO A 34 -5.07 -5.94 -0.51
CA PRO A 34 -6.48 -6.27 -0.45
C PRO A 34 -7.32 -5.03 -0.16
N LEU A 35 -8.57 -5.09 -0.59
CA LEU A 35 -9.49 -3.97 -0.38
C LEU A 35 -10.03 -4.02 1.05
N ASP A 36 -9.96 -5.21 1.63
CA ASP A 36 -10.43 -5.41 2.99
C ASP A 36 -9.57 -4.58 3.95
N SER A 37 -8.46 -4.09 3.43
CA SER A 37 -7.55 -3.29 4.22
C SER A 37 -8.26 -2.03 4.71
N THR A 38 -8.16 -1.80 6.01
CA THR A 38 -8.80 -0.64 6.62
C THR A 38 -7.96 0.61 6.37
N GLY A 39 -8.65 1.71 6.12
CA GLY A 39 -8.00 2.98 5.86
C GLY A 39 -6.74 3.13 6.72
N SER A 40 -6.80 2.54 7.91
CA SER A 40 -5.68 2.60 8.83
C SER A 40 -4.57 1.66 8.37
N GLU A 41 -4.95 0.42 8.14
CA GLU A 41 -4.00 -0.60 7.70
C GLU A 41 -3.14 -0.05 6.54
N LEU A 42 -3.79 0.72 5.68
CA LEU A 42 -3.12 1.30 4.54
C LEU A 42 -1.72 1.78 4.98
N LYS A 43 -1.71 2.64 5.98
CA LYS A 43 -0.46 3.18 6.50
C LYS A 43 0.50 2.02 6.77
N GLN A 44 0.00 1.01 7.46
CA GLN A 44 0.81 -0.16 7.78
C GLN A 44 1.19 -0.91 6.51
N LYS A 45 0.42 -0.67 5.45
CA LYS A 45 0.66 -1.31 4.18
C LYS A 45 1.69 -0.50 3.39
N ILE A 46 1.62 0.81 3.56
CA ILE A 46 2.52 1.71 2.88
C ILE A 46 3.90 1.66 3.55
N HIS A 47 3.86 1.60 4.87
CA HIS A 47 5.10 1.55 5.65
C HIS A 47 5.90 0.32 5.25
N SER A 48 5.18 -0.77 5.00
CA SER A 48 5.82 -2.02 4.61
C SER A 48 6.66 -1.80 3.35
N ILE A 49 6.38 -0.69 2.68
CA ILE A 49 7.11 -0.36 1.46
C ILE A 49 7.93 0.91 1.70
N THR A 50 7.23 1.99 2.03
CA THR A 50 7.89 3.26 2.28
C THR A 50 8.90 3.12 3.40
N GLY A 51 8.59 2.23 4.34
CA GLY A 51 9.46 1.99 5.47
C GLY A 51 9.36 3.13 6.50
N LEU A 52 8.53 4.10 6.15
CA LEU A 52 8.35 5.25 7.03
C LEU A 52 7.23 4.94 8.03
N PRO A 53 7.10 5.83 9.06
CA PRO A 53 6.09 5.65 10.08
C PRO A 53 4.70 6.02 9.55
N PRO A 54 3.68 5.33 10.10
CA PRO A 54 2.30 5.57 9.69
C PRO A 54 1.79 6.89 10.27
N ALA A 55 2.23 7.18 11.48
CA ALA A 55 1.82 8.41 12.16
C ALA A 55 2.12 9.61 11.26
N MET A 56 3.24 9.52 10.56
CA MET A 56 3.65 10.59 9.67
C MET A 56 2.92 10.49 8.33
N GLN A 57 2.75 9.25 7.88
CA GLN A 57 2.06 9.00 6.61
C GLN A 57 0.78 9.82 6.53
N LYS A 58 0.49 10.28 5.32
CA LYS A 58 -0.71 11.08 5.09
C LYS A 58 -1.53 10.45 3.97
N VAL A 59 -2.45 9.58 4.37
CA VAL A 59 -3.31 8.91 3.41
C VAL A 59 -4.41 9.86 2.95
N MET A 60 -4.30 10.28 1.69
CA MET A 60 -5.28 11.20 1.13
C MET A 60 -5.43 10.97 -0.38
N TYR A 61 -6.63 10.64 -0.78
CA TYR A 61 -6.92 10.40 -2.19
C TYR A 61 -8.12 11.23 -2.66
N LYS A 62 -7.80 12.34 -3.31
CA LYS A 62 -8.83 13.23 -3.82
C LYS A 62 -9.87 13.48 -2.72
N GLY A 63 -9.42 13.33 -1.48
CA GLY A 63 -10.29 13.53 -0.34
C GLY A 63 -9.85 12.69 0.85
N LEU A 64 -10.10 13.21 2.03
CA LEU A 64 -9.73 12.52 3.26
C LEU A 64 -10.31 11.11 3.24
N VAL A 65 -9.52 10.17 3.73
CA VAL A 65 -9.94 8.78 3.79
C VAL A 65 -10.32 8.41 5.21
N PRO A 66 -11.52 7.78 5.35
CA PRO A 66 -12.01 7.37 6.65
C PRO A 66 -11.27 6.14 7.16
N GLU A 67 -10.77 6.25 8.39
CA GLU A 67 -10.03 5.15 8.99
C GLU A 67 -10.99 4.13 9.59
N ASP A 68 -12.23 4.57 9.76
CA ASP A 68 -13.26 3.71 10.31
C ASP A 68 -13.86 2.85 9.21
N LYS A 69 -13.41 3.12 7.98
CA LYS A 69 -13.89 2.37 6.83
C LYS A 69 -12.70 1.84 6.04
N THR A 70 -12.96 0.81 5.24
CA THR A 70 -11.93 0.20 4.44
C THR A 70 -11.95 0.77 3.01
N LEU A 71 -10.85 0.55 2.31
CA LEU A 71 -10.74 1.04 0.94
C LEU A 71 -12.05 0.77 0.20
N ARG A 72 -12.39 -0.51 0.10
CA ARG A 72 -13.60 -0.91 -0.59
C ARG A 72 -14.78 -0.04 -0.12
N GLU A 73 -14.67 0.41 1.12
CA GLU A 73 -15.72 1.24 1.69
C GLU A 73 -15.48 2.71 1.32
N ILE A 74 -14.22 3.12 1.39
CA ILE A 74 -13.86 4.48 1.07
C ILE A 74 -14.00 4.71 -0.43
N LYS A 75 -14.29 3.63 -1.14
CA LYS A 75 -14.45 3.69 -2.58
C LYS A 75 -13.08 3.64 -3.26
N VAL A 76 -12.56 2.43 -3.37
CA VAL A 76 -11.26 2.22 -3.98
C VAL A 76 -11.38 1.14 -5.06
N THR A 77 -10.56 1.29 -6.09
CA THR A 77 -10.55 0.33 -7.18
C THR A 77 -9.13 0.03 -7.63
N SER A 78 -9.02 -0.75 -8.69
CA SER A 78 -7.73 -1.12 -9.23
C SER A 78 -7.11 0.05 -10.00
N GLY A 79 -6.12 0.67 -9.38
CA GLY A 79 -5.45 1.82 -9.98
C GLY A 79 -5.67 3.09 -9.16
N ALA A 80 -6.13 2.88 -7.93
CA ALA A 80 -6.38 4.00 -7.04
C ALA A 80 -5.04 4.61 -6.60
N LYS A 81 -4.90 5.90 -6.88
CA LYS A 81 -3.69 6.61 -6.52
C LYS A 81 -3.65 6.83 -5.01
N ILE A 82 -2.45 6.75 -4.46
CA ILE A 82 -2.27 6.94 -3.03
C ILE A 82 -1.03 7.80 -2.78
N MET A 83 -1.24 8.88 -2.06
CA MET A 83 -0.16 9.79 -1.74
C MET A 83 0.34 9.60 -0.31
N VAL A 84 1.65 9.76 -0.13
CA VAL A 84 2.24 9.59 1.17
C VAL A 84 3.10 10.82 1.49
N VAL A 85 3.00 11.26 2.74
CA VAL A 85 3.76 12.43 3.18
C VAL A 85 4.43 12.12 4.52
N GLY A 86 5.56 12.77 4.74
CA GLY A 86 6.30 12.57 5.97
C GLY A 86 7.81 12.57 5.70
N SER A 87 8.56 12.17 6.72
CA SER A 87 10.00 12.12 6.60
C SER A 87 10.57 13.52 6.39
N THR A 88 11.23 14.02 7.42
CA THR A 88 11.82 15.36 7.36
C THR A 88 13.26 15.27 6.84
N ILE A 89 13.50 16.01 5.76
CA ILE A 89 14.82 16.03 5.16
C ILE A 89 15.78 16.80 6.08
N SER A 90 16.36 16.07 7.02
CA SER A 90 17.29 16.66 7.97
C SER A 90 18.02 15.56 8.74
N GLY A 91 19.24 15.90 9.16
CA GLY A 91 20.05 14.95 9.91
C GLY A 91 21.02 14.21 8.98
N PRO A 92 22.31 14.15 9.43
CA PRO A 92 23.33 13.47 8.65
C PRO A 92 23.18 11.95 8.75
N SER A 93 22.25 11.42 7.97
CA SER A 93 22.00 9.99 7.96
C SER A 93 21.02 9.65 6.85
N SER A 94 20.88 8.35 6.61
CA SER A 94 19.97 7.87 5.58
C SER A 94 18.83 7.07 6.22
N GLY A 95 17.74 6.96 5.46
CA GLY A 95 16.58 6.24 5.94
C GLY A 95 15.98 6.90 7.19
N GLY A 1 29.64 -27.75 -13.97
CA GLY A 1 29.09 -26.97 -12.88
C GLY A 1 27.56 -26.90 -12.97
N SER A 2 26.92 -27.11 -11.83
CA SER A 2 25.46 -27.06 -11.78
C SER A 2 25.00 -26.73 -10.36
N SER A 3 24.08 -25.78 -10.28
CA SER A 3 23.54 -25.36 -9.00
C SER A 3 22.32 -24.47 -9.21
N GLY A 4 21.23 -24.85 -8.55
CA GLY A 4 19.99 -24.10 -8.66
C GLY A 4 18.98 -24.57 -7.62
N SER A 5 17.88 -23.84 -7.53
CA SER A 5 16.83 -24.17 -6.59
C SER A 5 15.49 -23.60 -7.07
N SER A 6 15.47 -22.29 -7.24
CA SER A 6 14.26 -21.61 -7.69
C SER A 6 13.15 -21.78 -6.65
N GLY A 7 12.30 -20.76 -6.57
CA GLY A 7 11.20 -20.78 -5.63
C GLY A 7 9.95 -20.11 -6.23
N ASP A 8 8.82 -20.76 -6.05
CA ASP A 8 7.57 -20.23 -6.56
C ASP A 8 6.42 -20.66 -5.64
N ALA A 9 5.31 -19.96 -5.77
CA ALA A 9 4.14 -20.26 -4.96
C ALA A 9 2.95 -19.46 -5.48
N GLY A 10 1.77 -19.78 -4.94
CA GLY A 10 0.56 -19.10 -5.33
C GLY A 10 -0.30 -18.76 -4.11
N GLY A 11 -1.59 -18.58 -4.37
CA GLY A 11 -2.53 -18.24 -3.31
C GLY A 11 -3.52 -17.16 -3.76
N GLY A 12 -4.78 -17.53 -3.72
CA GLY A 12 -5.83 -16.61 -4.13
C GLY A 12 -7.19 -17.33 -4.22
N VAL A 13 -7.53 -17.73 -5.43
CA VAL A 13 -8.79 -18.42 -5.66
C VAL A 13 -9.88 -17.80 -4.80
N GLY A 14 -9.84 -16.48 -4.70
CA GLY A 14 -10.82 -15.75 -3.91
C GLY A 14 -11.00 -14.33 -4.45
N LYS A 15 -10.04 -13.47 -4.12
CA LYS A 15 -10.08 -12.09 -4.56
C LYS A 15 -8.67 -11.60 -4.85
N GLU A 16 -8.48 -11.12 -6.08
CA GLU A 16 -7.19 -10.62 -6.50
C GLU A 16 -6.94 -9.21 -5.93
N LEU A 17 -5.92 -9.10 -5.11
CA LEU A 17 -5.57 -7.83 -4.51
C LEU A 17 -5.76 -6.71 -5.54
N VAL A 18 -5.99 -5.52 -5.03
CA VAL A 18 -6.19 -4.36 -5.89
C VAL A 18 -4.84 -3.71 -6.18
N ASP A 19 -4.69 -3.26 -7.41
CA ASP A 19 -3.45 -2.61 -7.82
C ASP A 19 -3.50 -1.13 -7.45
N LEU A 20 -2.61 -0.75 -6.54
CA LEU A 20 -2.55 0.63 -6.08
C LEU A 20 -1.12 1.15 -6.27
N LYS A 21 -1.04 2.44 -6.58
CA LYS A 21 0.25 3.07 -6.79
C LYS A 21 0.65 3.84 -5.53
N ILE A 22 1.83 3.49 -5.02
CA ILE A 22 2.34 4.13 -3.82
C ILE A 22 3.11 5.40 -4.20
N ILE A 23 2.38 6.49 -4.31
CA ILE A 23 2.98 7.77 -4.66
C ILE A 23 3.65 8.38 -3.43
N TRP A 24 4.89 8.80 -3.63
CA TRP A 24 5.66 9.40 -2.55
C TRP A 24 6.82 10.18 -3.17
N ASN A 25 6.74 11.49 -3.04
CA ASN A 25 7.78 12.36 -3.58
C ASN A 25 7.71 12.34 -5.11
N LYS A 26 8.19 11.23 -5.68
CA LYS A 26 8.19 11.08 -7.12
C LYS A 26 8.51 9.62 -7.47
N THR A 27 7.96 8.72 -6.67
CA THR A 27 8.18 7.30 -6.88
C THR A 27 6.83 6.56 -6.96
N LYS A 28 6.83 5.48 -7.73
CA LYS A 28 5.63 4.69 -7.89
C LYS A 28 5.96 3.21 -7.61
N HIS A 29 5.62 2.79 -6.40
CA HIS A 29 5.87 1.42 -5.98
C HIS A 29 4.63 0.58 -6.25
N ASP A 30 4.83 -0.48 -7.03
CA ASP A 30 3.73 -1.38 -7.36
C ASP A 30 3.51 -2.36 -6.21
N VAL A 31 2.36 -2.24 -5.57
CA VAL A 31 2.02 -3.11 -4.45
C VAL A 31 0.56 -3.55 -4.58
N LYS A 32 0.33 -4.81 -4.29
CA LYS A 32 -1.01 -5.37 -4.37
C LYS A 32 -1.55 -5.60 -2.95
N VAL A 33 -2.77 -5.12 -2.72
CA VAL A 33 -3.40 -5.25 -1.43
C VAL A 33 -4.90 -5.47 -1.62
N PRO A 34 -5.50 -6.18 -0.63
CA PRO A 34 -6.93 -6.46 -0.67
C PRO A 34 -7.75 -5.21 -0.33
N LEU A 35 -8.90 -5.11 -0.97
CA LEU A 35 -9.79 -3.98 -0.76
C LEU A 35 -10.47 -4.12 0.61
N ASP A 36 -10.44 -5.35 1.12
CA ASP A 36 -11.05 -5.63 2.41
C ASP A 36 -10.25 -4.93 3.51
N SER A 37 -9.03 -4.55 3.16
CA SER A 37 -8.15 -3.88 4.11
C SER A 37 -8.83 -2.61 4.63
N THR A 38 -8.51 -2.27 5.86
CA THR A 38 -9.07 -1.09 6.49
C THR A 38 -8.20 0.13 6.20
N GLY A 39 -8.87 1.26 6.00
CA GLY A 39 -8.17 2.50 5.72
C GLY A 39 -6.94 2.66 6.61
N SER A 40 -7.02 2.03 7.78
CA SER A 40 -5.92 2.08 8.73
C SER A 40 -4.76 1.21 8.25
N GLU A 41 -5.10 0.00 7.83
CA GLU A 41 -4.11 -0.94 7.34
C GLU A 41 -3.21 -0.26 6.31
N LEU A 42 -3.83 0.56 5.47
CA LEU A 42 -3.11 1.26 4.43
C LEU A 42 -1.77 1.76 5.00
N LYS A 43 -1.86 2.45 6.13
CA LYS A 43 -0.68 2.98 6.78
C LYS A 43 0.39 1.89 6.86
N GLN A 44 0.06 0.82 7.57
CA GLN A 44 0.99 -0.29 7.73
C GLN A 44 1.28 -0.92 6.37
N LYS A 45 0.41 -0.64 5.42
CA LYS A 45 0.57 -1.18 4.08
C LYS A 45 1.56 -0.30 3.30
N ILE A 46 1.59 0.97 3.66
CA ILE A 46 2.48 1.91 3.02
C ILE A 46 3.80 1.96 3.78
N HIS A 47 3.69 1.90 5.10
CA HIS A 47 4.86 1.94 5.95
C HIS A 47 5.73 0.70 5.69
N SER A 48 5.06 -0.38 5.33
CA SER A 48 5.76 -1.62 5.05
C SER A 48 6.61 -1.48 3.79
N ILE A 49 6.36 -0.39 3.07
CA ILE A 49 7.08 -0.12 1.84
C ILE A 49 7.94 1.14 2.02
N THR A 50 7.27 2.24 2.31
CA THR A 50 7.94 3.51 2.51
C THR A 50 9.05 3.35 3.56
N GLY A 51 8.78 2.51 4.54
CA GLY A 51 9.73 2.27 5.60
C GLY A 51 9.69 3.38 6.65
N LEU A 52 8.89 4.40 6.34
CA LEU A 52 8.74 5.53 7.24
C LEU A 52 7.60 5.26 8.22
N PRO A 53 7.53 6.11 9.28
CA PRO A 53 6.49 5.97 10.28
C PRO A 53 5.15 6.46 9.76
N PRO A 54 4.06 5.75 10.19
CA PRO A 54 2.72 6.11 9.77
C PRO A 54 2.23 7.35 10.49
N ALA A 55 2.70 7.51 11.71
CA ALA A 55 2.32 8.66 12.53
C ALA A 55 2.67 9.95 11.77
N MET A 56 3.72 9.87 10.98
CA MET A 56 4.18 11.01 10.21
C MET A 56 3.81 10.85 8.73
N GLN A 57 2.72 10.13 8.49
CA GLN A 57 2.25 9.89 7.14
C GLN A 57 0.92 10.60 6.91
N LYS A 58 0.66 10.90 5.65
CA LYS A 58 -0.59 11.56 5.28
C LYS A 58 -1.26 10.80 4.14
N VAL A 59 -2.13 9.87 4.54
CA VAL A 59 -2.84 9.06 3.56
C VAL A 59 -4.06 9.84 3.06
N MET A 60 -4.02 10.18 1.78
CA MET A 60 -5.11 10.92 1.17
C MET A 60 -5.23 10.59 -0.32
N TYR A 61 -6.39 10.08 -0.70
CA TYR A 61 -6.64 9.72 -2.08
C TYR A 61 -7.93 10.37 -2.59
N LYS A 62 -7.75 11.42 -3.38
CA LYS A 62 -8.88 12.14 -3.94
C LYS A 62 -9.87 12.48 -2.82
N GLY A 63 -9.34 12.52 -1.61
CA GLY A 63 -10.17 12.82 -0.45
C GLY A 63 -9.64 12.11 0.81
N LEU A 64 -10.02 12.65 1.95
CA LEU A 64 -9.59 12.08 3.22
C LEU A 64 -9.96 10.60 3.25
N VAL A 65 -9.04 9.80 3.77
CA VAL A 65 -9.26 8.36 3.88
C VAL A 65 -9.54 7.99 5.33
N PRO A 66 -10.82 7.67 5.61
CA PRO A 66 -11.23 7.31 6.96
C PRO A 66 -10.78 5.88 7.29
N GLU A 67 -10.24 5.73 8.50
CA GLU A 67 -9.77 4.43 8.95
C GLU A 67 -10.94 3.58 9.44
N ASP A 68 -12.05 4.25 9.68
CA ASP A 68 -13.25 3.57 10.15
C ASP A 68 -13.95 2.90 8.97
N LYS A 69 -13.41 3.14 7.79
CA LYS A 69 -13.97 2.57 6.58
C LYS A 69 -12.85 1.94 5.74
N THR A 70 -13.16 0.79 5.16
CA THR A 70 -12.20 0.09 4.34
C THR A 70 -12.08 0.75 2.96
N LEU A 71 -11.03 0.37 2.25
CA LEU A 71 -10.80 0.91 0.91
C LEU A 71 -12.07 0.78 0.08
N ARG A 72 -12.50 -0.45 -0.10
CA ARG A 72 -13.70 -0.73 -0.87
C ARG A 72 -14.89 0.05 -0.30
N GLU A 73 -14.73 0.49 0.94
CA GLU A 73 -15.77 1.25 1.60
C GLU A 73 -15.61 2.75 1.32
N ILE A 74 -14.36 3.19 1.40
CA ILE A 74 -14.06 4.59 1.16
C ILE A 74 -14.11 4.87 -0.35
N LYS A 75 -14.35 3.80 -1.11
CA LYS A 75 -14.43 3.92 -2.55
C LYS A 75 -13.02 3.81 -3.14
N VAL A 76 -12.58 2.58 -3.31
CA VAL A 76 -11.26 2.32 -3.86
C VAL A 76 -11.34 1.19 -4.88
N THR A 77 -10.51 1.29 -5.90
CA THR A 77 -10.48 0.29 -6.96
C THR A 77 -9.05 0.08 -7.47
N SER A 78 -8.94 -0.71 -8.52
CA SER A 78 -7.64 -0.99 -9.10
C SER A 78 -7.16 0.21 -9.92
N GLY A 79 -6.16 0.90 -9.38
CA GLY A 79 -5.62 2.07 -10.05
C GLY A 79 -5.86 3.33 -9.23
N ALA A 80 -6.07 3.13 -7.93
CA ALA A 80 -6.32 4.25 -7.03
C ALA A 80 -4.98 4.85 -6.59
N LYS A 81 -4.82 6.13 -6.88
CA LYS A 81 -3.59 6.84 -6.53
C LYS A 81 -3.52 6.97 -5.00
N ILE A 82 -2.29 6.91 -4.51
CA ILE A 82 -2.07 7.02 -3.06
C ILE A 82 -0.85 7.92 -2.82
N MET A 83 -1.13 9.12 -2.35
CA MET A 83 -0.07 10.08 -2.07
C MET A 83 0.45 9.91 -0.64
N VAL A 84 1.76 9.87 -0.52
CA VAL A 84 2.39 9.72 0.79
C VAL A 84 3.28 10.93 1.06
N VAL A 85 3.21 11.39 2.31
CA VAL A 85 3.99 12.54 2.71
C VAL A 85 5.25 12.07 3.46
N GLY A 86 6.14 13.01 3.71
CA GLY A 86 7.37 12.70 4.42
C GLY A 86 8.58 12.82 3.48
N SER A 87 9.71 12.34 3.97
CA SER A 87 10.94 12.38 3.19
C SER A 87 11.26 13.82 2.81
N THR A 88 12.24 14.39 3.53
CA THR A 88 12.66 15.75 3.27
C THR A 88 14.11 15.95 3.68
N ILE A 89 14.82 16.76 2.90
CA ILE A 89 16.21 17.04 3.17
C ILE A 89 16.93 15.72 3.49
N SER A 90 17.16 14.93 2.46
CA SER A 90 17.83 13.66 2.63
C SER A 90 17.01 12.75 3.55
N GLY A 91 16.64 11.59 3.03
CA GLY A 91 15.87 10.64 3.80
C GLY A 91 16.73 9.45 4.23
N PRO A 92 16.05 8.43 4.81
CA PRO A 92 16.74 7.24 5.26
C PRO A 92 17.14 6.34 4.09
N SER A 93 18.40 6.47 3.68
CA SER A 93 18.91 5.69 2.57
C SER A 93 19.81 4.57 3.09
N SER A 94 19.56 3.36 2.58
CA SER A 94 20.33 2.21 2.99
C SER A 94 20.45 2.16 4.50
N GLY A 95 19.56 1.39 5.12
CA GLY A 95 19.55 1.26 6.56
C GLY A 95 19.55 -0.21 6.97
N GLY A 1 5.48 -37.26 -26.96
CA GLY A 1 4.98 -36.39 -25.91
C GLY A 1 6.13 -35.73 -25.14
N SER A 2 5.92 -34.46 -24.81
CA SER A 2 6.94 -33.71 -24.09
C SER A 2 6.34 -32.39 -23.60
N SER A 3 6.85 -31.92 -22.48
CA SER A 3 6.38 -30.67 -21.89
C SER A 3 7.22 -30.33 -20.66
N GLY A 4 7.08 -29.08 -20.21
CA GLY A 4 7.81 -28.62 -19.04
C GLY A 4 7.79 -27.09 -18.95
N SER A 5 7.26 -26.61 -17.84
CA SER A 5 7.16 -25.18 -17.62
C SER A 5 6.76 -24.91 -16.17
N SER A 6 7.26 -23.79 -15.64
CA SER A 6 6.97 -23.41 -14.28
C SER A 6 7.54 -22.02 -13.99
N GLY A 7 7.10 -21.45 -12.88
CA GLY A 7 7.55 -20.12 -12.48
C GLY A 7 6.37 -19.24 -12.07
N ASP A 8 6.23 -19.07 -10.77
CA ASP A 8 5.16 -18.25 -10.23
C ASP A 8 5.44 -17.92 -8.77
N ALA A 9 5.23 -16.65 -8.43
CA ALA A 9 5.48 -16.20 -7.07
C ALA A 9 4.39 -15.20 -6.67
N GLY A 10 4.10 -15.15 -5.38
CA GLY A 10 3.09 -14.25 -4.86
C GLY A 10 1.91 -15.02 -4.28
N GLY A 11 0.90 -14.27 -3.89
CA GLY A 11 -0.29 -14.87 -3.31
C GLY A 11 -1.32 -13.81 -2.95
N GLY A 12 -2.53 -14.26 -2.63
CA GLY A 12 -3.61 -13.36 -2.26
C GLY A 12 -4.67 -14.09 -1.43
N VAL A 13 -5.40 -13.32 -0.64
CA VAL A 13 -6.45 -13.88 0.19
C VAL A 13 -7.80 -13.38 -0.31
N GLY A 14 -8.70 -14.34 -0.52
CA GLY A 14 -10.03 -14.02 -1.00
C GLY A 14 -10.04 -13.87 -2.52
N LYS A 15 -9.45 -12.78 -2.98
CA LYS A 15 -9.39 -12.50 -4.40
C LYS A 15 -8.02 -11.90 -4.74
N GLU A 16 -7.93 -11.37 -5.95
CA GLU A 16 -6.70 -10.76 -6.41
C GLU A 16 -6.57 -9.34 -5.85
N LEU A 17 -5.56 -9.15 -5.02
CA LEU A 17 -5.32 -7.84 -4.42
C LEU A 17 -5.56 -6.76 -5.47
N VAL A 18 -5.98 -5.60 -4.98
CA VAL A 18 -6.24 -4.46 -5.86
C VAL A 18 -4.92 -3.74 -6.16
N ASP A 19 -4.86 -3.19 -7.35
CA ASP A 19 -3.66 -2.47 -7.78
C ASP A 19 -3.75 -1.02 -7.30
N LEU A 20 -2.65 -0.56 -6.73
CA LEU A 20 -2.59 0.80 -6.22
C LEU A 20 -1.18 1.36 -6.43
N LYS A 21 -1.11 2.66 -6.68
CA LYS A 21 0.15 3.33 -6.91
C LYS A 21 0.58 4.06 -5.64
N ILE A 22 1.71 3.64 -5.09
CA ILE A 22 2.23 4.25 -3.88
C ILE A 22 3.02 5.51 -4.25
N ILE A 23 2.31 6.62 -4.30
CA ILE A 23 2.93 7.89 -4.64
C ILE A 23 3.61 8.47 -3.39
N TRP A 24 4.86 8.88 -3.59
CA TRP A 24 5.63 9.45 -2.50
C TRP A 24 6.81 10.22 -3.11
N ASN A 25 6.71 11.54 -3.06
CA ASN A 25 7.76 12.39 -3.59
C ASN A 25 7.76 12.28 -5.13
N LYS A 26 8.25 11.15 -5.60
CA LYS A 26 8.32 10.91 -7.03
C LYS A 26 8.68 9.44 -7.28
N THR A 27 8.12 8.57 -6.45
CA THR A 27 8.36 7.14 -6.56
C THR A 27 7.05 6.39 -6.79
N LYS A 28 7.14 5.33 -7.55
CA LYS A 28 5.97 4.51 -7.85
C LYS A 28 6.25 3.05 -7.47
N HIS A 29 5.67 2.65 -6.35
CA HIS A 29 5.85 1.29 -5.87
C HIS A 29 4.57 0.48 -6.14
N ASP A 30 4.68 -0.40 -7.13
CA ASP A 30 3.56 -1.24 -7.50
C ASP A 30 3.33 -2.28 -6.41
N VAL A 31 2.28 -2.05 -5.63
CA VAL A 31 1.94 -2.97 -4.55
C VAL A 31 0.48 -3.42 -4.70
N LYS A 32 0.25 -4.69 -4.42
CA LYS A 32 -1.08 -5.25 -4.52
C LYS A 32 -1.62 -5.56 -3.12
N VAL A 33 -2.70 -4.90 -2.77
CA VAL A 33 -3.31 -5.09 -1.46
C VAL A 33 -4.80 -5.36 -1.64
N PRO A 34 -5.37 -6.10 -0.65
CA PRO A 34 -6.78 -6.43 -0.69
C PRO A 34 -7.65 -5.22 -0.34
N LEU A 35 -8.84 -5.20 -0.91
CA LEU A 35 -9.77 -4.11 -0.67
C LEU A 35 -10.33 -4.23 0.75
N ASP A 36 -10.24 -5.43 1.29
CA ASP A 36 -10.73 -5.70 2.63
C ASP A 36 -9.85 -4.95 3.64
N SER A 37 -8.72 -4.47 3.15
CA SER A 37 -7.80 -3.74 4.00
C SER A 37 -8.47 -2.51 4.60
N THR A 38 -8.37 -2.40 5.92
CA THR A 38 -8.97 -1.29 6.63
C THR A 38 -8.17 -0.01 6.39
N GLY A 39 -8.90 1.09 6.23
CA GLY A 39 -8.27 2.37 5.99
C GLY A 39 -7.11 2.61 6.96
N SER A 40 -7.18 1.93 8.10
CA SER A 40 -6.15 2.05 9.11
C SER A 40 -4.93 1.21 8.70
N GLU A 41 -5.22 0.04 8.15
CA GLU A 41 -4.16 -0.86 7.72
C GLU A 41 -3.30 -0.20 6.63
N LEU A 42 -3.97 0.61 5.82
CA LEU A 42 -3.29 1.31 4.74
C LEU A 42 -1.94 1.83 5.24
N LYS A 43 -2.01 2.59 6.32
CA LYS A 43 -0.81 3.17 6.91
C LYS A 43 0.26 2.07 7.02
N GLN A 44 -0.10 1.00 7.70
CA GLN A 44 0.81 -0.12 7.89
C GLN A 44 1.11 -0.78 6.55
N LYS A 45 0.20 -0.58 5.60
CA LYS A 45 0.35 -1.16 4.28
C LYS A 45 1.33 -0.32 3.46
N ILE A 46 1.34 0.97 3.76
CA ILE A 46 2.23 1.90 3.06
C ILE A 46 3.57 1.96 3.80
N HIS A 47 3.48 2.01 5.12
CA HIS A 47 4.68 2.07 5.95
C HIS A 47 5.54 0.83 5.69
N SER A 48 4.87 -0.26 5.36
CA SER A 48 5.56 -1.51 5.08
C SER A 48 6.36 -1.39 3.78
N ILE A 49 6.08 -0.33 3.05
CA ILE A 49 6.77 -0.09 1.79
C ILE A 49 7.64 1.16 1.91
N THR A 50 6.98 2.28 2.20
CA THR A 50 7.69 3.54 2.35
C THR A 50 8.84 3.39 3.34
N GLY A 51 8.61 2.57 4.36
CA GLY A 51 9.61 2.34 5.38
C GLY A 51 9.51 3.37 6.50
N LEU A 52 8.97 4.53 6.15
CA LEU A 52 8.80 5.60 7.10
C LEU A 52 7.63 5.29 8.04
N PRO A 53 7.54 6.07 9.14
CA PRO A 53 6.47 5.87 10.11
C PRO A 53 5.14 6.40 9.58
N PRO A 54 4.04 5.70 9.98
CA PRO A 54 2.71 6.10 9.54
C PRO A 54 2.24 7.34 10.30
N ALA A 55 2.78 7.50 11.51
CA ALA A 55 2.41 8.63 12.34
C ALA A 55 2.76 9.93 11.60
N MET A 56 3.59 9.79 10.59
CA MET A 56 4.00 10.94 9.79
C MET A 56 3.37 10.91 8.40
N GLN A 57 3.21 9.70 7.89
CA GLN A 57 2.62 9.51 6.57
C GLN A 57 1.24 10.16 6.51
N LYS A 58 0.93 10.72 5.35
CA LYS A 58 -0.36 11.37 5.16
C LYS A 58 -1.13 10.65 4.06
N VAL A 59 -1.93 9.68 4.49
CA VAL A 59 -2.73 8.90 3.55
C VAL A 59 -3.93 9.74 3.09
N MET A 60 -3.86 10.18 1.84
CA MET A 60 -4.92 10.99 1.27
C MET A 60 -5.02 10.78 -0.25
N TYR A 61 -6.19 10.32 -0.67
CA TYR A 61 -6.42 10.07 -2.08
C TYR A 61 -7.69 10.77 -2.55
N LYS A 62 -7.49 11.88 -3.25
CA LYS A 62 -8.60 12.66 -3.77
C LYS A 62 -9.64 12.85 -2.66
N GLY A 63 -9.17 12.78 -1.43
CA GLY A 63 -10.04 12.94 -0.28
C GLY A 63 -9.52 12.15 0.93
N LEU A 64 -9.82 12.67 2.11
CA LEU A 64 -9.39 12.02 3.33
C LEU A 64 -9.84 10.56 3.33
N VAL A 65 -8.97 9.70 3.83
CA VAL A 65 -9.26 8.28 3.89
C VAL A 65 -9.66 7.90 5.31
N PRO A 66 -10.94 7.47 5.46
CA PRO A 66 -11.45 7.08 6.76
C PRO A 66 -10.91 5.71 7.18
N GLU A 67 -10.53 5.61 8.44
CA GLU A 67 -10.00 4.37 8.98
C GLU A 67 -11.13 3.42 9.35
N ASP A 68 -12.24 4.02 9.77
CA ASP A 68 -13.41 3.24 10.17
C ASP A 68 -13.95 2.49 8.95
N LYS A 69 -13.67 3.05 7.78
CA LYS A 69 -14.12 2.44 6.54
C LYS A 69 -12.92 1.93 5.75
N THR A 70 -13.08 0.75 5.17
CA THR A 70 -12.01 0.14 4.39
C THR A 70 -11.97 0.76 2.99
N LEU A 71 -10.89 0.45 2.28
CA LEU A 71 -10.72 0.96 0.93
C LEU A 71 -12.02 0.79 0.14
N ARG A 72 -12.44 -0.47 0.04
CA ARG A 72 -13.67 -0.79 -0.68
C ARG A 72 -14.82 0.10 -0.19
N GLU A 73 -14.64 0.61 1.02
CA GLU A 73 -15.65 1.48 1.61
C GLU A 73 -15.33 2.95 1.35
N ILE A 74 -14.03 3.22 1.28
CA ILE A 74 -13.57 4.58 1.03
C ILE A 74 -13.67 4.88 -0.47
N LYS A 75 -14.17 3.90 -1.21
CA LYS A 75 -14.32 4.05 -2.65
C LYS A 75 -12.95 3.91 -3.32
N VAL A 76 -12.48 2.68 -3.36
CA VAL A 76 -11.19 2.39 -3.98
C VAL A 76 -11.39 1.47 -5.18
N THR A 77 -10.47 1.58 -6.12
CA THR A 77 -10.53 0.77 -7.32
C THR A 77 -9.14 0.24 -7.69
N SER A 78 -9.10 -0.57 -8.75
CA SER A 78 -7.86 -1.14 -9.20
C SER A 78 -7.09 -0.11 -10.04
N GLY A 79 -6.07 0.47 -9.42
CA GLY A 79 -5.25 1.47 -10.09
C GLY A 79 -5.41 2.84 -9.44
N ALA A 80 -5.86 2.82 -8.19
CA ALA A 80 -6.05 4.05 -7.44
C ALA A 80 -4.70 4.71 -7.19
N LYS A 81 -4.75 5.84 -6.51
CA LYS A 81 -3.53 6.58 -6.21
C LYS A 81 -3.42 6.77 -4.69
N ILE A 82 -2.18 6.82 -4.22
CA ILE A 82 -1.93 6.98 -2.80
C ILE A 82 -0.78 7.97 -2.61
N MET A 83 -1.10 9.09 -1.97
CA MET A 83 -0.11 10.12 -1.71
C MET A 83 0.49 9.97 -0.31
N VAL A 84 1.82 9.99 -0.27
CA VAL A 84 2.52 9.86 1.00
C VAL A 84 3.43 11.07 1.20
N VAL A 85 3.59 11.46 2.45
CA VAL A 85 4.44 12.59 2.79
C VAL A 85 5.27 12.26 4.02
N GLY A 86 6.16 13.18 4.36
CA GLY A 86 7.02 12.99 5.52
C GLY A 86 8.49 13.19 5.14
N SER A 87 9.13 12.11 4.75
CA SER A 87 10.53 12.16 4.36
C SER A 87 11.41 12.35 5.60
N THR A 88 11.41 11.35 6.46
CA THR A 88 12.20 11.40 7.68
C THR A 88 12.22 10.03 8.37
N ILE A 89 13.34 9.76 9.03
CA ILE A 89 13.50 8.49 9.72
C ILE A 89 12.61 8.48 10.97
N SER A 90 12.47 9.65 11.57
CA SER A 90 11.65 9.78 12.75
C SER A 90 11.85 8.57 13.66
N GLY A 91 12.83 8.68 14.55
CA GLY A 91 13.13 7.60 15.47
C GLY A 91 13.62 6.36 14.72
N PRO A 92 14.87 5.94 15.09
CA PRO A 92 15.46 4.76 14.46
C PRO A 92 14.83 3.47 14.99
N SER A 93 15.26 2.37 14.41
CA SER A 93 14.74 1.06 14.81
C SER A 93 15.90 0.09 15.04
N SER A 94 15.96 -0.42 16.27
CA SER A 94 17.01 -1.35 16.64
C SER A 94 16.63 -2.06 17.94
N GLY A 95 15.92 -3.18 17.79
CA GLY A 95 15.49 -3.96 18.93
C GLY A 95 14.25 -4.78 18.61
N GLY A 1 23.84 -8.44 -13.71
CA GLY A 1 22.61 -9.13 -14.09
C GLY A 1 22.42 -10.40 -13.28
N SER A 2 21.46 -10.35 -12.36
CA SER A 2 21.17 -11.50 -11.52
C SER A 2 19.72 -11.43 -11.03
N SER A 3 19.10 -12.59 -10.93
CA SER A 3 17.73 -12.68 -10.47
C SER A 3 17.43 -14.09 -9.96
N GLY A 4 17.21 -14.17 -8.66
CA GLY A 4 16.92 -15.46 -8.04
C GLY A 4 15.47 -15.51 -7.53
N SER A 5 14.55 -15.53 -8.49
CA SER A 5 13.13 -15.58 -8.16
C SER A 5 12.32 -15.95 -9.40
N SER A 6 11.84 -17.19 -9.39
CA SER A 6 11.05 -17.68 -10.51
C SER A 6 10.30 -18.96 -10.10
N GLY A 7 8.99 -18.92 -10.29
CA GLY A 7 8.16 -20.06 -9.94
C GLY A 7 8.22 -20.35 -8.45
N ASP A 8 7.07 -20.26 -7.81
CA ASP A 8 6.97 -20.51 -6.37
C ASP A 8 5.57 -21.00 -6.04
N ALA A 9 4.59 -20.18 -6.42
CA ALA A 9 3.19 -20.52 -6.16
C ALA A 9 2.96 -20.57 -4.65
N GLY A 10 1.69 -20.68 -4.28
CA GLY A 10 1.32 -20.74 -2.88
C GLY A 10 0.30 -19.65 -2.53
N GLY A 11 -0.61 -20.00 -1.65
CA GLY A 11 -1.63 -19.06 -1.22
C GLY A 11 -3.04 -19.66 -1.41
N GLY A 12 -3.99 -18.78 -1.68
CA GLY A 12 -5.36 -19.20 -1.89
C GLY A 12 -6.01 -18.43 -3.04
N VAL A 13 -7.26 -18.76 -3.32
CA VAL A 13 -7.99 -18.11 -4.39
C VAL A 13 -9.23 -17.43 -3.80
N GLY A 14 -9.47 -16.21 -4.27
CA GLY A 14 -10.62 -15.44 -3.81
C GLY A 14 -10.81 -14.18 -4.65
N LYS A 15 -10.00 -13.17 -4.34
CA LYS A 15 -10.07 -11.91 -5.05
C LYS A 15 -8.65 -11.37 -5.25
N GLU A 16 -8.31 -11.12 -6.51
CA GLU A 16 -7.00 -10.60 -6.85
C GLU A 16 -6.81 -9.21 -6.25
N LEU A 17 -5.79 -9.09 -5.41
CA LEU A 17 -5.49 -7.82 -4.77
C LEU A 17 -5.69 -6.69 -5.76
N VAL A 18 -6.03 -5.52 -5.22
CA VAL A 18 -6.26 -4.35 -6.05
C VAL A 18 -4.92 -3.69 -6.37
N ASP A 19 -4.88 -3.03 -7.53
CA ASP A 19 -3.68 -2.34 -7.96
C ASP A 19 -3.68 -0.92 -7.40
N LEU A 20 -2.63 -0.61 -6.66
CA LEU A 20 -2.50 0.71 -6.07
C LEU A 20 -1.06 1.20 -6.24
N LYS A 21 -0.93 2.49 -6.45
CA LYS A 21 0.38 3.09 -6.63
C LYS A 21 0.76 3.88 -5.37
N ILE A 22 1.95 3.61 -4.87
CA ILE A 22 2.43 4.29 -3.68
C ILE A 22 3.13 5.58 -4.08
N ILE A 23 2.34 6.63 -4.24
CA ILE A 23 2.87 7.93 -4.62
C ILE A 23 3.51 8.59 -3.40
N TRP A 24 4.80 8.87 -3.52
CA TRP A 24 5.54 9.50 -2.45
C TRP A 24 6.70 10.29 -3.07
N ASN A 25 6.58 11.60 -3.00
CA ASN A 25 7.61 12.48 -3.55
C ASN A 25 7.59 12.38 -5.07
N LYS A 26 8.04 11.24 -5.57
CA LYS A 26 8.08 11.01 -7.01
C LYS A 26 8.39 9.53 -7.28
N THR A 27 7.84 8.69 -6.42
CA THR A 27 8.04 7.26 -6.56
C THR A 27 6.71 6.54 -6.80
N LYS A 28 6.80 5.41 -7.48
CA LYS A 28 5.61 4.63 -7.78
C LYS A 28 5.89 3.15 -7.51
N HIS A 29 5.48 2.71 -6.33
CA HIS A 29 5.68 1.33 -5.93
C HIS A 29 4.41 0.53 -6.19
N ASP A 30 4.48 -0.33 -7.20
CA ASP A 30 3.34 -1.16 -7.56
C ASP A 30 3.15 -2.25 -6.50
N VAL A 31 2.18 -2.04 -5.64
CA VAL A 31 1.88 -3.00 -4.59
C VAL A 31 0.47 -3.55 -4.77
N LYS A 32 0.32 -4.84 -4.51
CA LYS A 32 -0.97 -5.49 -4.64
C LYS A 32 -1.52 -5.81 -3.25
N VAL A 33 -2.58 -5.11 -2.89
CA VAL A 33 -3.21 -5.31 -1.59
C VAL A 33 -4.72 -5.50 -1.80
N PRO A 34 -5.33 -6.27 -0.84
CA PRO A 34 -6.75 -6.55 -0.90
C PRO A 34 -7.57 -5.31 -0.48
N LEU A 35 -8.73 -5.18 -1.09
CA LEU A 35 -9.60 -4.06 -0.79
C LEU A 35 -10.10 -4.19 0.65
N ASP A 36 -9.98 -5.39 1.18
CA ASP A 36 -10.42 -5.65 2.55
C ASP A 36 -9.56 -4.83 3.52
N SER A 37 -8.47 -4.31 2.99
CA SER A 37 -7.57 -3.51 3.80
C SER A 37 -8.30 -2.29 4.36
N THR A 38 -8.29 -2.20 5.69
CA THR A 38 -8.95 -1.10 6.36
C THR A 38 -8.13 0.18 6.23
N GLY A 39 -8.83 1.30 6.08
CA GLY A 39 -8.17 2.58 5.94
C GLY A 39 -7.04 2.73 6.95
N SER A 40 -7.16 2.01 8.05
CA SER A 40 -6.15 2.05 9.10
C SER A 40 -4.95 1.19 8.70
N GLU A 41 -5.25 -0.01 8.21
CA GLU A 41 -4.21 -0.92 7.78
C GLU A 41 -3.31 -0.26 6.74
N LEU A 42 -3.93 0.55 5.90
CA LEU A 42 -3.20 1.25 4.85
C LEU A 42 -1.87 1.75 5.41
N LYS A 43 -1.95 2.34 6.59
CA LYS A 43 -0.76 2.87 7.25
C LYS A 43 0.34 1.80 7.24
N GLN A 44 0.07 0.73 7.96
CA GLN A 44 1.01 -0.37 8.05
C GLN A 44 1.21 -1.02 6.68
N LYS A 45 0.29 -0.69 5.78
CA LYS A 45 0.35 -1.23 4.42
C LYS A 45 1.33 -0.41 3.59
N ILE A 46 1.39 0.88 3.90
CA ILE A 46 2.29 1.78 3.19
C ILE A 46 3.63 1.84 3.92
N HIS A 47 3.55 1.84 5.24
CA HIS A 47 4.75 1.89 6.06
C HIS A 47 5.59 0.63 5.84
N SER A 48 4.91 -0.42 5.40
CA SER A 48 5.57 -1.69 5.14
C SER A 48 6.40 -1.59 3.85
N ILE A 49 6.14 -0.52 3.10
CA ILE A 49 6.84 -0.30 1.85
C ILE A 49 7.72 0.95 1.98
N THR A 50 7.05 2.07 2.20
CA THR A 50 7.75 3.34 2.33
C THR A 50 8.84 3.23 3.40
N GLY A 51 8.55 2.44 4.42
CA GLY A 51 9.50 2.25 5.51
C GLY A 51 9.38 3.36 6.55
N LEU A 52 8.84 4.49 6.11
CA LEU A 52 8.67 5.63 7.00
C LEU A 52 7.52 5.34 7.97
N PRO A 53 7.42 6.20 9.02
CA PRO A 53 6.38 6.05 10.02
C PRO A 53 5.02 6.49 9.48
N PRO A 54 3.97 5.75 9.89
CA PRO A 54 2.61 6.06 9.44
C PRO A 54 2.07 7.28 10.17
N ALA A 55 2.58 7.50 11.37
CA ALA A 55 2.15 8.63 12.18
C ALA A 55 2.54 9.93 11.47
N MET A 56 3.55 9.81 10.61
CA MET A 56 4.03 10.96 9.86
C MET A 56 3.47 10.97 8.45
N GLN A 57 3.00 9.81 8.03
CA GLN A 57 2.43 9.67 6.69
C GLN A 57 1.05 10.33 6.63
N LYS A 58 0.65 10.68 5.41
CA LYS A 58 -0.63 11.31 5.21
C LYS A 58 -1.40 10.57 4.11
N VAL A 59 -2.20 9.61 4.53
CA VAL A 59 -2.98 8.82 3.59
C VAL A 59 -4.13 9.68 3.04
N MET A 60 -3.99 10.05 1.78
CA MET A 60 -5.00 10.87 1.12
C MET A 60 -5.05 10.58 -0.38
N TYR A 61 -6.21 10.13 -0.83
CA TYR A 61 -6.40 9.82 -2.23
C TYR A 61 -7.63 10.55 -2.79
N LYS A 62 -7.36 11.61 -3.54
CA LYS A 62 -8.43 12.39 -4.13
C LYS A 62 -9.54 12.61 -3.10
N GLY A 63 -9.14 12.60 -1.83
CA GLY A 63 -10.09 12.78 -0.75
C GLY A 63 -9.59 12.10 0.53
N LEU A 64 -10.00 12.68 1.65
CA LEU A 64 -9.60 12.15 2.95
C LEU A 64 -9.98 10.66 3.01
N VAL A 65 -9.08 9.88 3.59
CA VAL A 65 -9.31 8.45 3.73
C VAL A 65 -9.56 8.12 5.20
N PRO A 66 -10.84 7.76 5.50
CA PRO A 66 -11.22 7.42 6.86
C PRO A 66 -10.71 6.02 7.23
N GLU A 67 -9.94 5.98 8.31
CA GLU A 67 -9.39 4.72 8.78
C GLU A 67 -10.49 3.84 9.38
N ASP A 68 -11.68 4.42 9.45
CA ASP A 68 -12.83 3.72 10.01
C ASP A 68 -13.51 2.93 8.88
N LYS A 69 -13.24 3.35 7.66
CA LYS A 69 -13.82 2.69 6.50
C LYS A 69 -12.70 2.07 5.65
N THR A 70 -13.00 0.91 5.09
CA THR A 70 -12.03 0.21 4.26
C THR A 70 -11.96 0.85 2.88
N LEU A 71 -10.89 0.51 2.16
CA LEU A 71 -10.70 1.04 0.83
C LEU A 71 -11.95 0.80 -0.02
N ARG A 72 -12.42 -0.44 0.02
CA ARG A 72 -13.61 -0.81 -0.72
C ARG A 72 -14.83 -0.06 -0.18
N GLU A 73 -14.67 0.50 1.01
CA GLU A 73 -15.75 1.25 1.64
C GLU A 73 -15.62 2.73 1.31
N ILE A 74 -14.37 3.20 1.26
CA ILE A 74 -14.09 4.59 0.96
C ILE A 74 -14.13 4.81 -0.56
N LYS A 75 -14.52 3.75 -1.26
CA LYS A 75 -14.60 3.81 -2.71
C LYS A 75 -13.19 3.72 -3.29
N VAL A 76 -12.70 2.49 -3.39
CA VAL A 76 -11.37 2.26 -3.92
C VAL A 76 -11.42 1.12 -4.94
N THR A 77 -10.50 1.17 -5.89
CA THR A 77 -10.45 0.16 -6.93
C THR A 77 -9.02 0.06 -7.49
N SER A 78 -8.88 -0.81 -8.48
CA SER A 78 -7.58 -1.02 -9.11
C SER A 78 -7.21 0.21 -9.94
N GLY A 79 -6.20 0.93 -9.46
CA GLY A 79 -5.73 2.12 -10.14
C GLY A 79 -5.95 3.37 -9.28
N ALA A 80 -6.02 3.14 -7.97
CA ALA A 80 -6.23 4.22 -7.04
C ALA A 80 -4.86 4.71 -6.52
N LYS A 81 -4.60 5.99 -6.77
CA LYS A 81 -3.34 6.58 -6.34
C LYS A 81 -3.36 6.75 -4.82
N ILE A 82 -2.17 6.73 -4.23
CA ILE A 82 -2.04 6.89 -2.80
C ILE A 82 -0.87 7.83 -2.50
N MET A 83 -1.22 9.02 -2.05
CA MET A 83 -0.22 10.03 -1.72
C MET A 83 0.35 9.79 -0.33
N VAL A 84 1.66 9.95 -0.23
CA VAL A 84 2.35 9.76 1.04
C VAL A 84 3.16 11.01 1.38
N VAL A 85 3.42 11.19 2.66
CA VAL A 85 4.18 12.33 3.13
C VAL A 85 5.18 11.88 4.20
N GLY A 86 6.31 12.58 4.24
CA GLY A 86 7.35 12.26 5.20
C GLY A 86 8.71 12.74 4.71
N SER A 87 9.72 12.50 5.55
CA SER A 87 11.07 12.91 5.21
C SER A 87 11.30 14.38 5.59
N THR A 88 12.01 14.57 6.68
CA THR A 88 12.30 15.92 7.15
C THR A 88 13.67 15.96 7.83
N ILE A 89 14.64 16.49 7.10
CA ILE A 89 15.99 16.60 7.62
C ILE A 89 16.45 15.23 8.14
N SER A 90 16.78 14.36 7.20
CA SER A 90 17.23 13.02 7.54
C SER A 90 16.09 12.24 8.20
N GLY A 91 16.32 10.95 8.37
CA GLY A 91 15.33 10.09 8.98
C GLY A 91 15.99 8.88 9.66
N PRO A 92 15.17 8.15 10.46
CA PRO A 92 15.66 6.98 11.18
C PRO A 92 15.86 5.80 10.22
N SER A 93 16.54 4.78 10.73
CA SER A 93 16.80 3.60 9.94
C SER A 93 17.71 2.64 10.72
N SER A 94 17.08 1.76 11.47
CA SER A 94 17.81 0.78 12.27
C SER A 94 16.90 -0.39 12.63
N GLY A 95 17.46 -1.59 12.52
CA GLY A 95 16.71 -2.79 12.84
C GLY A 95 17.00 -3.27 14.26
N GLY A 1 13.92 -32.66 -19.54
CA GLY A 1 12.60 -32.37 -19.00
C GLY A 1 12.68 -31.92 -17.55
N SER A 2 11.59 -31.35 -17.07
CA SER A 2 11.53 -30.87 -15.71
C SER A 2 10.08 -30.58 -15.32
N SER A 3 9.87 -30.38 -14.02
CA SER A 3 8.54 -30.09 -13.52
C SER A 3 8.60 -29.82 -12.02
N GLY A 4 7.54 -29.20 -11.51
CA GLY A 4 7.47 -28.89 -10.09
C GLY A 4 6.39 -27.83 -9.82
N SER A 5 6.79 -26.79 -9.12
CA SER A 5 5.88 -25.70 -8.79
C SER A 5 4.76 -26.22 -7.89
N SER A 6 4.66 -25.62 -6.72
CA SER A 6 3.65 -26.00 -5.76
C SER A 6 3.57 -24.98 -4.63
N GLY A 7 2.42 -24.93 -3.98
CA GLY A 7 2.21 -24.00 -2.89
C GLY A 7 0.96 -23.16 -3.11
N ASP A 8 0.12 -23.12 -2.09
CA ASP A 8 -1.12 -22.35 -2.16
C ASP A 8 -1.83 -22.42 -0.81
N ALA A 9 -2.36 -21.28 -0.40
CA ALA A 9 -3.08 -21.19 0.87
C ALA A 9 -4.02 -19.99 0.84
N GLY A 10 -5.12 -20.11 1.58
CA GLY A 10 -6.09 -19.05 1.64
C GLY A 10 -7.52 -19.62 1.65
N GLY A 11 -8.46 -18.75 2.00
CA GLY A 11 -9.86 -19.14 2.05
C GLY A 11 -10.74 -18.02 2.60
N GLY A 12 -11.94 -18.39 2.99
CA GLY A 12 -12.88 -17.42 3.54
C GLY A 12 -13.11 -16.27 2.56
N VAL A 13 -13.26 -15.08 3.12
CA VAL A 13 -13.50 -13.89 2.32
C VAL A 13 -12.15 -13.37 1.80
N GLY A 14 -12.23 -12.60 0.72
CA GLY A 14 -11.04 -12.04 0.11
C GLY A 14 -10.89 -12.48 -1.34
N LYS A 15 -10.36 -11.59 -2.16
CA LYS A 15 -10.17 -11.87 -3.56
C LYS A 15 -8.80 -11.35 -4.00
N GLU A 16 -8.60 -11.34 -5.31
CA GLU A 16 -7.34 -10.86 -5.87
C GLU A 16 -7.09 -9.41 -5.46
N LEU A 17 -6.01 -9.23 -4.70
CA LEU A 17 -5.65 -7.90 -4.24
C LEU A 17 -5.89 -6.88 -5.36
N VAL A 18 -6.06 -5.64 -4.95
CA VAL A 18 -6.29 -4.57 -5.91
C VAL A 18 -4.98 -3.86 -6.21
N ASP A 19 -4.81 -3.50 -7.48
CA ASP A 19 -3.60 -2.82 -7.91
C ASP A 19 -3.67 -1.36 -7.48
N LEU A 20 -2.59 -0.91 -6.84
CA LEU A 20 -2.51 0.45 -6.38
C LEU A 20 -1.08 0.97 -6.56
N LYS A 21 -0.98 2.28 -6.72
CA LYS A 21 0.32 2.90 -6.91
C LYS A 21 0.65 3.74 -5.67
N ILE A 22 1.85 3.51 -5.14
CA ILE A 22 2.30 4.24 -3.96
C ILE A 22 3.13 5.45 -4.41
N ILE A 23 2.65 6.62 -4.03
CA ILE A 23 3.33 7.86 -4.38
C ILE A 23 3.82 8.54 -3.10
N TRP A 24 5.09 8.92 -3.12
CA TRP A 24 5.70 9.58 -1.98
C TRP A 24 6.94 10.34 -2.47
N ASN A 25 6.83 10.86 -3.69
CA ASN A 25 7.92 11.61 -4.27
C ASN A 25 7.65 11.79 -5.77
N LYS A 26 7.25 10.69 -6.41
CA LYS A 26 6.97 10.72 -7.83
C LYS A 26 6.94 9.29 -8.37
N THR A 27 7.82 8.46 -7.81
CA THR A 27 7.90 7.07 -8.22
C THR A 27 6.53 6.40 -8.11
N LYS A 28 6.40 5.27 -8.79
CA LYS A 28 5.15 4.52 -8.77
C LYS A 28 5.44 3.09 -8.35
N HIS A 29 5.30 2.84 -7.05
CA HIS A 29 5.54 1.51 -6.51
C HIS A 29 4.28 0.67 -6.64
N ASP A 30 4.31 -0.26 -7.60
CA ASP A 30 3.18 -1.14 -7.83
C ASP A 30 3.09 -2.16 -6.70
N VAL A 31 2.00 -2.07 -5.95
CA VAL A 31 1.78 -2.98 -4.83
C VAL A 31 0.34 -3.49 -4.89
N LYS A 32 0.19 -4.75 -4.50
CA LYS A 32 -1.13 -5.38 -4.50
C LYS A 32 -1.60 -5.55 -3.05
N VAL A 33 -2.80 -5.04 -2.80
CA VAL A 33 -3.38 -5.13 -1.47
C VAL A 33 -4.88 -5.41 -1.59
N PRO A 34 -5.42 -6.08 -0.53
CA PRO A 34 -6.83 -6.42 -0.51
C PRO A 34 -7.69 -5.19 -0.23
N LEU A 35 -8.93 -5.24 -0.72
CA LEU A 35 -9.86 -4.14 -0.52
C LEU A 35 -10.52 -4.28 0.84
N ASP A 36 -10.39 -5.46 1.41
CA ASP A 36 -10.98 -5.74 2.71
C ASP A 36 -10.15 -5.05 3.80
N SER A 37 -8.99 -4.55 3.39
CA SER A 37 -8.11 -3.86 4.31
C SER A 37 -8.75 -2.56 4.79
N THR A 38 -8.63 -2.31 6.08
CA THR A 38 -9.19 -1.11 6.67
C THR A 38 -8.38 0.12 6.24
N GLY A 39 -9.10 1.21 6.00
CA GLY A 39 -8.46 2.45 5.58
C GLY A 39 -7.22 2.72 6.42
N SER A 40 -7.22 2.19 7.63
CA SER A 40 -6.10 2.37 8.53
C SER A 40 -4.93 1.48 8.11
N GLU A 41 -5.27 0.23 7.80
CA GLU A 41 -4.27 -0.74 7.37
C GLU A 41 -3.32 -0.11 6.36
N LEU A 42 -3.90 0.71 5.49
CA LEU A 42 -3.12 1.38 4.45
C LEU A 42 -1.79 1.85 5.05
N LYS A 43 -1.90 2.53 6.18
CA LYS A 43 -0.72 3.05 6.86
C LYS A 43 0.32 1.94 6.96
N GLN A 44 -0.09 0.83 7.57
CA GLN A 44 0.79 -0.31 7.75
C GLN A 44 1.14 -0.92 6.39
N LYS A 45 0.30 -0.64 5.41
CA LYS A 45 0.51 -1.15 4.07
C LYS A 45 1.52 -0.26 3.34
N ILE A 46 1.55 1.00 3.74
CA ILE A 46 2.46 1.96 3.13
C ILE A 46 3.76 1.98 3.94
N HIS A 47 3.62 1.94 5.26
CA HIS A 47 4.76 1.96 6.14
C HIS A 47 5.63 0.73 5.88
N SER A 48 5.02 -0.27 5.27
CA SER A 48 5.72 -1.51 4.95
C SER A 48 6.65 -1.29 3.76
N ILE A 49 6.36 -0.22 3.01
CA ILE A 49 7.16 0.10 1.84
C ILE A 49 7.97 1.37 2.13
N THR A 50 7.26 2.46 2.38
CA THR A 50 7.91 3.73 2.66
C THR A 50 9.02 3.54 3.70
N GLY A 51 8.74 2.67 4.67
CA GLY A 51 9.70 2.39 5.72
C GLY A 51 9.63 3.45 6.82
N LEU A 52 8.91 4.52 6.53
CA LEU A 52 8.75 5.60 7.48
C LEU A 52 7.58 5.28 8.43
N PRO A 53 7.48 6.08 9.52
CA PRO A 53 6.43 5.89 10.49
C PRO A 53 5.08 6.40 9.96
N PRO A 54 4.00 5.70 10.40
CA PRO A 54 2.66 6.07 9.97
C PRO A 54 2.19 7.33 10.69
N ALA A 55 2.70 7.52 11.90
CA ALA A 55 2.33 8.68 12.69
C ALA A 55 2.66 9.96 11.91
N MET A 56 3.75 9.89 11.16
CA MET A 56 4.18 11.02 10.36
C MET A 56 3.86 10.80 8.88
N GLN A 57 2.74 10.14 8.65
CA GLN A 57 2.30 9.85 7.29
C GLN A 57 1.02 10.62 6.98
N LYS A 58 0.83 10.90 5.70
CA LYS A 58 -0.35 11.63 5.27
C LYS A 58 -1.06 10.83 4.17
N VAL A 59 -1.99 10.00 4.60
CA VAL A 59 -2.75 9.17 3.68
C VAL A 59 -3.97 9.95 3.18
N MET A 60 -3.94 10.27 1.90
CA MET A 60 -5.03 11.02 1.29
C MET A 60 -5.17 10.67 -0.20
N TYR A 61 -6.34 10.17 -0.55
CA TYR A 61 -6.61 9.78 -1.93
C TYR A 61 -7.89 10.45 -2.43
N LYS A 62 -7.71 11.52 -3.20
CA LYS A 62 -8.83 12.24 -3.75
C LYS A 62 -9.87 12.49 -2.65
N GLY A 63 -9.38 12.51 -1.42
CA GLY A 63 -10.24 12.74 -0.28
C GLY A 63 -9.71 12.01 0.97
N LEU A 64 -10.06 12.54 2.12
CA LEU A 64 -9.63 11.95 3.38
C LEU A 64 -10.05 10.48 3.41
N VAL A 65 -9.15 9.66 3.95
CA VAL A 65 -9.40 8.23 4.04
C VAL A 65 -9.86 7.90 5.47
N PRO A 66 -11.14 7.47 5.57
CA PRO A 66 -11.71 7.11 6.86
C PRO A 66 -11.19 5.75 7.33
N GLU A 67 -10.38 5.80 8.37
CA GLU A 67 -9.80 4.59 8.93
C GLU A 67 -10.90 3.68 9.49
N ASP A 68 -12.07 4.27 9.65
CA ASP A 68 -13.22 3.54 10.18
C ASP A 68 -13.90 2.79 9.03
N LYS A 69 -13.33 2.93 7.85
CA LYS A 69 -13.87 2.27 6.67
C LYS A 69 -12.72 1.68 5.84
N THR A 70 -13.04 0.59 5.15
CA THR A 70 -12.05 -0.08 4.34
C THR A 70 -11.96 0.58 2.95
N LEU A 71 -10.89 0.26 2.24
CA LEU A 71 -10.68 0.80 0.91
C LEU A 71 -11.98 0.67 0.10
N ARG A 72 -12.44 -0.57 0.00
CA ARG A 72 -13.66 -0.84 -0.75
C ARG A 72 -14.80 0.03 -0.24
N GLU A 73 -14.62 0.54 0.97
CA GLU A 73 -15.63 1.40 1.58
C GLU A 73 -15.31 2.86 1.33
N ILE A 74 -14.02 3.16 1.34
CA ILE A 74 -13.55 4.52 1.12
C ILE A 74 -13.64 4.84 -0.38
N LYS A 75 -14.06 3.84 -1.14
CA LYS A 75 -14.17 4.01 -2.58
C LYS A 75 -12.80 3.85 -3.22
N VAL A 76 -12.37 2.60 -3.35
CA VAL A 76 -11.08 2.31 -3.95
C VAL A 76 -11.28 1.38 -5.15
N THR A 77 -10.37 1.50 -6.11
CA THR A 77 -10.44 0.69 -7.30
C THR A 77 -9.05 0.19 -7.69
N SER A 78 -8.99 -0.54 -8.80
CA SER A 78 -7.73 -1.08 -9.28
C SER A 78 -6.99 -0.03 -10.10
N GLY A 79 -5.97 0.55 -9.49
CA GLY A 79 -5.18 1.57 -10.15
C GLY A 79 -5.31 2.92 -9.44
N ALA A 80 -5.76 2.86 -8.19
CA ALA A 80 -5.93 4.06 -7.40
C ALA A 80 -4.59 4.77 -7.24
N LYS A 81 -4.63 5.88 -6.52
CA LYS A 81 -3.42 6.65 -6.28
C LYS A 81 -3.31 6.98 -4.79
N ILE A 82 -2.10 6.86 -4.28
CA ILE A 82 -1.84 7.14 -2.87
C ILE A 82 -0.64 8.08 -2.75
N MET A 83 -0.86 9.18 -2.04
CA MET A 83 0.20 10.16 -1.84
C MET A 83 0.58 10.25 -0.36
N VAL A 84 1.83 9.93 -0.08
CA VAL A 84 2.33 9.98 1.28
C VAL A 84 3.29 11.15 1.43
N VAL A 85 3.47 11.59 2.66
CA VAL A 85 4.36 12.70 2.95
C VAL A 85 5.08 12.45 4.28
N GLY A 86 6.08 13.28 4.54
CA GLY A 86 6.85 13.16 5.76
C GLY A 86 8.18 12.45 5.50
N SER A 87 9.23 12.96 6.13
CA SER A 87 10.54 12.38 5.98
C SER A 87 11.10 11.99 7.35
N THR A 88 11.41 10.71 7.49
CA THR A 88 11.94 10.21 8.74
C THR A 88 13.02 9.16 8.47
N ILE A 89 14.24 9.47 8.91
CA ILE A 89 15.36 8.57 8.71
C ILE A 89 15.40 7.56 9.86
N SER A 90 15.00 6.33 9.53
CA SER A 90 14.98 5.27 10.52
C SER A 90 15.33 3.94 9.86
N GLY A 91 14.47 3.52 8.96
CA GLY A 91 14.68 2.27 8.25
C GLY A 91 14.86 1.11 9.22
N PRO A 92 13.74 0.38 9.47
CA PRO A 92 13.77 -0.76 10.39
C PRO A 92 14.46 -1.96 9.73
N SER A 93 15.58 -2.36 10.33
CA SER A 93 16.34 -3.49 9.82
C SER A 93 15.97 -4.75 10.60
N SER A 94 16.24 -4.71 11.90
CA SER A 94 15.94 -5.84 12.76
C SER A 94 16.80 -7.04 12.36
N GLY A 95 17.86 -7.26 13.13
CA GLY A 95 18.76 -8.37 12.87
C GLY A 95 18.89 -9.27 14.10
#